data_1QCZ
# 
_entry.id   1QCZ 
# 
_audit_conform.dict_name       mmcif_pdbx.dic 
_audit_conform.dict_version    5.398 
_audit_conform.dict_location   http://mmcif.pdb.org/dictionaries/ascii/mmcif_pdbx.dic 
# 
loop_
_database_2.database_id 
_database_2.database_code 
_database_2.pdbx_database_accession 
_database_2.pdbx_DOI 
PDB   1QCZ         pdb_00001qcz 10.2210/pdb1qcz/pdb 
RCSB  RCSB009088   ?            ?                   
WWPDB D_1000009088 ?            ?                   
# 
loop_
_pdbx_audit_revision_history.ordinal 
_pdbx_audit_revision_history.data_content_type 
_pdbx_audit_revision_history.major_revision 
_pdbx_audit_revision_history.minor_revision 
_pdbx_audit_revision_history.revision_date 
1 'Structure model' 1 0 1999-11-10 
2 'Structure model' 1 1 2008-04-27 
3 'Structure model' 1 2 2011-07-13 
4 'Structure model' 1 3 2017-10-04 
5 'Structure model' 1 4 2018-01-31 
6 'Structure model' 1 5 2024-10-30 
# 
_pdbx_audit_revision_details.ordinal             1 
_pdbx_audit_revision_details.revision_ordinal    1 
_pdbx_audit_revision_details.data_content_type   'Structure model' 
_pdbx_audit_revision_details.provider            repository 
_pdbx_audit_revision_details.type                'Initial release' 
_pdbx_audit_revision_details.description         ? 
_pdbx_audit_revision_details.details             ? 
# 
loop_
_pdbx_audit_revision_group.ordinal 
_pdbx_audit_revision_group.revision_ordinal 
_pdbx_audit_revision_group.data_content_type 
_pdbx_audit_revision_group.group 
1 2 'Structure model' 'Version format compliance' 
2 3 'Structure model' 'Derived calculations'      
3 3 'Structure model' 'Version format compliance' 
4 4 'Structure model' 'Refinement description'    
5 5 'Structure model' 'Experimental preparation'  
6 6 'Structure model' 'Data collection'           
7 6 'Structure model' 'Database references'       
8 6 'Structure model' 'Derived calculations'      
9 6 'Structure model' 'Structure summary'         
# 
loop_
_pdbx_audit_revision_category.ordinal 
_pdbx_audit_revision_category.revision_ordinal 
_pdbx_audit_revision_category.data_content_type 
_pdbx_audit_revision_category.category 
1 4 'Structure model' software                  
2 5 'Structure model' exptl_crystal_grow        
3 6 'Structure model' chem_comp_atom            
4 6 'Structure model' chem_comp_bond            
5 6 'Structure model' database_2                
6 6 'Structure model' pdbx_entry_details        
7 6 'Structure model' pdbx_modification_feature 
8 6 'Structure model' struct_conn               
9 6 'Structure model' struct_ref_seq_dif        
# 
loop_
_pdbx_audit_revision_item.ordinal 
_pdbx_audit_revision_item.revision_ordinal 
_pdbx_audit_revision_item.data_content_type 
_pdbx_audit_revision_item.item 
1 5 'Structure model' '_exptl_crystal_grow.temp'                     
2 6 'Structure model' '_database_2.pdbx_DOI'                         
3 6 'Structure model' '_database_2.pdbx_database_accession'          
4 6 'Structure model' '_pdbx_entry_details.has_protein_modification' 
5 6 'Structure model' '_struct_conn.pdbx_leaving_atom_flag'          
6 6 'Structure model' '_struct_ref_seq_dif.details'                  
# 
_pdbx_database_status.status_code                     REL 
_pdbx_database_status.entry_id                        1QCZ 
_pdbx_database_status.recvd_initial_deposition_date   1999-05-10 
_pdbx_database_status.deposit_site                    RCSB 
_pdbx_database_status.process_site                    NDB 
_pdbx_database_status.SG_entry                        . 
_pdbx_database_status.pdb_format_compatible           Y 
_pdbx_database_status.status_code_mr                  ? 
_pdbx_database_status.status_code_sf                  ? 
_pdbx_database_status.status_code_cs                  ? 
_pdbx_database_status.methods_development_category    ? 
_pdbx_database_status.status_code_nmr_data            ? 
# 
loop_
_audit_author.name 
_audit_author.pdbx_ordinal 
'Ealick, S.E.'  1 
'Mathews, I.I.' 2 
# 
loop_
_citation.id 
_citation.title 
_citation.journal_abbrev 
_citation.journal_volume 
_citation.page_first 
_citation.page_last 
_citation.year 
_citation.journal_id_ASTM 
_citation.country 
_citation.journal_id_ISSN 
_citation.journal_id_CSD 
_citation.book_publisher 
_citation.pdbx_database_id_PubMed 
_citation.pdbx_database_id_DOI 
primary 'Crystal structure of Escherichia coli PurE, an unusual mutase in the purine biosynthetic pathway.' 'Structure Fold.Des.' 
7   1395  1406 1999 FODEFH UK 0969-2126 1263 ? 10574791 '10.1016/S0969-2126(00)80029-5' 
1       
;Evidence for the Direct Transfer of the Carboxylate of N5-Carboxyaminoimidazole Ribonucleotide (N5-CAIR) to Generate 4-Carboxy-5-Aminoimidazole Ribonucleotide Catalyzed by Escherichia coli purE, an N5-CAIR Mutase
;
Biochemistry          38  3012  ?    1999 BICHAW US 0006-2960 0033 ? ?        10.1021/bi9827159               
2       
;Reactions Catalyzed by 5-Aminoimidazole Ribonucleotide Carboxylases from Escherichia coli Carboxylases from Escherichia coli and Gallus gallus: a Case for Divergent Catalytic Mechanisms
;
Biochemistry          33  11927 ?    1994 BICHAW US 0006-2960 0033 ? ?        ?                               
3       
;N5-Carboxyaminoimidazole Ribonucleotide: Evidence for a New Intermediate and Two New Enzymatic Activities in the de novo Purine Biosynthetic Pathway of Escherichia coli
;
Biochemistry          33  2269  2278 1994 BICHAW US 0006-2960 0033 ? ?        ?                               
4       
;Nucleotide Sequence Analysis of the purEK Operon Encoding 5'-Phosphoribosyl-5-Aminoimidazole Carboxylase of Escherichia coli K-12
;
J.Bacteriol.          171 205   ?    1989 JOBAAY US 0021-9193 0767 ? ?        ?                               
5       
;Identification and Sequence Analysis of Escherichia coli purE and purK Genes Encoding 5'-Phosphoribosyl-5-Amino-4-Imidazole Carboxylase for de novo Purine Biosynthesis
;
J.Bacteriol.          171 198   ?    1989 JOBAAY US 0021-9193 0767 ? ?        ?                               
# 
loop_
_citation_author.citation_id 
_citation_author.name 
_citation_author.ordinal 
_citation_author.identifier_ORCID 
primary 'Mathews, I.I.'   1  ? 
primary 'Kappock, T.J.'   2  ? 
primary 'Stubbe, J.'      3  ? 
primary 'Ealick, S.E.'    4  ? 
1       'Meyer, E.'       5  ? 
1       'Kappock, T.J.'   6  ? 
1       'Osuji, C.'       7  ? 
1       'Stubbe, J.'      8  ? 
2       'Firestine, S.M.' 9  ? 
2       'Poon, S.W.'      10 ? 
2       'Mueller, E.J.'   11 ? 
2       'Stubbe, J.'      12 ? 
2       'Davisson, V.J.'  13 ? 
3       'Mueller, E.J.'   14 ? 
3       'Meyer, E.'       15 ? 
3       'Rudolph, J.'     16 ? 
3       'Davisson, V.J.'  17 ? 
3       'Stubbe, J.'      18 ? 
4       'Tiedeman, A.A.'  19 ? 
4       'Keyhani, J.'     20 ? 
4       'Kamholz, J.'     21 ? 
4       '3D Daum, H.A.'   22 ? 
4       'Gots, J.S.'      23 ? 
4       'Smith, J.M.'     24 ? 
5       'Watanabe, W.'    25 ? 
5       'Sampei, G.'      26 ? 
5       'Aiba, A.'        27 ? 
5       'Mizobuchi, K.'   28 ? 
# 
loop_
_entity.id 
_entity.type 
_entity.src_method 
_entity.pdbx_description 
_entity.formula_weight 
_entity.pdbx_number_of_molecules 
_entity.pdbx_ec 
_entity.pdbx_mutation 
_entity.pdbx_fragment 
_entity.details 
1 polymer man 'N5-CARBOXYAMINOIMIDAZOLE RIBONUCLEOTIDE MUTASE' 17986.852 1   4.1.1.21 ? ? ? 
2 water   nat water                                            18.015    171 ?        ? ? ? 
# 
_entity_name_com.entity_id   1 
_entity_name_com.name        PURE 
# 
_entity_poly.entity_id                      1 
_entity_poly.type                           'polypeptide(L)' 
_entity_poly.nstd_linkage                   no 
_entity_poly.nstd_monomer                   yes 
_entity_poly.pdbx_seq_one_letter_code       
;MSSRNNPARVAIV(MSE)GSKSDWAT(MSE)QFAAEIFEILNVPHHVEVVSAHRTPDKLFSFAESAEENGYQVIIAGAGG
AAHLPG(MSE)IAAKTLVPVLGVPVQSAALSGVDSLYSIVQ(MSE)PRGIPVGTLAIGKAGAANAALLAAQILATHDKEL
HQRLNDWRKAQTDEVLENPDPRGAA
;
_entity_poly.pdbx_seq_one_letter_code_can   
;MSSRNNPARVAIVMGSKSDWATMQFAAEIFEILNVPHHVEVVSAHRTPDKLFSFAESAEENGYQVIIAGAGGAAHLPGMI
AAKTLVPVLGVPVQSAALSGVDSLYSIVQMPRGIPVGTLAIGKAGAANAALLAAQILATHDKELHQRLNDWRKAQTDEVL
ENPDPRGAA
;
_entity_poly.pdbx_strand_id                 A 
_entity_poly.pdbx_target_identifier         ? 
# 
_pdbx_entity_nonpoly.entity_id   2 
_pdbx_entity_nonpoly.name        water 
_pdbx_entity_nonpoly.comp_id     HOH 
# 
loop_
_entity_poly_seq.entity_id 
_entity_poly_seq.num 
_entity_poly_seq.mon_id 
_entity_poly_seq.hetero 
1 1   MET n 
1 2   SER n 
1 3   SER n 
1 4   ARG n 
1 5   ASN n 
1 6   ASN n 
1 7   PRO n 
1 8   ALA n 
1 9   ARG n 
1 10  VAL n 
1 11  ALA n 
1 12  ILE n 
1 13  VAL n 
1 14  MSE n 
1 15  GLY n 
1 16  SER n 
1 17  LYS n 
1 18  SER n 
1 19  ASP n 
1 20  TRP n 
1 21  ALA n 
1 22  THR n 
1 23  MSE n 
1 24  GLN n 
1 25  PHE n 
1 26  ALA n 
1 27  ALA n 
1 28  GLU n 
1 29  ILE n 
1 30  PHE n 
1 31  GLU n 
1 32  ILE n 
1 33  LEU n 
1 34  ASN n 
1 35  VAL n 
1 36  PRO n 
1 37  HIS n 
1 38  HIS n 
1 39  VAL n 
1 40  GLU n 
1 41  VAL n 
1 42  VAL n 
1 43  SER n 
1 44  ALA n 
1 45  HIS n 
1 46  ARG n 
1 47  THR n 
1 48  PRO n 
1 49  ASP n 
1 50  LYS n 
1 51  LEU n 
1 52  PHE n 
1 53  SER n 
1 54  PHE n 
1 55  ALA n 
1 56  GLU n 
1 57  SER n 
1 58  ALA n 
1 59  GLU n 
1 60  GLU n 
1 61  ASN n 
1 62  GLY n 
1 63  TYR n 
1 64  GLN n 
1 65  VAL n 
1 66  ILE n 
1 67  ILE n 
1 68  ALA n 
1 69  GLY n 
1 70  ALA n 
1 71  GLY n 
1 72  GLY n 
1 73  ALA n 
1 74  ALA n 
1 75  HIS n 
1 76  LEU n 
1 77  PRO n 
1 78  GLY n 
1 79  MSE n 
1 80  ILE n 
1 81  ALA n 
1 82  ALA n 
1 83  LYS n 
1 84  THR n 
1 85  LEU n 
1 86  VAL n 
1 87  PRO n 
1 88  VAL n 
1 89  LEU n 
1 90  GLY n 
1 91  VAL n 
1 92  PRO n 
1 93  VAL n 
1 94  GLN n 
1 95  SER n 
1 96  ALA n 
1 97  ALA n 
1 98  LEU n 
1 99  SER n 
1 100 GLY n 
1 101 VAL n 
1 102 ASP n 
1 103 SER n 
1 104 LEU n 
1 105 TYR n 
1 106 SER n 
1 107 ILE n 
1 108 VAL n 
1 109 GLN n 
1 110 MSE n 
1 111 PRO n 
1 112 ARG n 
1 113 GLY n 
1 114 ILE n 
1 115 PRO n 
1 116 VAL n 
1 117 GLY n 
1 118 THR n 
1 119 LEU n 
1 120 ALA n 
1 121 ILE n 
1 122 GLY n 
1 123 LYS n 
1 124 ALA n 
1 125 GLY n 
1 126 ALA n 
1 127 ALA n 
1 128 ASN n 
1 129 ALA n 
1 130 ALA n 
1 131 LEU n 
1 132 LEU n 
1 133 ALA n 
1 134 ALA n 
1 135 GLN n 
1 136 ILE n 
1 137 LEU n 
1 138 ALA n 
1 139 THR n 
1 140 HIS n 
1 141 ASP n 
1 142 LYS n 
1 143 GLU n 
1 144 LEU n 
1 145 HIS n 
1 146 GLN n 
1 147 ARG n 
1 148 LEU n 
1 149 ASN n 
1 150 ASP n 
1 151 TRP n 
1 152 ARG n 
1 153 LYS n 
1 154 ALA n 
1 155 GLN n 
1 156 THR n 
1 157 ASP n 
1 158 GLU n 
1 159 VAL n 
1 160 LEU n 
1 161 GLU n 
1 162 ASN n 
1 163 PRO n 
1 164 ASP n 
1 165 PRO n 
1 166 ARG n 
1 167 GLY n 
1 168 ALA n 
1 169 ALA n 
# 
_entity_src_gen.entity_id                          1 
_entity_src_gen.pdbx_src_id                        1 
_entity_src_gen.pdbx_alt_source_flag               sample 
_entity_src_gen.pdbx_seq_type                      ? 
_entity_src_gen.pdbx_beg_seq_num                   ? 
_entity_src_gen.pdbx_end_seq_num                   ? 
_entity_src_gen.gene_src_common_name               ? 
_entity_src_gen.gene_src_genus                     Escherichia 
_entity_src_gen.pdbx_gene_src_gene                 ? 
_entity_src_gen.gene_src_species                   ? 
_entity_src_gen.gene_src_strain                    ? 
_entity_src_gen.gene_src_tissue                    ? 
_entity_src_gen.gene_src_tissue_fraction           ? 
_entity_src_gen.gene_src_details                   ? 
_entity_src_gen.pdbx_gene_src_fragment             ? 
_entity_src_gen.pdbx_gene_src_scientific_name      'Escherichia coli' 
_entity_src_gen.pdbx_gene_src_ncbi_taxonomy_id     562 
_entity_src_gen.pdbx_gene_src_variant              ? 
_entity_src_gen.pdbx_gene_src_cell_line            ? 
_entity_src_gen.pdbx_gene_src_atcc                 ? 
_entity_src_gen.pdbx_gene_src_organ                ? 
_entity_src_gen.pdbx_gene_src_organelle            ? 
_entity_src_gen.pdbx_gene_src_cell                 ? 
_entity_src_gen.pdbx_gene_src_cellular_location    ? 
_entity_src_gen.host_org_common_name               ? 
_entity_src_gen.pdbx_host_org_scientific_name      'Escherichia coli' 
_entity_src_gen.pdbx_host_org_ncbi_taxonomy_id     562 
_entity_src_gen.host_org_genus                     Escherichia 
_entity_src_gen.pdbx_host_org_gene                 PURE 
_entity_src_gen.pdbx_host_org_organ                ? 
_entity_src_gen.host_org_species                   ? 
_entity_src_gen.pdbx_host_org_tissue               ? 
_entity_src_gen.pdbx_host_org_tissue_fraction      ? 
_entity_src_gen.pdbx_host_org_strain               'B834(DE3)' 
_entity_src_gen.pdbx_host_org_variant              ? 
_entity_src_gen.pdbx_host_org_cell_line            ? 
_entity_src_gen.pdbx_host_org_atcc                 ? 
_entity_src_gen.pdbx_host_org_culture_collection   ? 
_entity_src_gen.pdbx_host_org_cell                 ? 
_entity_src_gen.pdbx_host_org_organelle            ? 
_entity_src_gen.pdbx_host_org_cellular_location    ? 
_entity_src_gen.pdbx_host_org_vector_type          ? 
_entity_src_gen.pdbx_host_org_vector               ? 
_entity_src_gen.host_org_details                   ? 
_entity_src_gen.expression_system_id               ? 
_entity_src_gen.plasmid_name                       PNC2 
_entity_src_gen.plasmid_details                    ? 
_entity_src_gen.pdbx_description                   ? 
# 
loop_
_chem_comp.id 
_chem_comp.type 
_chem_comp.mon_nstd_flag 
_chem_comp.name 
_chem_comp.pdbx_synonyms 
_chem_comp.formula 
_chem_comp.formula_weight 
ALA 'L-peptide linking' y ALANINE          ? 'C3 H7 N O2'     89.093  
ARG 'L-peptide linking' y ARGININE         ? 'C6 H15 N4 O2 1' 175.209 
ASN 'L-peptide linking' y ASPARAGINE       ? 'C4 H8 N2 O3'    132.118 
ASP 'L-peptide linking' y 'ASPARTIC ACID'  ? 'C4 H7 N O4'     133.103 
GLN 'L-peptide linking' y GLUTAMINE        ? 'C5 H10 N2 O3'   146.144 
GLU 'L-peptide linking' y 'GLUTAMIC ACID'  ? 'C5 H9 N O4'     147.129 
GLY 'peptide linking'   y GLYCINE          ? 'C2 H5 N O2'     75.067  
HIS 'L-peptide linking' y HISTIDINE        ? 'C6 H10 N3 O2 1' 156.162 
HOH non-polymer         . WATER            ? 'H2 O'           18.015  
ILE 'L-peptide linking' y ISOLEUCINE       ? 'C6 H13 N O2'    131.173 
LEU 'L-peptide linking' y LEUCINE          ? 'C6 H13 N O2'    131.173 
LYS 'L-peptide linking' y LYSINE           ? 'C6 H15 N2 O2 1' 147.195 
MET 'L-peptide linking' y METHIONINE       ? 'C5 H11 N O2 S'  149.211 
MSE 'L-peptide linking' n SELENOMETHIONINE ? 'C5 H11 N O2 Se' 196.106 
PHE 'L-peptide linking' y PHENYLALANINE    ? 'C9 H11 N O2'    165.189 
PRO 'L-peptide linking' y PROLINE          ? 'C5 H9 N O2'     115.130 
SER 'L-peptide linking' y SERINE           ? 'C3 H7 N O3'     105.093 
THR 'L-peptide linking' y THREONINE        ? 'C4 H9 N O3'     119.119 
TRP 'L-peptide linking' y TRYPTOPHAN       ? 'C11 H12 N2 O2'  204.225 
TYR 'L-peptide linking' y TYROSINE         ? 'C9 H11 N O3'    181.189 
VAL 'L-peptide linking' y VALINE           ? 'C5 H11 N O2'    117.146 
# 
loop_
_pdbx_poly_seq_scheme.asym_id 
_pdbx_poly_seq_scheme.entity_id 
_pdbx_poly_seq_scheme.seq_id 
_pdbx_poly_seq_scheme.mon_id 
_pdbx_poly_seq_scheme.ndb_seq_num 
_pdbx_poly_seq_scheme.pdb_seq_num 
_pdbx_poly_seq_scheme.auth_seq_num 
_pdbx_poly_seq_scheme.pdb_mon_id 
_pdbx_poly_seq_scheme.auth_mon_id 
_pdbx_poly_seq_scheme.pdb_strand_id 
_pdbx_poly_seq_scheme.pdb_ins_code 
_pdbx_poly_seq_scheme.hetero 
A 1 1   MET 1   1   ?   ?   ?   A . n 
A 1 2   SER 2   2   ?   ?   ?   A . n 
A 1 3   SER 3   3   ?   ?   ?   A . n 
A 1 4   ARG 4   4   ?   ?   ?   A . n 
A 1 5   ASN 5   5   ?   ?   ?   A . n 
A 1 6   ASN 6   6   ?   ?   ?   A . n 
A 1 7   PRO 7   7   7   PRO PRO A . n 
A 1 8   ALA 8   8   8   ALA ALA A . n 
A 1 9   ARG 9   9   9   ARG ARG A . n 
A 1 10  VAL 10  10  10  VAL VAL A . n 
A 1 11  ALA 11  11  11  ALA ALA A . n 
A 1 12  ILE 12  12  12  ILE ILE A . n 
A 1 13  VAL 13  13  13  VAL VAL A . n 
A 1 14  MSE 14  14  14  MSE MSE A . n 
A 1 15  GLY 15  15  15  GLY GLY A . n 
A 1 16  SER 16  16  16  SER SER A . n 
A 1 17  LYS 17  17  17  LYS LYS A . n 
A 1 18  SER 18  18  18  SER SER A . n 
A 1 19  ASP 19  19  19  ASP ASP A . n 
A 1 20  TRP 20  20  20  TRP TRP A . n 
A 1 21  ALA 21  21  21  ALA ALA A . n 
A 1 22  THR 22  22  22  THR THR A . n 
A 1 23  MSE 23  23  23  MSE MSE A . n 
A 1 24  GLN 24  24  24  GLN GLN A . n 
A 1 25  PHE 25  25  25  PHE PHE A . n 
A 1 26  ALA 26  26  26  ALA ALA A . n 
A 1 27  ALA 27  27  27  ALA ALA A . n 
A 1 28  GLU 28  28  28  GLU GLU A . n 
A 1 29  ILE 29  29  29  ILE ILE A . n 
A 1 30  PHE 30  30  30  PHE PHE A . n 
A 1 31  GLU 31  31  31  GLU GLU A . n 
A 1 32  ILE 32  32  32  ILE ILE A . n 
A 1 33  LEU 33  33  33  LEU LEU A . n 
A 1 34  ASN 34  34  34  ASN ASN A . n 
A 1 35  VAL 35  35  35  VAL VAL A . n 
A 1 36  PRO 36  36  36  PRO PRO A . n 
A 1 37  HIS 37  37  37  HIS HIS A . n 
A 1 38  HIS 38  38  38  HIS HIS A . n 
A 1 39  VAL 39  39  39  VAL VAL A . n 
A 1 40  GLU 40  40  40  GLU GLU A . n 
A 1 41  VAL 41  41  41  VAL VAL A . n 
A 1 42  VAL 42  42  42  VAL VAL A . n 
A 1 43  SER 43  43  43  SER SER A . n 
A 1 44  ALA 44  44  44  ALA ALA A . n 
A 1 45  HIS 45  45  45  HIS HIS A . n 
A 1 46  ARG 46  46  46  ARG ARG A . n 
A 1 47  THR 47  47  47  THR THR A . n 
A 1 48  PRO 48  48  48  PRO PRO A . n 
A 1 49  ASP 49  49  49  ASP ASP A . n 
A 1 50  LYS 50  50  50  LYS LYS A . n 
A 1 51  LEU 51  51  51  LEU LEU A . n 
A 1 52  PHE 52  52  52  PHE PHE A . n 
A 1 53  SER 53  53  53  SER SER A . n 
A 1 54  PHE 54  54  54  PHE PHE A . n 
A 1 55  ALA 55  55  55  ALA ALA A . n 
A 1 56  GLU 56  56  56  GLU GLU A . n 
A 1 57  SER 57  57  57  SER SER A . n 
A 1 58  ALA 58  58  58  ALA ALA A . n 
A 1 59  GLU 59  59  59  GLU GLU A . n 
A 1 60  GLU 60  60  60  GLU GLU A . n 
A 1 61  ASN 61  61  61  ASN ASN A . n 
A 1 62  GLY 62  62  62  GLY GLY A . n 
A 1 63  TYR 63  63  63  TYR TYR A . n 
A 1 64  GLN 64  64  64  GLN GLN A . n 
A 1 65  VAL 65  65  65  VAL VAL A . n 
A 1 66  ILE 66  66  66  ILE ILE A . n 
A 1 67  ILE 67  67  67  ILE ILE A . n 
A 1 68  ALA 68  68  68  ALA ALA A . n 
A 1 69  GLY 69  69  69  GLY GLY A . n 
A 1 70  ALA 70  70  70  ALA ALA A . n 
A 1 71  GLY 71  71  71  GLY GLY A . n 
A 1 72  GLY 72  72  72  GLY GLY A . n 
A 1 73  ALA 73  73  73  ALA ALA A . n 
A 1 74  ALA 74  74  74  ALA ALA A . n 
A 1 75  HIS 75  75  75  HIS HIS A . n 
A 1 76  LEU 76  76  76  LEU LEU A . n 
A 1 77  PRO 77  77  77  PRO PRO A . n 
A 1 78  GLY 78  78  78  GLY GLY A . n 
A 1 79  MSE 79  79  79  MSE MSE A . n 
A 1 80  ILE 80  80  80  ILE ILE A . n 
A 1 81  ALA 81  81  81  ALA ALA A . n 
A 1 82  ALA 82  82  82  ALA ALA A . n 
A 1 83  LYS 83  83  83  LYS LYS A . n 
A 1 84  THR 84  84  84  THR THR A . n 
A 1 85  LEU 85  85  85  LEU LEU A . n 
A 1 86  VAL 86  86  86  VAL VAL A . n 
A 1 87  PRO 87  87  87  PRO PRO A . n 
A 1 88  VAL 88  88  88  VAL VAL A . n 
A 1 89  LEU 89  89  89  LEU LEU A . n 
A 1 90  GLY 90  90  90  GLY GLY A . n 
A 1 91  VAL 91  91  91  VAL VAL A . n 
A 1 92  PRO 92  92  92  PRO PRO A . n 
A 1 93  VAL 93  93  93  VAL VAL A . n 
A 1 94  GLN 94  94  94  GLN GLN A . n 
A 1 95  SER 95  95  95  SER SER A . n 
A 1 96  ALA 96  96  96  ALA ALA A . n 
A 1 97  ALA 97  97  97  ALA ALA A . n 
A 1 98  LEU 98  98  98  LEU LEU A . n 
A 1 99  SER 99  99  99  SER SER A . n 
A 1 100 GLY 100 100 100 GLY GLY A . n 
A 1 101 VAL 101 101 101 VAL VAL A . n 
A 1 102 ASP 102 102 102 ASP ASP A . n 
A 1 103 SER 103 103 103 SER SER A . n 
A 1 104 LEU 104 104 104 LEU LEU A . n 
A 1 105 TYR 105 105 105 TYR TYR A . n 
A 1 106 SER 106 106 106 SER SER A . n 
A 1 107 ILE 107 107 107 ILE ILE A . n 
A 1 108 VAL 108 108 108 VAL VAL A . n 
A 1 109 GLN 109 109 109 GLN GLN A . n 
A 1 110 MSE 110 110 110 MSE MSE A . n 
A 1 111 PRO 111 111 111 PRO PRO A . n 
A 1 112 ARG 112 112 112 ARG ARG A . n 
A 1 113 GLY 113 113 113 GLY GLY A . n 
A 1 114 ILE 114 114 114 ILE ILE A . n 
A 1 115 PRO 115 115 115 PRO PRO A . n 
A 1 116 VAL 116 116 116 VAL VAL A . n 
A 1 117 GLY 117 117 117 GLY GLY A . n 
A 1 118 THR 118 118 118 THR THR A . n 
A 1 119 LEU 119 119 119 LEU LEU A . n 
A 1 120 ALA 120 120 120 ALA ALA A . n 
A 1 121 ILE 121 121 121 ILE ILE A . n 
A 1 122 GLY 122 122 122 GLY GLY A . n 
A 1 123 LYS 123 123 123 LYS LYS A . n 
A 1 124 ALA 124 124 124 ALA ALA A . n 
A 1 125 GLY 125 125 125 GLY GLY A . n 
A 1 126 ALA 126 126 126 ALA ALA A . n 
A 1 127 ALA 127 127 127 ALA ALA A . n 
A 1 128 ASN 128 128 128 ASN ASN A . n 
A 1 129 ALA 129 129 129 ALA ALA A . n 
A 1 130 ALA 130 130 130 ALA ALA A . n 
A 1 131 LEU 131 131 131 LEU LEU A . n 
A 1 132 LEU 132 132 132 LEU LEU A . n 
A 1 133 ALA 133 133 133 ALA ALA A . n 
A 1 134 ALA 134 134 134 ALA ALA A . n 
A 1 135 GLN 135 135 135 GLN GLN A . n 
A 1 136 ILE 136 136 136 ILE ILE A . n 
A 1 137 LEU 137 137 137 LEU LEU A . n 
A 1 138 ALA 138 138 138 ALA ALA A . n 
A 1 139 THR 139 139 139 THR THR A . n 
A 1 140 HIS 140 140 140 HIS HIS A . n 
A 1 141 ASP 141 141 141 ASP ASP A . n 
A 1 142 LYS 142 142 142 LYS LYS A . n 
A 1 143 GLU 143 143 143 GLU GLU A . n 
A 1 144 LEU 144 144 144 LEU LEU A . n 
A 1 145 HIS 145 145 145 HIS HIS A . n 
A 1 146 GLN 146 146 146 GLN GLN A . n 
A 1 147 ARG 147 147 147 ARG ARG A . n 
A 1 148 LEU 148 148 148 LEU LEU A . n 
A 1 149 ASN 149 149 149 ASN ASN A . n 
A 1 150 ASP 150 150 150 ASP ASP A . n 
A 1 151 TRP 151 151 151 TRP TRP A . n 
A 1 152 ARG 152 152 152 ARG ARG A . n 
A 1 153 LYS 153 153 153 LYS LYS A . n 
A 1 154 ALA 154 154 154 ALA ALA A . n 
A 1 155 GLN 155 155 155 GLN GLN A . n 
A 1 156 THR 156 156 156 THR THR A . n 
A 1 157 ASP 157 157 157 ASP ASP A . n 
A 1 158 GLU 158 158 158 GLU GLU A . n 
A 1 159 VAL 159 159 159 VAL VAL A . n 
A 1 160 LEU 160 160 160 LEU LEU A . n 
A 1 161 GLU 161 161 161 GLU GLU A . n 
A 1 162 ASN 162 162 162 ASN ASN A . n 
A 1 163 PRO 163 163 163 PRO PRO A . n 
A 1 164 ASP 164 164 164 ASP ASP A . n 
A 1 165 PRO 165 165 165 PRO PRO A . n 
A 1 166 ARG 166 166 166 ARG ARG A . n 
A 1 167 GLY 167 167 167 GLY GLY A . n 
A 1 168 ALA 168 168 168 ALA ALA A . n 
A 1 169 ALA 169 169 169 ALA ALA A . n 
# 
loop_
_pdbx_nonpoly_scheme.asym_id 
_pdbx_nonpoly_scheme.entity_id 
_pdbx_nonpoly_scheme.mon_id 
_pdbx_nonpoly_scheme.ndb_seq_num 
_pdbx_nonpoly_scheme.pdb_seq_num 
_pdbx_nonpoly_scheme.auth_seq_num 
_pdbx_nonpoly_scheme.pdb_mon_id 
_pdbx_nonpoly_scheme.auth_mon_id 
_pdbx_nonpoly_scheme.pdb_strand_id 
_pdbx_nonpoly_scheme.pdb_ins_code 
B 2 HOH 1   201 201 HOH HOH A . 
B 2 HOH 2   202 202 HOH HOH A . 
B 2 HOH 3   203 203 HOH HOH A . 
B 2 HOH 4   204 204 HOH HOH A . 
B 2 HOH 5   205 205 HOH HOH A . 
B 2 HOH 6   206 206 HOH HOH A . 
B 2 HOH 7   207 207 HOH HOH A . 
B 2 HOH 8   208 208 HOH HOH A . 
B 2 HOH 9   209 209 HOH HOH A . 
B 2 HOH 10  210 210 HOH HOH A . 
B 2 HOH 11  211 211 HOH HOH A . 
B 2 HOH 12  212 212 HOH HOH A . 
B 2 HOH 13  213 213 HOH HOH A . 
B 2 HOH 14  214 214 HOH HOH A . 
B 2 HOH 15  215 215 HOH HOH A . 
B 2 HOH 16  216 216 HOH HOH A . 
B 2 HOH 17  217 217 HOH HOH A . 
B 2 HOH 18  218 218 HOH HOH A . 
B 2 HOH 19  219 219 HOH HOH A . 
B 2 HOH 20  220 220 HOH HOH A . 
B 2 HOH 21  221 221 HOH HOH A . 
B 2 HOH 22  222 222 HOH HOH A . 
B 2 HOH 23  223 223 HOH HOH A . 
B 2 HOH 24  224 224 HOH HOH A . 
B 2 HOH 25  225 225 HOH HOH A . 
B 2 HOH 26  226 226 HOH HOH A . 
B 2 HOH 27  227 227 HOH HOH A . 
B 2 HOH 28  228 228 HOH HOH A . 
B 2 HOH 29  229 229 HOH HOH A . 
B 2 HOH 30  230 230 HOH HOH A . 
B 2 HOH 31  231 231 HOH HOH A . 
B 2 HOH 32  232 232 HOH HOH A . 
B 2 HOH 33  233 233 HOH HOH A . 
B 2 HOH 34  234 234 HOH HOH A . 
B 2 HOH 35  235 235 HOH HOH A . 
B 2 HOH 36  236 236 HOH HOH A . 
B 2 HOH 37  237 237 HOH HOH A . 
B 2 HOH 38  238 238 HOH HOH A . 
B 2 HOH 39  239 239 HOH HOH A . 
B 2 HOH 40  240 240 HOH HOH A . 
B 2 HOH 41  241 241 HOH HOH A . 
B 2 HOH 42  242 242 HOH HOH A . 
B 2 HOH 43  243 243 HOH HOH A . 
B 2 HOH 44  244 244 HOH HOH A . 
B 2 HOH 45  245 245 HOH HOH A . 
B 2 HOH 46  246 246 HOH HOH A . 
B 2 HOH 47  247 247 HOH HOH A . 
B 2 HOH 48  248 248 HOH HOH A . 
B 2 HOH 49  249 249 HOH HOH A . 
B 2 HOH 50  250 250 HOH HOH A . 
B 2 HOH 51  251 251 HOH HOH A . 
B 2 HOH 52  252 252 HOH HOH A . 
B 2 HOH 53  253 253 HOH HOH A . 
B 2 HOH 54  254 254 HOH HOH A . 
B 2 HOH 55  255 255 HOH HOH A . 
B 2 HOH 56  256 256 HOH HOH A . 
B 2 HOH 57  257 257 HOH HOH A . 
B 2 HOH 58  258 258 HOH HOH A . 
B 2 HOH 59  259 259 HOH HOH A . 
B 2 HOH 60  260 260 HOH HOH A . 
B 2 HOH 61  261 261 HOH HOH A . 
B 2 HOH 62  262 262 HOH HOH A . 
B 2 HOH 63  263 263 HOH HOH A . 
B 2 HOH 64  264 264 HOH HOH A . 
B 2 HOH 65  265 265 HOH HOH A . 
B 2 HOH 66  266 266 HOH HOH A . 
B 2 HOH 67  267 267 HOH HOH A . 
B 2 HOH 68  268 268 HOH HOH A . 
B 2 HOH 69  269 269 HOH HOH A . 
B 2 HOH 70  270 270 HOH HOH A . 
B 2 HOH 71  271 271 HOH HOH A . 
B 2 HOH 72  272 272 HOH HOH A . 
B 2 HOH 73  273 273 HOH HOH A . 
B 2 HOH 74  274 274 HOH HOH A . 
B 2 HOH 75  275 275 HOH HOH A . 
B 2 HOH 76  276 276 HOH HOH A . 
B 2 HOH 77  277 277 HOH HOH A . 
B 2 HOH 78  278 278 HOH HOH A . 
B 2 HOH 79  279 279 HOH HOH A . 
B 2 HOH 80  280 280 HOH HOH A . 
B 2 HOH 81  281 281 HOH HOH A . 
B 2 HOH 82  282 282 HOH HOH A . 
B 2 HOH 83  283 283 HOH HOH A . 
B 2 HOH 84  284 284 HOH HOH A . 
B 2 HOH 85  285 285 HOH HOH A . 
B 2 HOH 86  286 286 HOH HOH A . 
B 2 HOH 87  287 287 HOH HOH A . 
B 2 HOH 88  288 288 HOH HOH A . 
B 2 HOH 89  289 289 HOH HOH A . 
B 2 HOH 90  290 290 HOH HOH A . 
B 2 HOH 91  291 291 HOH HOH A . 
B 2 HOH 92  292 292 HOH HOH A . 
B 2 HOH 93  293 293 HOH HOH A . 
B 2 HOH 94  294 294 HOH HOH A . 
B 2 HOH 95  295 295 HOH HOH A . 
B 2 HOH 96  296 296 HOH HOH A . 
B 2 HOH 97  297 297 HOH HOH A . 
B 2 HOH 98  298 298 HOH HOH A . 
B 2 HOH 99  299 299 HOH HOH A . 
B 2 HOH 100 300 300 HOH HOH A . 
B 2 HOH 101 301 301 HOH HOH A . 
B 2 HOH 102 302 302 HOH HOH A . 
B 2 HOH 103 303 303 HOH HOH A . 
B 2 HOH 104 304 304 HOH HOH A . 
B 2 HOH 105 305 305 HOH HOH A . 
B 2 HOH 106 306 306 HOH HOH A . 
B 2 HOH 107 307 307 HOH HOH A . 
B 2 HOH 108 308 308 HOH HOH A . 
B 2 HOH 109 309 309 HOH HOH A . 
B 2 HOH 110 310 310 HOH HOH A . 
B 2 HOH 111 311 311 HOH HOH A . 
B 2 HOH 112 312 312 HOH HOH A . 
B 2 HOH 113 313 313 HOH HOH A . 
B 2 HOH 114 314 314 HOH HOH A . 
B 2 HOH 115 315 315 HOH HOH A . 
B 2 HOH 116 316 316 HOH HOH A . 
B 2 HOH 117 317 317 HOH HOH A . 
B 2 HOH 118 318 318 HOH HOH A . 
B 2 HOH 119 319 319 HOH HOH A . 
B 2 HOH 120 320 320 HOH HOH A . 
B 2 HOH 121 321 321 HOH HOH A . 
B 2 HOH 122 322 322 HOH HOH A . 
B 2 HOH 123 323 323 HOH HOH A . 
B 2 HOH 124 324 324 HOH HOH A . 
B 2 HOH 125 325 325 HOH HOH A . 
B 2 HOH 126 326 326 HOH HOH A . 
B 2 HOH 127 327 327 HOH HOH A . 
B 2 HOH 128 328 328 HOH HOH A . 
B 2 HOH 129 329 329 HOH HOH A . 
B 2 HOH 130 330 330 HOH HOH A . 
B 2 HOH 131 331 331 HOH HOH A . 
B 2 HOH 132 332 332 HOH HOH A . 
B 2 HOH 133 333 333 HOH HOH A . 
B 2 HOH 134 334 334 HOH HOH A . 
B 2 HOH 135 335 335 HOH HOH A . 
B 2 HOH 136 336 336 HOH HOH A . 
B 2 HOH 137 337 337 HOH HOH A . 
B 2 HOH 138 338 338 HOH HOH A . 
B 2 HOH 139 339 339 HOH HOH A . 
B 2 HOH 140 340 340 HOH HOH A . 
B 2 HOH 141 341 341 HOH HOH A . 
B 2 HOH 142 342 342 HOH HOH A . 
B 2 HOH 143 343 343 HOH HOH A . 
B 2 HOH 144 344 344 HOH HOH A . 
B 2 HOH 145 345 345 HOH HOH A . 
B 2 HOH 146 346 346 HOH HOH A . 
B 2 HOH 147 347 347 HOH HOH A . 
B 2 HOH 148 348 348 HOH HOH A . 
B 2 HOH 149 349 349 HOH HOH A . 
B 2 HOH 150 350 350 HOH HOH A . 
B 2 HOH 151 351 351 HOH HOH A . 
B 2 HOH 152 352 352 HOH HOH A . 
B 2 HOH 153 353 353 HOH HOH A . 
B 2 HOH 154 354 354 HOH HOH A . 
B 2 HOH 155 355 355 HOH HOH A . 
B 2 HOH 156 356 356 HOH HOH A . 
B 2 HOH 157 357 357 HOH HOH A . 
B 2 HOH 158 358 358 HOH HOH A . 
B 2 HOH 159 359 359 HOH HOH A . 
B 2 HOH 160 360 360 HOH HOH A . 
B 2 HOH 161 361 361 HOH HOH A . 
B 2 HOH 162 362 362 HOH HOH A . 
B 2 HOH 163 363 363 HOH HOH A . 
B 2 HOH 164 364 364 HOH HOH A . 
B 2 HOH 165 365 365 HOH HOH A . 
B 2 HOH 166 366 366 HOH HOH A . 
B 2 HOH 167 367 367 HOH HOH A . 
B 2 HOH 168 368 368 HOH HOH A . 
B 2 HOH 169 369 369 HOH HOH A . 
B 2 HOH 170 370 370 HOH HOH A . 
B 2 HOH 171 371 371 HOH HOH A . 
# 
loop_
_pdbx_unobs_or_zero_occ_atoms.id 
_pdbx_unobs_or_zero_occ_atoms.PDB_model_num 
_pdbx_unobs_or_zero_occ_atoms.polymer_flag 
_pdbx_unobs_or_zero_occ_atoms.occupancy_flag 
_pdbx_unobs_or_zero_occ_atoms.auth_asym_id 
_pdbx_unobs_or_zero_occ_atoms.auth_comp_id 
_pdbx_unobs_or_zero_occ_atoms.auth_seq_id 
_pdbx_unobs_or_zero_occ_atoms.PDB_ins_code 
_pdbx_unobs_or_zero_occ_atoms.auth_atom_id 
_pdbx_unobs_or_zero_occ_atoms.label_alt_id 
_pdbx_unobs_or_zero_occ_atoms.label_asym_id 
_pdbx_unobs_or_zero_occ_atoms.label_comp_id 
_pdbx_unobs_or_zero_occ_atoms.label_seq_id 
_pdbx_unobs_or_zero_occ_atoms.label_atom_id 
1 1 Y 1 A PRO 7   ? CB ? A PRO 7   CB 
2 1 Y 1 A PRO 7   ? CG ? A PRO 7   CG 
3 1 Y 1 A PRO 7   ? CD ? A PRO 7   CD 
4 1 Y 1 A ALA 169 ? CA ? A ALA 169 CA 
5 1 Y 1 A ALA 169 ? C  ? A ALA 169 C  
6 1 Y 1 A ALA 169 ? O  ? A ALA 169 O  
7 1 Y 1 A ALA 169 ? CB ? A ALA 169 CB 
# 
loop_
_software.name 
_software.classification 
_software.version 
_software.citation_id 
_software.pdbx_ordinal 
SHAKE  'model building' .         ? 1 
SnB    phasing          .         ? 2 
X-PLOR refinement       3.843     ? 3 
MOSFLM 'data reduction' .         ? 4 
CCP4   'data scaling'   '(SCALA)' ? 5 
# 
_cell.entry_id           1QCZ 
_cell.length_a           113.040 
_cell.length_b           113.040 
_cell.length_c           49.410 
_cell.angle_alpha        90.00 
_cell.angle_beta         90.00 
_cell.angle_gamma        90.00 
_cell.Z_PDB              16 
_cell.pdbx_unique_axis   ? 
# 
_symmetry.entry_id                         1QCZ 
_symmetry.space_group_name_H-M             'I 4 2 2' 
_symmetry.pdbx_full_space_group_name_H-M   ? 
_symmetry.cell_setting                     ? 
_symmetry.Int_Tables_number                97 
# 
_exptl.entry_id          1QCZ 
_exptl.method            'X-RAY DIFFRACTION' 
_exptl.crystals_number   1 
# 
_exptl_crystal.id                    1 
_exptl_crystal.density_meas          ? 
_exptl_crystal.density_Matthews      2.22 
_exptl_crystal.density_percent_sol   55 
_exptl_crystal.description           ? 
# 
_exptl_crystal_grow.crystal_id      1 
_exptl_crystal_grow.method          'VAPOR DIFFUSION, HANGING DROP' 
_exptl_crystal_grow.temp            291.0 
_exptl_crystal_grow.temp_details    ? 
_exptl_crystal_grow.pH              8.00 
_exptl_crystal_grow.pdbx_details    'PEG400, TRIS.HCL, MAGNESIUM CHLORIDE, pH 8.00, VAPOR DIFFUSION, HANGING DROP, temperature 18K' 
_exptl_crystal_grow.pdbx_pH_range   . 
# 
_diffrn.id                     1 
_diffrn.ambient_temp           180 
_diffrn.ambient_temp_details   ? 
_diffrn.crystal_id             1 
# 
_diffrn_detector.diffrn_id              1 
_diffrn_detector.detector               CCD 
_diffrn_detector.type                   'ADSC QUANTUM 4' 
_diffrn_detector.pdbx_collection_date   1998-01-01 
_diffrn_detector.details                ? 
# 
_diffrn_radiation.diffrn_id                        1 
_diffrn_radiation.wavelength_id                    1 
_diffrn_radiation.pdbx_monochromatic_or_laue_m_l   M 
_diffrn_radiation.monochromator                    ? 
_diffrn_radiation.pdbx_diffrn_protocol             'SINGLE WAVELENGTH' 
_diffrn_radiation.pdbx_scattering_type             x-ray 
# 
_diffrn_radiation_wavelength.id           1 
_diffrn_radiation_wavelength.wavelength   0.918 
_diffrn_radiation_wavelength.wt           1.0 
# 
_diffrn_source.diffrn_id                   1 
_diffrn_source.source                      SYNCHROTRON 
_diffrn_source.type                        'CHESS BEAMLINE F1' 
_diffrn_source.pdbx_synchrotron_site       CHESS 
_diffrn_source.pdbx_synchrotron_beamline   F1 
_diffrn_source.pdbx_wavelength             0.918 
_diffrn_source.pdbx_wavelength_list        ? 
# 
_reflns.entry_id                     1QCZ 
_reflns.observed_criterion_sigma_I   1.0 
_reflns.observed_criterion_sigma_F   ? 
_reflns.d_resolution_low             20.0 
_reflns.d_resolution_high            1.50 
_reflns.number_obs                   25072 
_reflns.number_all                   193682 
_reflns.percent_possible_obs         97.2 
_reflns.pdbx_Rmerge_I_obs            0.0770000 
_reflns.pdbx_Rsym_value              ? 
_reflns.pdbx_netI_over_sigmaI        6.8 
_reflns.B_iso_Wilson_estimate        14.6 
_reflns.pdbx_redundancy              7.7 
_reflns.R_free_details               ? 
_reflns.limit_h_max                  ? 
_reflns.limit_h_min                  ? 
_reflns.limit_k_max                  ? 
_reflns.limit_k_min                  ? 
_reflns.limit_l_max                  ? 
_reflns.limit_l_min                  ? 
_reflns.observed_criterion_F_max     ? 
_reflns.observed_criterion_F_min     ? 
_reflns.pdbx_ordinal                 1 
_reflns.pdbx_diffrn_id               1 
# 
_reflns_shell.d_res_high             1.50 
_reflns_shell.d_res_low              1.58 
_reflns_shell.percent_possible_all   86.7 
_reflns_shell.Rmerge_I_obs           0.1720000 
_reflns_shell.pdbx_Rsym_value        ? 
_reflns_shell.meanI_over_sigI_obs    ? 
_reflns_shell.pdbx_redundancy        3.9 
_reflns_shell.percent_possible_obs   ? 
_reflns_shell.number_unique_all      ? 
_reflns_shell.pdbx_ordinal           1 
_reflns_shell.pdbx_diffrn_id         1 
# 
_refine.entry_id                                 1QCZ 
_refine.ls_number_reflns_obs                     24987 
_refine.ls_number_reflns_all                     25065 
_refine.pdbx_ls_sigma_I                          1.0 
_refine.pdbx_ls_sigma_F                          2.0 
_refine.pdbx_data_cutoff_high_absF               ? 
_refine.pdbx_data_cutoff_low_absF                ? 
_refine.pdbx_data_cutoff_high_rms_absF           ? 
_refine.ls_d_res_low                             20.0 
_refine.ls_d_res_high                            1.50 
_refine.ls_percent_reflns_obs                    99.7 
_refine.ls_R_factor_obs                          ? 
_refine.ls_R_factor_all                          0.1890000 
_refine.ls_R_factor_R_work                       0.1860000 
_refine.ls_R_factor_R_free                       0.2130000 
_refine.ls_R_factor_R_free_error                 ? 
_refine.ls_R_factor_R_free_error_details         ? 
_refine.ls_percent_reflns_R_free                 ? 
_refine.ls_number_reflns_R_free                  1252 
_refine.ls_number_parameters                     ? 
_refine.ls_number_restraints                     ? 
_refine.occupancy_min                            ? 
_refine.occupancy_max                            ? 
_refine.B_iso_mean                               14.2 
_refine.aniso_B[1][1]                            ? 
_refine.aniso_B[2][2]                            ? 
_refine.aniso_B[3][3]                            ? 
_refine.aniso_B[1][2]                            ? 
_refine.aniso_B[1][3]                            ? 
_refine.aniso_B[2][3]                            ? 
_refine.solvent_model_details                    ? 
_refine.solvent_model_param_ksol                 ? 
_refine.solvent_model_param_bsol                 ? 
_refine.pdbx_ls_cross_valid_method               ? 
_refine.details                                  ? 
_refine.pdbx_starting_model                      ? 
_refine.pdbx_method_to_determine_struct          MAD 
_refine.pdbx_isotropic_thermal_model             ? 
_refine.pdbx_stereochemistry_target_values       'ENGH & HUBER' 
_refine.pdbx_stereochem_target_val_spec_case     ? 
_refine.pdbx_R_Free_selection_details            RANDOM 
_refine.pdbx_overall_ESU_R                       ? 
_refine.pdbx_overall_ESU_R_Free                  ? 
_refine.overall_SU_ML                            ? 
_refine.overall_SU_B                             ? 
_refine.ls_redundancy_reflns_obs                 ? 
_refine.B_iso_min                                ? 
_refine.B_iso_max                                ? 
_refine.correlation_coeff_Fo_to_Fc               ? 
_refine.correlation_coeff_Fo_to_Fc_free          ? 
_refine.pdbx_solvent_vdw_probe_radii             ? 
_refine.pdbx_solvent_ion_probe_radii             ? 
_refine.pdbx_solvent_shrinkage_radii             ? 
_refine.overall_SU_R_Cruickshank_DPI             ? 
_refine.overall_SU_R_free                        ? 
_refine.pdbx_refine_id                           'X-RAY DIFFRACTION' 
_refine.pdbx_diffrn_id                           1 
_refine.pdbx_TLS_residual_ADP_flag               ? 
_refine.pdbx_overall_phase_error                 ? 
_refine.pdbx_overall_SU_R_free_Cruickshank_DPI   ? 
_refine.pdbx_overall_SU_R_Blow_DPI               ? 
_refine.pdbx_overall_SU_R_free_Blow_DPI          ? 
# 
_refine_analyze.entry_id                        1QCZ 
_refine_analyze.Luzzati_coordinate_error_obs    0.1645 
_refine_analyze.Luzzati_sigma_a_obs             ? 
_refine_analyze.Luzzati_d_res_low_obs           ? 
_refine_analyze.Luzzati_coordinate_error_free   0.1882 
_refine_analyze.Luzzati_sigma_a_free            ? 
_refine_analyze.Luzzati_d_res_low_free          ? 
_refine_analyze.number_disordered_residues      ? 
_refine_analyze.occupancy_sum_hydrogen          ? 
_refine_analyze.occupancy_sum_non_hydrogen      ? 
_refine_analyze.pdbx_Luzzati_d_res_high_obs     ? 
_refine_analyze.pdbx_refine_id                  'X-RAY DIFFRACTION' 
# 
_refine_hist.pdbx_refine_id                   'X-RAY DIFFRACTION' 
_refine_hist.cycle_id                         LAST 
_refine_hist.pdbx_number_atoms_protein        1196 
_refine_hist.pdbx_number_atoms_nucleic_acid   0 
_refine_hist.pdbx_number_atoms_ligand         0 
_refine_hist.number_atoms_solvent             171 
_refine_hist.number_atoms_total               1367 
_refine_hist.d_res_high                       1.50 
_refine_hist.d_res_low                        20.0 
# 
loop_
_refine_ls_restr.type 
_refine_ls_restr.dev_ideal 
_refine_ls_restr.dev_ideal_target 
_refine_ls_restr.weight 
_refine_ls_restr.number 
_refine_ls_restr.pdbx_refine_id 
_refine_ls_restr.pdbx_restraint_function 
x_bond_d                0.007 ?    ? ? 'X-RAY DIFFRACTION' ? 
x_bond_d_na             ?     ?    ? ? 'X-RAY DIFFRACTION' ? 
x_bond_d_prot           ?     ?    ? ? 'X-RAY DIFFRACTION' ? 
x_angle_d               ?     ?    ? ? 'X-RAY DIFFRACTION' ? 
x_angle_d_na            ?     ?    ? ? 'X-RAY DIFFRACTION' ? 
x_angle_d_prot          ?     ?    ? ? 'X-RAY DIFFRACTION' ? 
x_angle_deg             1.23  ?    ? ? 'X-RAY DIFFRACTION' ? 
x_angle_deg_na          ?     ?    ? ? 'X-RAY DIFFRACTION' ? 
x_angle_deg_prot        ?     ?    ? ? 'X-RAY DIFFRACTION' ? 
x_dihedral_angle_d      22.9  ?    ? ? 'X-RAY DIFFRACTION' ? 
x_dihedral_angle_d_na   ?     ?    ? ? 'X-RAY DIFFRACTION' ? 
x_dihedral_angle_d_prot ?     ?    ? ? 'X-RAY DIFFRACTION' ? 
x_improper_angle_d      1.21  ?    ? ? 'X-RAY DIFFRACTION' ? 
x_improper_angle_d_na   ?     ?    ? ? 'X-RAY DIFFRACTION' ? 
x_improper_angle_d_prot ?     ?    ? ? 'X-RAY DIFFRACTION' ? 
x_mcbond_it             1.36  1.50 ? ? 'X-RAY DIFFRACTION' ? 
x_mcangle_it            1.95  2.00 ? ? 'X-RAY DIFFRACTION' ? 
x_scbond_it             2.15  2.00 ? ? 'X-RAY DIFFRACTION' ? 
x_scangle_it            3.18  2.50 ? ? 'X-RAY DIFFRACTION' ? 
# 
_refine_ls_shell.pdbx_total_number_of_bins_used   8 
_refine_ls_shell.d_res_high                       1.5 
_refine_ls_shell.d_res_low                        1.57 
_refine_ls_shell.number_reflns_R_work             2499 
_refine_ls_shell.R_factor_R_work                  0.2560000 
_refine_ls_shell.percent_reflns_obs               83 
_refine_ls_shell.R_factor_R_free                  0.2620000 
_refine_ls_shell.R_factor_R_free_error            ? 
_refine_ls_shell.percent_reflns_R_free            5 
_refine_ls_shell.number_reflns_R_free             133 
_refine_ls_shell.redundancy_reflns_obs            ? 
_refine_ls_shell.number_reflns_all                ? 
_refine_ls_shell.number_reflns_obs                ? 
_refine_ls_shell.pdbx_refine_id                   'X-RAY DIFFRACTION' 
_refine_ls_shell.R_factor_all                     ? 
# 
_struct.entry_id                  1QCZ 
_struct.title                     
;CRYSTAL STRUCTURE OF E. COLI PURE, AN UNUSUAL MUTASE THAT CATALYZES THE CONVERSION OF N5-CARBOXYAMINOIMIDAZOLE RIBONUCLEOTIDE (N5-CAIR) TO 4-CARBOXYAMINOIMIDAZOLE RIBONUCLEOTIDE (CAIR) IN THE PURINE BIOSYNTHETIC PATHWAY
;
_struct.pdbx_model_details        ? 
_struct.pdbx_CASP_flag            ? 
_struct.pdbx_model_type_details   ? 
# 
_struct_keywords.entry_id        1QCZ 
_struct_keywords.pdbx_keywords   LYASE 
_struct_keywords.text            'THREE-LAYER (ALPHA-BETA-ALPHA) SANDWICH, LYASE' 
# 
loop_
_struct_asym.id 
_struct_asym.pdbx_blank_PDB_chainid_flag 
_struct_asym.pdbx_modified 
_struct_asym.entity_id 
_struct_asym.details 
A N N 1 ? 
B N N 2 ? 
# 
_struct_ref.id                         1 
_struct_ref.db_name                    UNP 
_struct_ref.db_code                    PUR6_ECOLI 
_struct_ref.entity_id                  1 
_struct_ref.pdbx_db_accession          P09028 
_struct_ref.pdbx_align_begin           ? 
_struct_ref.pdbx_seq_one_letter_code   ? 
_struct_ref.pdbx_db_isoform            ? 
# 
_struct_ref_seq.align_id                      1 
_struct_ref_seq.ref_id                        1 
_struct_ref_seq.pdbx_PDB_id_code              1QCZ 
_struct_ref_seq.pdbx_strand_id                A 
_struct_ref_seq.seq_align_beg                 1 
_struct_ref_seq.pdbx_seq_align_beg_ins_code   ? 
_struct_ref_seq.seq_align_end                 169 
_struct_ref_seq.pdbx_seq_align_end_ins_code   ? 
_struct_ref_seq.pdbx_db_accession             P09028 
_struct_ref_seq.db_align_beg                  1 
_struct_ref_seq.pdbx_db_align_beg_ins_code    ? 
_struct_ref_seq.db_align_end                  169 
_struct_ref_seq.pdbx_db_align_end_ins_code    ? 
_struct_ref_seq.pdbx_auth_seq_align_beg       1 
_struct_ref_seq.pdbx_auth_seq_align_end       169 
# 
loop_
_struct_ref_seq_dif.align_id 
_struct_ref_seq_dif.pdbx_pdb_id_code 
_struct_ref_seq_dif.mon_id 
_struct_ref_seq_dif.pdbx_pdb_strand_id 
_struct_ref_seq_dif.seq_num 
_struct_ref_seq_dif.pdbx_pdb_ins_code 
_struct_ref_seq_dif.pdbx_seq_db_name 
_struct_ref_seq_dif.pdbx_seq_db_accession_code 
_struct_ref_seq_dif.db_mon_id 
_struct_ref_seq_dif.pdbx_seq_db_seq_num 
_struct_ref_seq_dif.details 
_struct_ref_seq_dif.pdbx_auth_seq_num 
_struct_ref_seq_dif.pdbx_ordinal 
1 1QCZ MSE A 14  ? UNP P09028 MET 14  'modified residue' 14  1 
1 1QCZ MSE A 23  ? UNP P09028 MET 23  'modified residue' 23  2 
1 1QCZ MSE A 79  ? UNP P09028 MET 79  'modified residue' 79  3 
1 1QCZ MSE A 110 ? UNP P09028 MET 110 'modified residue' 110 4 
# 
_pdbx_struct_assembly.id                   1 
_pdbx_struct_assembly.details              author_and_software_defined_assembly 
_pdbx_struct_assembly.method_details       PISA,PQS 
_pdbx_struct_assembly.oligomeric_details   octameric 
_pdbx_struct_assembly.oligomeric_count     8 
# 
loop_
_pdbx_struct_assembly_prop.biol_id 
_pdbx_struct_assembly_prop.type 
_pdbx_struct_assembly_prop.value 
_pdbx_struct_assembly_prop.details 
1 'ABSA (A^2)' 32150 ? 
1 MORE         -211  ? 
1 'SSA (A^2)'  41210 ? 
# 
_pdbx_struct_assembly_gen.assembly_id       1 
_pdbx_struct_assembly_gen.oper_expression   1,2,3,4,5,6,7,8 
_pdbx_struct_assembly_gen.asym_id_list      A,B 
# 
loop_
_pdbx_struct_oper_list.id 
_pdbx_struct_oper_list.type 
_pdbx_struct_oper_list.name 
_pdbx_struct_oper_list.symmetry_operation 
_pdbx_struct_oper_list.matrix[1][1] 
_pdbx_struct_oper_list.matrix[1][2] 
_pdbx_struct_oper_list.matrix[1][3] 
_pdbx_struct_oper_list.vector[1] 
_pdbx_struct_oper_list.matrix[2][1] 
_pdbx_struct_oper_list.matrix[2][2] 
_pdbx_struct_oper_list.matrix[2][3] 
_pdbx_struct_oper_list.vector[2] 
_pdbx_struct_oper_list.matrix[3][1] 
_pdbx_struct_oper_list.matrix[3][2] 
_pdbx_struct_oper_list.matrix[3][3] 
_pdbx_struct_oper_list.vector[3] 
1 'identity operation'         1_555 x,y,z      1.0000000000  0.0000000000  0.0000000000  0.0000000000  0.0000000000  1.0000000000  0.0000000000  0.0000000000  0.0000000000  0.0000000000  1.0000000000  0.0000000000  
2 'crystal symmetry operation' 2_555 -x,-y,z    -0.7728524016 0.0270242937  -0.6340101362 38.8055432441 0.0270242937  -0.9967848551 -0.0754297042 26.4151997519 -0.6340101362 -0.0754297042 0.7696372567  15.0288418504 
3 'crystal symmetry operation' 3_555 -y,x,z     0.1135737992  0.9541601301  -0.2769105240 6.6777821539  -0.9271358363 0.0016075725  -0.3747219725 33.9911912285 -0.3570996123 0.2992922683  0.8848186283  3.8413110074  
4 'crystal symmetry operation' 4_555 y,-x,z     0.1135737992  -0.9271358363 -0.3570996123 32.1277610902 0.9541601301  0.0016075725  0.2992922683  -7.5759914766 -0.2769105240 -0.3747219725 0.8848186283  11.1875308430 
5 'crystal symmetry operation' 5_554 -x,y,-z-1  0.0086134731  0.9162940029  0.4004136715  -1.6859643114 0.9162940029  -0.1675753674 0.3637633798  -5.7825577681 0.4004136715  0.3637633798  -0.8410381057 17.4794464400 
6 'crystal symmetry operation' 6_554 x,-y,-z-1  -0.2357610715 -0.9433182967 0.2335964648  28.8701290526 -0.9433182967 0.1643602224  -0.2883336756 30.8151342892 0.2335964648  -0.2883336756 -0.9285991510 29.9867701415 
7 'crystal symmetry operation' 7_554 y,x,-z-1   -0.9915383087 0.1295323576  0.0085528180  31.0555927040 0.1295323576  0.9828933825  0.1309273345  -3.9625041107 0.0085528180  0.1309273345  -0.9913550738 29.2873833799 
8 'crystal symmetry operation' 8_554 -y,-x,-z-1 0.7643907103  -0.1565566513 0.6254573182  -3.8714279628 -0.1565566513 -0.9861085275 -0.0554976303 28.9950806317 0.6254573182  -0.0554976303 -0.7782821829 18.1788332016 
# 
_struct_biol.id                    1 
_struct_biol.details               
'The biological assembly is a octamer which is generated from chain A by the 4-fold and 2-fold symmetry' 
_struct_biol.pdbx_parent_biol_id   ? 
# 
loop_
_struct_conf.conf_type_id 
_struct_conf.id 
_struct_conf.pdbx_PDB_helix_id 
_struct_conf.beg_label_comp_id 
_struct_conf.beg_label_asym_id 
_struct_conf.beg_label_seq_id 
_struct_conf.pdbx_beg_PDB_ins_code 
_struct_conf.end_label_comp_id 
_struct_conf.end_label_asym_id 
_struct_conf.end_label_seq_id 
_struct_conf.pdbx_end_PDB_ins_code 
_struct_conf.beg_auth_comp_id 
_struct_conf.beg_auth_asym_id 
_struct_conf.beg_auth_seq_id 
_struct_conf.end_auth_comp_id 
_struct_conf.end_auth_asym_id 
_struct_conf.end_auth_seq_id 
_struct_conf.pdbx_PDB_helix_class 
_struct_conf.details 
_struct_conf.pdbx_PDB_helix_length 
HELX_P HELX_P1 1 SER A 16  ? SER A 18  ? SER A 16  SER A 18  5 ? 3  
HELX_P HELX_P2 2 ASP A 19  ? ASN A 34  ? ASP A 19  ASN A 34  1 ? 16 
HELX_P HELX_P3 3 THR A 47  ? ALA A 58  ? THR A 47  ALA A 58  1 ? 12 
HELX_P HELX_P4 4 HIS A 75  ? LYS A 83  ? HIS A 75  LYS A 83  1 ? 9  
HELX_P HELX_P5 5 GLY A 100 ? GLN A 109 ? GLY A 100 GLN A 109 1 ? 10 
HELX_P HELX_P6 6 GLY A 122 ? THR A 139 ? GLY A 122 THR A 139 1 ? 18 
HELX_P HELX_P7 7 ASP A 141 ? GLU A 161 ? ASP A 141 GLU A 161 1 ? 21 
# 
_struct_conf_type.id          HELX_P 
_struct_conf_type.criteria    ? 
_struct_conf_type.reference   ? 
# 
loop_
_struct_conn.id 
_struct_conn.conn_type_id 
_struct_conn.pdbx_leaving_atom_flag 
_struct_conn.pdbx_PDB_id 
_struct_conn.ptnr1_label_asym_id 
_struct_conn.ptnr1_label_comp_id 
_struct_conn.ptnr1_label_seq_id 
_struct_conn.ptnr1_label_atom_id 
_struct_conn.pdbx_ptnr1_label_alt_id 
_struct_conn.pdbx_ptnr1_PDB_ins_code 
_struct_conn.pdbx_ptnr1_standard_comp_id 
_struct_conn.ptnr1_symmetry 
_struct_conn.ptnr2_label_asym_id 
_struct_conn.ptnr2_label_comp_id 
_struct_conn.ptnr2_label_seq_id 
_struct_conn.ptnr2_label_atom_id 
_struct_conn.pdbx_ptnr2_label_alt_id 
_struct_conn.pdbx_ptnr2_PDB_ins_code 
_struct_conn.ptnr1_auth_asym_id 
_struct_conn.ptnr1_auth_comp_id 
_struct_conn.ptnr1_auth_seq_id 
_struct_conn.ptnr2_auth_asym_id 
_struct_conn.ptnr2_auth_comp_id 
_struct_conn.ptnr2_auth_seq_id 
_struct_conn.ptnr2_symmetry 
_struct_conn.pdbx_ptnr3_label_atom_id 
_struct_conn.pdbx_ptnr3_label_seq_id 
_struct_conn.pdbx_ptnr3_label_comp_id 
_struct_conn.pdbx_ptnr3_label_asym_id 
_struct_conn.pdbx_ptnr3_label_alt_id 
_struct_conn.pdbx_ptnr3_PDB_ins_code 
_struct_conn.details 
_struct_conn.pdbx_dist_value 
_struct_conn.pdbx_value_order 
_struct_conn.pdbx_role 
covale1 covale both ? A VAL 13  C ? ? ? 1_555 A MSE 14  N ? ? A VAL 13  A MSE 14  1_555 ? ? ? ? ? ? ? 1.326 ? ? 
covale2 covale both ? A MSE 14  C ? ? ? 1_555 A GLY 15  N ? ? A MSE 14  A GLY 15  1_555 ? ? ? ? ? ? ? 1.328 ? ? 
covale3 covale both ? A THR 22  C ? ? ? 1_555 A MSE 23  N ? ? A THR 22  A MSE 23  1_555 ? ? ? ? ? ? ? 1.332 ? ? 
covale4 covale both ? A MSE 23  C ? ? ? 1_555 A GLN 24  N ? ? A MSE 23  A GLN 24  1_555 ? ? ? ? ? ? ? 1.333 ? ? 
covale5 covale both ? A GLY 78  C ? ? ? 1_555 A MSE 79  N ? ? A GLY 78  A MSE 79  1_555 ? ? ? ? ? ? ? 1.328 ? ? 
covale6 covale both ? A MSE 79  C ? ? ? 1_555 A ILE 80  N ? ? A MSE 79  A ILE 80  1_555 ? ? ? ? ? ? ? 1.337 ? ? 
covale7 covale both ? A GLN 109 C ? ? ? 1_555 A MSE 110 N ? ? A GLN 109 A MSE 110 1_555 ? ? ? ? ? ? ? 1.330 ? ? 
covale8 covale both ? A MSE 110 C ? ? ? 1_555 A PRO 111 N ? ? A MSE 110 A PRO 111 1_555 ? ? ? ? ? ? ? 1.347 ? ? 
# 
_struct_conn_type.id          covale 
_struct_conn_type.criteria    ? 
_struct_conn_type.reference   ? 
# 
loop_
_pdbx_modification_feature.ordinal 
_pdbx_modification_feature.label_comp_id 
_pdbx_modification_feature.label_asym_id 
_pdbx_modification_feature.label_seq_id 
_pdbx_modification_feature.label_alt_id 
_pdbx_modification_feature.modified_residue_label_comp_id 
_pdbx_modification_feature.modified_residue_label_asym_id 
_pdbx_modification_feature.modified_residue_label_seq_id 
_pdbx_modification_feature.modified_residue_label_alt_id 
_pdbx_modification_feature.auth_comp_id 
_pdbx_modification_feature.auth_asym_id 
_pdbx_modification_feature.auth_seq_id 
_pdbx_modification_feature.PDB_ins_code 
_pdbx_modification_feature.symmetry 
_pdbx_modification_feature.modified_residue_auth_comp_id 
_pdbx_modification_feature.modified_residue_auth_asym_id 
_pdbx_modification_feature.modified_residue_auth_seq_id 
_pdbx_modification_feature.modified_residue_PDB_ins_code 
_pdbx_modification_feature.modified_residue_symmetry 
_pdbx_modification_feature.comp_id_linking_atom 
_pdbx_modification_feature.modified_residue_id_linking_atom 
_pdbx_modification_feature.modified_residue_id 
_pdbx_modification_feature.ref_pcm_id 
_pdbx_modification_feature.ref_comp_id 
_pdbx_modification_feature.type 
_pdbx_modification_feature.category 
1 MSE A 14  ? . . . . MSE A 14  ? 1_555 . . . . . . . MET 1 MSE Selenomethionine 'Named protein modification' 
2 MSE A 23  ? . . . . MSE A 23  ? 1_555 . . . . . . . MET 1 MSE Selenomethionine 'Named protein modification' 
3 MSE A 79  ? . . . . MSE A 79  ? 1_555 . . . . . . . MET 1 MSE Selenomethionine 'Named protein modification' 
4 MSE A 110 ? . . . . MSE A 110 ? 1_555 . . . . . . . MET 1 MSE Selenomethionine 'Named protein modification' 
# 
_struct_sheet.id               A 
_struct_sheet.type             ? 
_struct_sheet.number_strands   5 
_struct_sheet.details          ? 
# 
loop_
_struct_sheet_order.sheet_id 
_struct_sheet_order.range_id_1 
_struct_sheet_order.range_id_2 
_struct_sheet_order.offset 
_struct_sheet_order.sense 
A 1 2 ? parallel 
A 2 3 ? parallel 
A 3 4 ? parallel 
A 4 5 ? parallel 
# 
loop_
_struct_sheet_range.sheet_id 
_struct_sheet_range.id 
_struct_sheet_range.beg_label_comp_id 
_struct_sheet_range.beg_label_asym_id 
_struct_sheet_range.beg_label_seq_id 
_struct_sheet_range.pdbx_beg_PDB_ins_code 
_struct_sheet_range.end_label_comp_id 
_struct_sheet_range.end_label_asym_id 
_struct_sheet_range.end_label_seq_id 
_struct_sheet_range.pdbx_end_PDB_ins_code 
_struct_sheet_range.beg_auth_comp_id 
_struct_sheet_range.beg_auth_asym_id 
_struct_sheet_range.beg_auth_seq_id 
_struct_sheet_range.end_auth_comp_id 
_struct_sheet_range.end_auth_asym_id 
_struct_sheet_range.end_auth_seq_id 
A 1 HIS A 37  ? VAL A 41  ? HIS A 37  VAL A 41  
A 2 VAL A 10  ? MSE A 14  ? VAL A 10  MSE A 14  
A 3 VAL A 65  ? ALA A 70  ? VAL A 65  ALA A 70  
A 4 VAL A 88  ? PRO A 92  ? VAL A 88  PRO A 92  
A 5 GLY A 117 ? THR A 118 ? GLY A 117 THR A 118 
# 
loop_
_pdbx_struct_sheet_hbond.sheet_id 
_pdbx_struct_sheet_hbond.range_id_1 
_pdbx_struct_sheet_hbond.range_id_2 
_pdbx_struct_sheet_hbond.range_1_label_atom_id 
_pdbx_struct_sheet_hbond.range_1_label_comp_id 
_pdbx_struct_sheet_hbond.range_1_label_asym_id 
_pdbx_struct_sheet_hbond.range_1_label_seq_id 
_pdbx_struct_sheet_hbond.range_1_PDB_ins_code 
_pdbx_struct_sheet_hbond.range_1_auth_atom_id 
_pdbx_struct_sheet_hbond.range_1_auth_comp_id 
_pdbx_struct_sheet_hbond.range_1_auth_asym_id 
_pdbx_struct_sheet_hbond.range_1_auth_seq_id 
_pdbx_struct_sheet_hbond.range_2_label_atom_id 
_pdbx_struct_sheet_hbond.range_2_label_comp_id 
_pdbx_struct_sheet_hbond.range_2_label_asym_id 
_pdbx_struct_sheet_hbond.range_2_label_seq_id 
_pdbx_struct_sheet_hbond.range_2_PDB_ins_code 
_pdbx_struct_sheet_hbond.range_2_auth_atom_id 
_pdbx_struct_sheet_hbond.range_2_auth_comp_id 
_pdbx_struct_sheet_hbond.range_2_auth_asym_id 
_pdbx_struct_sheet_hbond.range_2_auth_seq_id 
A 1 2 N HIS A 38 ? N HIS A 38 O VAL A 10  ? O VAL A 10  
A 2 3 N ALA A 11 ? N ALA A 11 O VAL A 65  ? O VAL A 65  
A 3 4 O ILE A 66 ? O ILE A 66 N LEU A 89  ? N LEU A 89  
A 4 5 O VAL A 88 ? O VAL A 88 N GLY A 117 ? N GLY A 117 
# 
_pdbx_entry_details.entry_id                   1QCZ 
_pdbx_entry_details.compound_details           
;THE SUBSTRATE SPECIFICITY OF E. COLI PURE FOR N5-CAIR
DIFFERS FROM VERTEBRATE PURE (AIR CARBOXYLASE, 
EC 4.1.1.21), WHICH CONVERTS CARBON DIOXIDE AND 
5-AMINOIMIDAZOLE RIBONUCLEOTIDE (AIR) INTO 
4-CARBOXY-5-AMINOIMIDAZOLE RIBONUCLEOTIDE (CAIR).
DETAILS ARE GIVEN IN REFERENCES 1, 2, AND 3.  PLANTS,
YEASTS, AND PROKARYOTES CONTAIN A SEPAATE ENZYME, PURK
(PDB CODE 1B6R), REQUIRED FOR THE PRODUCTION OF N5-CAIR.
E. COLI PURE AND PURK ARE NOT SUBUNITS OF A SINGLE AIR
CARBOXYLASE ENZYME.
;
_pdbx_entry_details.source_details             ? 
_pdbx_entry_details.nonpolymer_details         ? 
_pdbx_entry_details.sequence_details           ? 
_pdbx_entry_details.has_ligand_of_interest     ? 
_pdbx_entry_details.has_protein_modification   Y 
# 
_pdbx_validate_torsion.id              1 
_pdbx_validate_torsion.PDB_model_num   1 
_pdbx_validate_torsion.auth_comp_id    GLN 
_pdbx_validate_torsion.auth_asym_id    A 
_pdbx_validate_torsion.auth_seq_id     109 
_pdbx_validate_torsion.PDB_ins_code    ? 
_pdbx_validate_torsion.label_alt_id    ? 
_pdbx_validate_torsion.phi             -79.14 
_pdbx_validate_torsion.psi             27.62 
# 
loop_
_pdbx_struct_mod_residue.id 
_pdbx_struct_mod_residue.label_asym_id 
_pdbx_struct_mod_residue.label_comp_id 
_pdbx_struct_mod_residue.label_seq_id 
_pdbx_struct_mod_residue.auth_asym_id 
_pdbx_struct_mod_residue.auth_comp_id 
_pdbx_struct_mod_residue.auth_seq_id 
_pdbx_struct_mod_residue.PDB_ins_code 
_pdbx_struct_mod_residue.parent_comp_id 
_pdbx_struct_mod_residue.details 
1 A MSE 14  A MSE 14  ? MET SELENOMETHIONINE 
2 A MSE 23  A MSE 23  ? MET SELENOMETHIONINE 
3 A MSE 79  A MSE 79  ? MET SELENOMETHIONINE 
4 A MSE 110 A MSE 110 ? MET SELENOMETHIONINE 
# 
loop_
_pdbx_struct_special_symmetry.id 
_pdbx_struct_special_symmetry.PDB_model_num 
_pdbx_struct_special_symmetry.auth_asym_id 
_pdbx_struct_special_symmetry.auth_comp_id 
_pdbx_struct_special_symmetry.auth_seq_id 
_pdbx_struct_special_symmetry.PDB_ins_code 
_pdbx_struct_special_symmetry.label_asym_id 
_pdbx_struct_special_symmetry.label_comp_id 
_pdbx_struct_special_symmetry.label_seq_id 
1 1 A HOH 366 ? B HOH . 
2 1 A HOH 367 ? B HOH . 
3 1 A HOH 368 ? B HOH . 
4 1 A HOH 369 ? B HOH . 
5 1 A HOH 370 ? B HOH . 
6 1 A HOH 371 ? B HOH . 
# 
loop_
_pdbx_unobs_or_zero_occ_residues.id 
_pdbx_unobs_or_zero_occ_residues.PDB_model_num 
_pdbx_unobs_or_zero_occ_residues.polymer_flag 
_pdbx_unobs_or_zero_occ_residues.occupancy_flag 
_pdbx_unobs_or_zero_occ_residues.auth_asym_id 
_pdbx_unobs_or_zero_occ_residues.auth_comp_id 
_pdbx_unobs_or_zero_occ_residues.auth_seq_id 
_pdbx_unobs_or_zero_occ_residues.PDB_ins_code 
_pdbx_unobs_or_zero_occ_residues.label_asym_id 
_pdbx_unobs_or_zero_occ_residues.label_comp_id 
_pdbx_unobs_or_zero_occ_residues.label_seq_id 
1 1 Y 1 A MET 1 ? A MET 1 
2 1 Y 1 A SER 2 ? A SER 2 
3 1 Y 1 A SER 3 ? A SER 3 
4 1 Y 1 A ARG 4 ? A ARG 4 
5 1 Y 1 A ASN 5 ? A ASN 5 
6 1 Y 1 A ASN 6 ? A ASN 6 
# 
loop_
_chem_comp_atom.comp_id 
_chem_comp_atom.atom_id 
_chem_comp_atom.type_symbol 
_chem_comp_atom.pdbx_aromatic_flag 
_chem_comp_atom.pdbx_stereo_config 
_chem_comp_atom.pdbx_ordinal 
ALA N    N  N N 1   
ALA CA   C  N S 2   
ALA C    C  N N 3   
ALA O    O  N N 4   
ALA CB   C  N N 5   
ALA OXT  O  N N 6   
ALA H    H  N N 7   
ALA H2   H  N N 8   
ALA HA   H  N N 9   
ALA HB1  H  N N 10  
ALA HB2  H  N N 11  
ALA HB3  H  N N 12  
ALA HXT  H  N N 13  
ARG N    N  N N 14  
ARG CA   C  N S 15  
ARG C    C  N N 16  
ARG O    O  N N 17  
ARG CB   C  N N 18  
ARG CG   C  N N 19  
ARG CD   C  N N 20  
ARG NE   N  N N 21  
ARG CZ   C  N N 22  
ARG NH1  N  N N 23  
ARG NH2  N  N N 24  
ARG OXT  O  N N 25  
ARG H    H  N N 26  
ARG H2   H  N N 27  
ARG HA   H  N N 28  
ARG HB2  H  N N 29  
ARG HB3  H  N N 30  
ARG HG2  H  N N 31  
ARG HG3  H  N N 32  
ARG HD2  H  N N 33  
ARG HD3  H  N N 34  
ARG HE   H  N N 35  
ARG HH11 H  N N 36  
ARG HH12 H  N N 37  
ARG HH21 H  N N 38  
ARG HH22 H  N N 39  
ARG HXT  H  N N 40  
ASN N    N  N N 41  
ASN CA   C  N S 42  
ASN C    C  N N 43  
ASN O    O  N N 44  
ASN CB   C  N N 45  
ASN CG   C  N N 46  
ASN OD1  O  N N 47  
ASN ND2  N  N N 48  
ASN OXT  O  N N 49  
ASN H    H  N N 50  
ASN H2   H  N N 51  
ASN HA   H  N N 52  
ASN HB2  H  N N 53  
ASN HB3  H  N N 54  
ASN HD21 H  N N 55  
ASN HD22 H  N N 56  
ASN HXT  H  N N 57  
ASP N    N  N N 58  
ASP CA   C  N S 59  
ASP C    C  N N 60  
ASP O    O  N N 61  
ASP CB   C  N N 62  
ASP CG   C  N N 63  
ASP OD1  O  N N 64  
ASP OD2  O  N N 65  
ASP OXT  O  N N 66  
ASP H    H  N N 67  
ASP H2   H  N N 68  
ASP HA   H  N N 69  
ASP HB2  H  N N 70  
ASP HB3  H  N N 71  
ASP HD2  H  N N 72  
ASP HXT  H  N N 73  
GLN N    N  N N 74  
GLN CA   C  N S 75  
GLN C    C  N N 76  
GLN O    O  N N 77  
GLN CB   C  N N 78  
GLN CG   C  N N 79  
GLN CD   C  N N 80  
GLN OE1  O  N N 81  
GLN NE2  N  N N 82  
GLN OXT  O  N N 83  
GLN H    H  N N 84  
GLN H2   H  N N 85  
GLN HA   H  N N 86  
GLN HB2  H  N N 87  
GLN HB3  H  N N 88  
GLN HG2  H  N N 89  
GLN HG3  H  N N 90  
GLN HE21 H  N N 91  
GLN HE22 H  N N 92  
GLN HXT  H  N N 93  
GLU N    N  N N 94  
GLU CA   C  N S 95  
GLU C    C  N N 96  
GLU O    O  N N 97  
GLU CB   C  N N 98  
GLU CG   C  N N 99  
GLU CD   C  N N 100 
GLU OE1  O  N N 101 
GLU OE2  O  N N 102 
GLU OXT  O  N N 103 
GLU H    H  N N 104 
GLU H2   H  N N 105 
GLU HA   H  N N 106 
GLU HB2  H  N N 107 
GLU HB3  H  N N 108 
GLU HG2  H  N N 109 
GLU HG3  H  N N 110 
GLU HE2  H  N N 111 
GLU HXT  H  N N 112 
GLY N    N  N N 113 
GLY CA   C  N N 114 
GLY C    C  N N 115 
GLY O    O  N N 116 
GLY OXT  O  N N 117 
GLY H    H  N N 118 
GLY H2   H  N N 119 
GLY HA2  H  N N 120 
GLY HA3  H  N N 121 
GLY HXT  H  N N 122 
HIS N    N  N N 123 
HIS CA   C  N S 124 
HIS C    C  N N 125 
HIS O    O  N N 126 
HIS CB   C  N N 127 
HIS CG   C  Y N 128 
HIS ND1  N  Y N 129 
HIS CD2  C  Y N 130 
HIS CE1  C  Y N 131 
HIS NE2  N  Y N 132 
HIS OXT  O  N N 133 
HIS H    H  N N 134 
HIS H2   H  N N 135 
HIS HA   H  N N 136 
HIS HB2  H  N N 137 
HIS HB3  H  N N 138 
HIS HD1  H  N N 139 
HIS HD2  H  N N 140 
HIS HE1  H  N N 141 
HIS HE2  H  N N 142 
HIS HXT  H  N N 143 
HOH O    O  N N 144 
HOH H1   H  N N 145 
HOH H2   H  N N 146 
ILE N    N  N N 147 
ILE CA   C  N S 148 
ILE C    C  N N 149 
ILE O    O  N N 150 
ILE CB   C  N S 151 
ILE CG1  C  N N 152 
ILE CG2  C  N N 153 
ILE CD1  C  N N 154 
ILE OXT  O  N N 155 
ILE H    H  N N 156 
ILE H2   H  N N 157 
ILE HA   H  N N 158 
ILE HB   H  N N 159 
ILE HG12 H  N N 160 
ILE HG13 H  N N 161 
ILE HG21 H  N N 162 
ILE HG22 H  N N 163 
ILE HG23 H  N N 164 
ILE HD11 H  N N 165 
ILE HD12 H  N N 166 
ILE HD13 H  N N 167 
ILE HXT  H  N N 168 
LEU N    N  N N 169 
LEU CA   C  N S 170 
LEU C    C  N N 171 
LEU O    O  N N 172 
LEU CB   C  N N 173 
LEU CG   C  N N 174 
LEU CD1  C  N N 175 
LEU CD2  C  N N 176 
LEU OXT  O  N N 177 
LEU H    H  N N 178 
LEU H2   H  N N 179 
LEU HA   H  N N 180 
LEU HB2  H  N N 181 
LEU HB3  H  N N 182 
LEU HG   H  N N 183 
LEU HD11 H  N N 184 
LEU HD12 H  N N 185 
LEU HD13 H  N N 186 
LEU HD21 H  N N 187 
LEU HD22 H  N N 188 
LEU HD23 H  N N 189 
LEU HXT  H  N N 190 
LYS N    N  N N 191 
LYS CA   C  N S 192 
LYS C    C  N N 193 
LYS O    O  N N 194 
LYS CB   C  N N 195 
LYS CG   C  N N 196 
LYS CD   C  N N 197 
LYS CE   C  N N 198 
LYS NZ   N  N N 199 
LYS OXT  O  N N 200 
LYS H    H  N N 201 
LYS H2   H  N N 202 
LYS HA   H  N N 203 
LYS HB2  H  N N 204 
LYS HB3  H  N N 205 
LYS HG2  H  N N 206 
LYS HG3  H  N N 207 
LYS HD2  H  N N 208 
LYS HD3  H  N N 209 
LYS HE2  H  N N 210 
LYS HE3  H  N N 211 
LYS HZ1  H  N N 212 
LYS HZ2  H  N N 213 
LYS HZ3  H  N N 214 
LYS HXT  H  N N 215 
MET N    N  N N 216 
MET CA   C  N S 217 
MET C    C  N N 218 
MET O    O  N N 219 
MET CB   C  N N 220 
MET CG   C  N N 221 
MET SD   S  N N 222 
MET CE   C  N N 223 
MET OXT  O  N N 224 
MET H    H  N N 225 
MET H2   H  N N 226 
MET HA   H  N N 227 
MET HB2  H  N N 228 
MET HB3  H  N N 229 
MET HG2  H  N N 230 
MET HG3  H  N N 231 
MET HE1  H  N N 232 
MET HE2  H  N N 233 
MET HE3  H  N N 234 
MET HXT  H  N N 235 
MSE N    N  N N 236 
MSE CA   C  N S 237 
MSE C    C  N N 238 
MSE O    O  N N 239 
MSE OXT  O  N N 240 
MSE CB   C  N N 241 
MSE CG   C  N N 242 
MSE SE   SE N N 243 
MSE CE   C  N N 244 
MSE H    H  N N 245 
MSE H2   H  N N 246 
MSE HA   H  N N 247 
MSE HXT  H  N N 248 
MSE HB2  H  N N 249 
MSE HB3  H  N N 250 
MSE HG2  H  N N 251 
MSE HG3  H  N N 252 
MSE HE1  H  N N 253 
MSE HE2  H  N N 254 
MSE HE3  H  N N 255 
PHE N    N  N N 256 
PHE CA   C  N S 257 
PHE C    C  N N 258 
PHE O    O  N N 259 
PHE CB   C  N N 260 
PHE CG   C  Y N 261 
PHE CD1  C  Y N 262 
PHE CD2  C  Y N 263 
PHE CE1  C  Y N 264 
PHE CE2  C  Y N 265 
PHE CZ   C  Y N 266 
PHE OXT  O  N N 267 
PHE H    H  N N 268 
PHE H2   H  N N 269 
PHE HA   H  N N 270 
PHE HB2  H  N N 271 
PHE HB3  H  N N 272 
PHE HD1  H  N N 273 
PHE HD2  H  N N 274 
PHE HE1  H  N N 275 
PHE HE2  H  N N 276 
PHE HZ   H  N N 277 
PHE HXT  H  N N 278 
PRO N    N  N N 279 
PRO CA   C  N S 280 
PRO C    C  N N 281 
PRO O    O  N N 282 
PRO CB   C  N N 283 
PRO CG   C  N N 284 
PRO CD   C  N N 285 
PRO OXT  O  N N 286 
PRO H    H  N N 287 
PRO HA   H  N N 288 
PRO HB2  H  N N 289 
PRO HB3  H  N N 290 
PRO HG2  H  N N 291 
PRO HG3  H  N N 292 
PRO HD2  H  N N 293 
PRO HD3  H  N N 294 
PRO HXT  H  N N 295 
SER N    N  N N 296 
SER CA   C  N S 297 
SER C    C  N N 298 
SER O    O  N N 299 
SER CB   C  N N 300 
SER OG   O  N N 301 
SER OXT  O  N N 302 
SER H    H  N N 303 
SER H2   H  N N 304 
SER HA   H  N N 305 
SER HB2  H  N N 306 
SER HB3  H  N N 307 
SER HG   H  N N 308 
SER HXT  H  N N 309 
THR N    N  N N 310 
THR CA   C  N S 311 
THR C    C  N N 312 
THR O    O  N N 313 
THR CB   C  N R 314 
THR OG1  O  N N 315 
THR CG2  C  N N 316 
THR OXT  O  N N 317 
THR H    H  N N 318 
THR H2   H  N N 319 
THR HA   H  N N 320 
THR HB   H  N N 321 
THR HG1  H  N N 322 
THR HG21 H  N N 323 
THR HG22 H  N N 324 
THR HG23 H  N N 325 
THR HXT  H  N N 326 
TRP N    N  N N 327 
TRP CA   C  N S 328 
TRP C    C  N N 329 
TRP O    O  N N 330 
TRP CB   C  N N 331 
TRP CG   C  Y N 332 
TRP CD1  C  Y N 333 
TRP CD2  C  Y N 334 
TRP NE1  N  Y N 335 
TRP CE2  C  Y N 336 
TRP CE3  C  Y N 337 
TRP CZ2  C  Y N 338 
TRP CZ3  C  Y N 339 
TRP CH2  C  Y N 340 
TRP OXT  O  N N 341 
TRP H    H  N N 342 
TRP H2   H  N N 343 
TRP HA   H  N N 344 
TRP HB2  H  N N 345 
TRP HB3  H  N N 346 
TRP HD1  H  N N 347 
TRP HE1  H  N N 348 
TRP HE3  H  N N 349 
TRP HZ2  H  N N 350 
TRP HZ3  H  N N 351 
TRP HH2  H  N N 352 
TRP HXT  H  N N 353 
TYR N    N  N N 354 
TYR CA   C  N S 355 
TYR C    C  N N 356 
TYR O    O  N N 357 
TYR CB   C  N N 358 
TYR CG   C  Y N 359 
TYR CD1  C  Y N 360 
TYR CD2  C  Y N 361 
TYR CE1  C  Y N 362 
TYR CE2  C  Y N 363 
TYR CZ   C  Y N 364 
TYR OH   O  N N 365 
TYR OXT  O  N N 366 
TYR H    H  N N 367 
TYR H2   H  N N 368 
TYR HA   H  N N 369 
TYR HB2  H  N N 370 
TYR HB3  H  N N 371 
TYR HD1  H  N N 372 
TYR HD2  H  N N 373 
TYR HE1  H  N N 374 
TYR HE2  H  N N 375 
TYR HH   H  N N 376 
TYR HXT  H  N N 377 
VAL N    N  N N 378 
VAL CA   C  N S 379 
VAL C    C  N N 380 
VAL O    O  N N 381 
VAL CB   C  N N 382 
VAL CG1  C  N N 383 
VAL CG2  C  N N 384 
VAL OXT  O  N N 385 
VAL H    H  N N 386 
VAL H2   H  N N 387 
VAL HA   H  N N 388 
VAL HB   H  N N 389 
VAL HG11 H  N N 390 
VAL HG12 H  N N 391 
VAL HG13 H  N N 392 
VAL HG21 H  N N 393 
VAL HG22 H  N N 394 
VAL HG23 H  N N 395 
VAL HXT  H  N N 396 
# 
loop_
_chem_comp_bond.comp_id 
_chem_comp_bond.atom_id_1 
_chem_comp_bond.atom_id_2 
_chem_comp_bond.value_order 
_chem_comp_bond.pdbx_aromatic_flag 
_chem_comp_bond.pdbx_stereo_config 
_chem_comp_bond.pdbx_ordinal 
ALA N   CA   sing N N 1   
ALA N   H    sing N N 2   
ALA N   H2   sing N N 3   
ALA CA  C    sing N N 4   
ALA CA  CB   sing N N 5   
ALA CA  HA   sing N N 6   
ALA C   O    doub N N 7   
ALA C   OXT  sing N N 8   
ALA CB  HB1  sing N N 9   
ALA CB  HB2  sing N N 10  
ALA CB  HB3  sing N N 11  
ALA OXT HXT  sing N N 12  
ARG N   CA   sing N N 13  
ARG N   H    sing N N 14  
ARG N   H2   sing N N 15  
ARG CA  C    sing N N 16  
ARG CA  CB   sing N N 17  
ARG CA  HA   sing N N 18  
ARG C   O    doub N N 19  
ARG C   OXT  sing N N 20  
ARG CB  CG   sing N N 21  
ARG CB  HB2  sing N N 22  
ARG CB  HB3  sing N N 23  
ARG CG  CD   sing N N 24  
ARG CG  HG2  sing N N 25  
ARG CG  HG3  sing N N 26  
ARG CD  NE   sing N N 27  
ARG CD  HD2  sing N N 28  
ARG CD  HD3  sing N N 29  
ARG NE  CZ   sing N N 30  
ARG NE  HE   sing N N 31  
ARG CZ  NH1  sing N N 32  
ARG CZ  NH2  doub N N 33  
ARG NH1 HH11 sing N N 34  
ARG NH1 HH12 sing N N 35  
ARG NH2 HH21 sing N N 36  
ARG NH2 HH22 sing N N 37  
ARG OXT HXT  sing N N 38  
ASN N   CA   sing N N 39  
ASN N   H    sing N N 40  
ASN N   H2   sing N N 41  
ASN CA  C    sing N N 42  
ASN CA  CB   sing N N 43  
ASN CA  HA   sing N N 44  
ASN C   O    doub N N 45  
ASN C   OXT  sing N N 46  
ASN CB  CG   sing N N 47  
ASN CB  HB2  sing N N 48  
ASN CB  HB3  sing N N 49  
ASN CG  OD1  doub N N 50  
ASN CG  ND2  sing N N 51  
ASN ND2 HD21 sing N N 52  
ASN ND2 HD22 sing N N 53  
ASN OXT HXT  sing N N 54  
ASP N   CA   sing N N 55  
ASP N   H    sing N N 56  
ASP N   H2   sing N N 57  
ASP CA  C    sing N N 58  
ASP CA  CB   sing N N 59  
ASP CA  HA   sing N N 60  
ASP C   O    doub N N 61  
ASP C   OXT  sing N N 62  
ASP CB  CG   sing N N 63  
ASP CB  HB2  sing N N 64  
ASP CB  HB3  sing N N 65  
ASP CG  OD1  doub N N 66  
ASP CG  OD2  sing N N 67  
ASP OD2 HD2  sing N N 68  
ASP OXT HXT  sing N N 69  
GLN N   CA   sing N N 70  
GLN N   H    sing N N 71  
GLN N   H2   sing N N 72  
GLN CA  C    sing N N 73  
GLN CA  CB   sing N N 74  
GLN CA  HA   sing N N 75  
GLN C   O    doub N N 76  
GLN C   OXT  sing N N 77  
GLN CB  CG   sing N N 78  
GLN CB  HB2  sing N N 79  
GLN CB  HB3  sing N N 80  
GLN CG  CD   sing N N 81  
GLN CG  HG2  sing N N 82  
GLN CG  HG3  sing N N 83  
GLN CD  OE1  doub N N 84  
GLN CD  NE2  sing N N 85  
GLN NE2 HE21 sing N N 86  
GLN NE2 HE22 sing N N 87  
GLN OXT HXT  sing N N 88  
GLU N   CA   sing N N 89  
GLU N   H    sing N N 90  
GLU N   H2   sing N N 91  
GLU CA  C    sing N N 92  
GLU CA  CB   sing N N 93  
GLU CA  HA   sing N N 94  
GLU C   O    doub N N 95  
GLU C   OXT  sing N N 96  
GLU CB  CG   sing N N 97  
GLU CB  HB2  sing N N 98  
GLU CB  HB3  sing N N 99  
GLU CG  CD   sing N N 100 
GLU CG  HG2  sing N N 101 
GLU CG  HG3  sing N N 102 
GLU CD  OE1  doub N N 103 
GLU CD  OE2  sing N N 104 
GLU OE2 HE2  sing N N 105 
GLU OXT HXT  sing N N 106 
GLY N   CA   sing N N 107 
GLY N   H    sing N N 108 
GLY N   H2   sing N N 109 
GLY CA  C    sing N N 110 
GLY CA  HA2  sing N N 111 
GLY CA  HA3  sing N N 112 
GLY C   O    doub N N 113 
GLY C   OXT  sing N N 114 
GLY OXT HXT  sing N N 115 
HIS N   CA   sing N N 116 
HIS N   H    sing N N 117 
HIS N   H2   sing N N 118 
HIS CA  C    sing N N 119 
HIS CA  CB   sing N N 120 
HIS CA  HA   sing N N 121 
HIS C   O    doub N N 122 
HIS C   OXT  sing N N 123 
HIS CB  CG   sing N N 124 
HIS CB  HB2  sing N N 125 
HIS CB  HB3  sing N N 126 
HIS CG  ND1  sing Y N 127 
HIS CG  CD2  doub Y N 128 
HIS ND1 CE1  doub Y N 129 
HIS ND1 HD1  sing N N 130 
HIS CD2 NE2  sing Y N 131 
HIS CD2 HD2  sing N N 132 
HIS CE1 NE2  sing Y N 133 
HIS CE1 HE1  sing N N 134 
HIS NE2 HE2  sing N N 135 
HIS OXT HXT  sing N N 136 
HOH O   H1   sing N N 137 
HOH O   H2   sing N N 138 
ILE N   CA   sing N N 139 
ILE N   H    sing N N 140 
ILE N   H2   sing N N 141 
ILE CA  C    sing N N 142 
ILE CA  CB   sing N N 143 
ILE CA  HA   sing N N 144 
ILE C   O    doub N N 145 
ILE C   OXT  sing N N 146 
ILE CB  CG1  sing N N 147 
ILE CB  CG2  sing N N 148 
ILE CB  HB   sing N N 149 
ILE CG1 CD1  sing N N 150 
ILE CG1 HG12 sing N N 151 
ILE CG1 HG13 sing N N 152 
ILE CG2 HG21 sing N N 153 
ILE CG2 HG22 sing N N 154 
ILE CG2 HG23 sing N N 155 
ILE CD1 HD11 sing N N 156 
ILE CD1 HD12 sing N N 157 
ILE CD1 HD13 sing N N 158 
ILE OXT HXT  sing N N 159 
LEU N   CA   sing N N 160 
LEU N   H    sing N N 161 
LEU N   H2   sing N N 162 
LEU CA  C    sing N N 163 
LEU CA  CB   sing N N 164 
LEU CA  HA   sing N N 165 
LEU C   O    doub N N 166 
LEU C   OXT  sing N N 167 
LEU CB  CG   sing N N 168 
LEU CB  HB2  sing N N 169 
LEU CB  HB3  sing N N 170 
LEU CG  CD1  sing N N 171 
LEU CG  CD2  sing N N 172 
LEU CG  HG   sing N N 173 
LEU CD1 HD11 sing N N 174 
LEU CD1 HD12 sing N N 175 
LEU CD1 HD13 sing N N 176 
LEU CD2 HD21 sing N N 177 
LEU CD2 HD22 sing N N 178 
LEU CD2 HD23 sing N N 179 
LEU OXT HXT  sing N N 180 
LYS N   CA   sing N N 181 
LYS N   H    sing N N 182 
LYS N   H2   sing N N 183 
LYS CA  C    sing N N 184 
LYS CA  CB   sing N N 185 
LYS CA  HA   sing N N 186 
LYS C   O    doub N N 187 
LYS C   OXT  sing N N 188 
LYS CB  CG   sing N N 189 
LYS CB  HB2  sing N N 190 
LYS CB  HB3  sing N N 191 
LYS CG  CD   sing N N 192 
LYS CG  HG2  sing N N 193 
LYS CG  HG3  sing N N 194 
LYS CD  CE   sing N N 195 
LYS CD  HD2  sing N N 196 
LYS CD  HD3  sing N N 197 
LYS CE  NZ   sing N N 198 
LYS CE  HE2  sing N N 199 
LYS CE  HE3  sing N N 200 
LYS NZ  HZ1  sing N N 201 
LYS NZ  HZ2  sing N N 202 
LYS NZ  HZ3  sing N N 203 
LYS OXT HXT  sing N N 204 
MET N   CA   sing N N 205 
MET N   H    sing N N 206 
MET N   H2   sing N N 207 
MET CA  C    sing N N 208 
MET CA  CB   sing N N 209 
MET CA  HA   sing N N 210 
MET C   O    doub N N 211 
MET C   OXT  sing N N 212 
MET CB  CG   sing N N 213 
MET CB  HB2  sing N N 214 
MET CB  HB3  sing N N 215 
MET CG  SD   sing N N 216 
MET CG  HG2  sing N N 217 
MET CG  HG3  sing N N 218 
MET SD  CE   sing N N 219 
MET CE  HE1  sing N N 220 
MET CE  HE2  sing N N 221 
MET CE  HE3  sing N N 222 
MET OXT HXT  sing N N 223 
MSE N   CA   sing N N 224 
MSE N   H    sing N N 225 
MSE N   H2   sing N N 226 
MSE CA  C    sing N N 227 
MSE CA  CB   sing N N 228 
MSE CA  HA   sing N N 229 
MSE C   O    doub N N 230 
MSE C   OXT  sing N N 231 
MSE OXT HXT  sing N N 232 
MSE CB  CG   sing N N 233 
MSE CB  HB2  sing N N 234 
MSE CB  HB3  sing N N 235 
MSE CG  SE   sing N N 236 
MSE CG  HG2  sing N N 237 
MSE CG  HG3  sing N N 238 
MSE SE  CE   sing N N 239 
MSE CE  HE1  sing N N 240 
MSE CE  HE2  sing N N 241 
MSE CE  HE3  sing N N 242 
PHE N   CA   sing N N 243 
PHE N   H    sing N N 244 
PHE N   H2   sing N N 245 
PHE CA  C    sing N N 246 
PHE CA  CB   sing N N 247 
PHE CA  HA   sing N N 248 
PHE C   O    doub N N 249 
PHE C   OXT  sing N N 250 
PHE CB  CG   sing N N 251 
PHE CB  HB2  sing N N 252 
PHE CB  HB3  sing N N 253 
PHE CG  CD1  doub Y N 254 
PHE CG  CD2  sing Y N 255 
PHE CD1 CE1  sing Y N 256 
PHE CD1 HD1  sing N N 257 
PHE CD2 CE2  doub Y N 258 
PHE CD2 HD2  sing N N 259 
PHE CE1 CZ   doub Y N 260 
PHE CE1 HE1  sing N N 261 
PHE CE2 CZ   sing Y N 262 
PHE CE2 HE2  sing N N 263 
PHE CZ  HZ   sing N N 264 
PHE OXT HXT  sing N N 265 
PRO N   CA   sing N N 266 
PRO N   CD   sing N N 267 
PRO N   H    sing N N 268 
PRO CA  C    sing N N 269 
PRO CA  CB   sing N N 270 
PRO CA  HA   sing N N 271 
PRO C   O    doub N N 272 
PRO C   OXT  sing N N 273 
PRO CB  CG   sing N N 274 
PRO CB  HB2  sing N N 275 
PRO CB  HB3  sing N N 276 
PRO CG  CD   sing N N 277 
PRO CG  HG2  sing N N 278 
PRO CG  HG3  sing N N 279 
PRO CD  HD2  sing N N 280 
PRO CD  HD3  sing N N 281 
PRO OXT HXT  sing N N 282 
SER N   CA   sing N N 283 
SER N   H    sing N N 284 
SER N   H2   sing N N 285 
SER CA  C    sing N N 286 
SER CA  CB   sing N N 287 
SER CA  HA   sing N N 288 
SER C   O    doub N N 289 
SER C   OXT  sing N N 290 
SER CB  OG   sing N N 291 
SER CB  HB2  sing N N 292 
SER CB  HB3  sing N N 293 
SER OG  HG   sing N N 294 
SER OXT HXT  sing N N 295 
THR N   CA   sing N N 296 
THR N   H    sing N N 297 
THR N   H2   sing N N 298 
THR CA  C    sing N N 299 
THR CA  CB   sing N N 300 
THR CA  HA   sing N N 301 
THR C   O    doub N N 302 
THR C   OXT  sing N N 303 
THR CB  OG1  sing N N 304 
THR CB  CG2  sing N N 305 
THR CB  HB   sing N N 306 
THR OG1 HG1  sing N N 307 
THR CG2 HG21 sing N N 308 
THR CG2 HG22 sing N N 309 
THR CG2 HG23 sing N N 310 
THR OXT HXT  sing N N 311 
TRP N   CA   sing N N 312 
TRP N   H    sing N N 313 
TRP N   H2   sing N N 314 
TRP CA  C    sing N N 315 
TRP CA  CB   sing N N 316 
TRP CA  HA   sing N N 317 
TRP C   O    doub N N 318 
TRP C   OXT  sing N N 319 
TRP CB  CG   sing N N 320 
TRP CB  HB2  sing N N 321 
TRP CB  HB3  sing N N 322 
TRP CG  CD1  doub Y N 323 
TRP CG  CD2  sing Y N 324 
TRP CD1 NE1  sing Y N 325 
TRP CD1 HD1  sing N N 326 
TRP CD2 CE2  doub Y N 327 
TRP CD2 CE3  sing Y N 328 
TRP NE1 CE2  sing Y N 329 
TRP NE1 HE1  sing N N 330 
TRP CE2 CZ2  sing Y N 331 
TRP CE3 CZ3  doub Y N 332 
TRP CE3 HE3  sing N N 333 
TRP CZ2 CH2  doub Y N 334 
TRP CZ2 HZ2  sing N N 335 
TRP CZ3 CH2  sing Y N 336 
TRP CZ3 HZ3  sing N N 337 
TRP CH2 HH2  sing N N 338 
TRP OXT HXT  sing N N 339 
TYR N   CA   sing N N 340 
TYR N   H    sing N N 341 
TYR N   H2   sing N N 342 
TYR CA  C    sing N N 343 
TYR CA  CB   sing N N 344 
TYR CA  HA   sing N N 345 
TYR C   O    doub N N 346 
TYR C   OXT  sing N N 347 
TYR CB  CG   sing N N 348 
TYR CB  HB2  sing N N 349 
TYR CB  HB3  sing N N 350 
TYR CG  CD1  doub Y N 351 
TYR CG  CD2  sing Y N 352 
TYR CD1 CE1  sing Y N 353 
TYR CD1 HD1  sing N N 354 
TYR CD2 CE2  doub Y N 355 
TYR CD2 HD2  sing N N 356 
TYR CE1 CZ   doub Y N 357 
TYR CE1 HE1  sing N N 358 
TYR CE2 CZ   sing Y N 359 
TYR CE2 HE2  sing N N 360 
TYR CZ  OH   sing N N 361 
TYR OH  HH   sing N N 362 
TYR OXT HXT  sing N N 363 
VAL N   CA   sing N N 364 
VAL N   H    sing N N 365 
VAL N   H2   sing N N 366 
VAL CA  C    sing N N 367 
VAL CA  CB   sing N N 368 
VAL CA  HA   sing N N 369 
VAL C   O    doub N N 370 
VAL C   OXT  sing N N 371 
VAL CB  CG1  sing N N 372 
VAL CB  CG2  sing N N 373 
VAL CB  HB   sing N N 374 
VAL CG1 HG11 sing N N 375 
VAL CG1 HG12 sing N N 376 
VAL CG1 HG13 sing N N 377 
VAL CG2 HG21 sing N N 378 
VAL CG2 HG22 sing N N 379 
VAL CG2 HG23 sing N N 380 
VAL OXT HXT  sing N N 381 
# 
_atom_sites.entry_id                    1QCZ 
_atom_sites.fract_transf_matrix[1][1]   -0.00546823 
_atom_sites.fract_transf_matrix[1][2]   0.00674956 
_atom_sites.fract_transf_matrix[1][3]   -0.00167141 
_atom_sites.fract_transf_matrix[2][1]   0.00628195 
_atom_sites.fract_transf_matrix[2][2]   0.00570695 
_atom_sites.fract_transf_matrix[2][3]   0.00249390 
_atom_sites.fract_transf_matrix[3][1]   0.00682069 
_atom_sites.fract_transf_matrix[3][2]   0.00081147 
_atom_sites.fract_transf_matrix[3][3]   -0.01903777 
_atom_sites.fract_transf_vector[1]      0.029513 
_atom_sites.fract_transf_vector[2]      -0.216003 
_atom_sites.fract_transf_vector[3]      -0.325524 
# 
loop_
_atom_type.symbol 
C  
N  
O  
SE 
# 
loop_
_atom_site.group_PDB 
_atom_site.id 
_atom_site.type_symbol 
_atom_site.label_atom_id 
_atom_site.label_alt_id 
_atom_site.label_comp_id 
_atom_site.label_asym_id 
_atom_site.label_entity_id 
_atom_site.label_seq_id 
_atom_site.pdbx_PDB_ins_code 
_atom_site.Cartn_x 
_atom_site.Cartn_y 
_atom_site.Cartn_z 
_atom_site.occupancy 
_atom_site.B_iso_or_equiv 
_atom_site.pdbx_formal_charge 
_atom_site.auth_seq_id 
_atom_site.auth_comp_id 
_atom_site.auth_asym_id 
_atom_site.auth_atom_id 
_atom_site.pdbx_PDB_model_num 
ATOM   1    N  N   . PRO A 1 7   ? -13.301 -8.698  -10.336 1.00 24.07 ? 7   PRO A N   1 
ATOM   2    C  CA  . PRO A 1 7   ? -13.643 -7.540  -9.453  1.00 24.40 ? 7   PRO A CA  1 
ATOM   3    C  C   . PRO A 1 7   ? -12.457 -7.098  -8.613  1.00 23.68 ? 7   PRO A C   1 
ATOM   4    O  O   . PRO A 1 7   ? -11.856 -7.912  -7.905  1.00 24.61 ? 7   PRO A O   1 
ATOM   5    N  N   . ALA A 1 8   ? -12.110 -5.816  -8.703  1.00 22.06 ? 8   ALA A N   1 
ATOM   6    C  CA  . ALA A 1 8   ? -10.988 -5.261  -7.946  1.00 19.49 ? 8   ALA A CA  1 
ATOM   7    C  C   . ALA A 1 8   ? -11.303 -5.176  -6.458  1.00 18.52 ? 8   ALA A C   1 
ATOM   8    O  O   . ALA A 1 8   ? -12.168 -4.405  -6.038  1.00 18.93 ? 8   ALA A O   1 
ATOM   9    C  CB  . ALA A 1 8   ? -10.623 -3.886  -8.481  1.00 19.19 ? 8   ALA A CB  1 
ATOM   10   N  N   . ARG A 1 9   ? -10.594 -5.972  -5.664  1.00 16.86 ? 9   ARG A N   1 
ATOM   11   C  CA  . ARG A 1 9   ? -10.795 -5.994  -4.218  1.00 16.77 ? 9   ARG A CA  1 
ATOM   12   C  C   . ARG A 1 9   ? -9.833  -5.067  -3.467  1.00 14.94 ? 9   ARG A C   1 
ATOM   13   O  O   . ARG A 1 9   ? -9.924  -4.929  -2.247  1.00 14.88 ? 9   ARG A O   1 
ATOM   14   C  CB  . ARG A 1 9   ? -10.669 -7.422  -3.687  1.00 18.67 ? 9   ARG A CB  1 
ATOM   15   C  CG  . ARG A 1 9   ? -11.695 -8.393  -4.268  1.00 21.52 ? 9   ARG A CG  1 
ATOM   16   C  CD  . ARG A 1 9   ? -11.533 -9.773  -3.655  1.00 26.62 ? 9   ARG A CD  1 
ATOM   17   N  NE  . ARG A 1 9   ? -12.403 -10.787 -4.257  1.00 31.36 ? 9   ARG A NE  1 
ATOM   18   C  CZ  . ARG A 1 9   ? -13.735 -10.755 -4.255  1.00 33.53 ? 9   ARG A CZ  1 
ATOM   19   N  NH1 . ARG A 1 9   ? -14.392 -9.748  -3.683  1.00 33.74 ? 9   ARG A NH1 1 
ATOM   20   N  NH2 . ARG A 1 9   ? -14.416 -11.746 -4.815  1.00 35.37 ? 9   ARG A NH2 1 
ATOM   21   N  N   . VAL A 1 10  ? -8.911  -4.442  -4.195  1.00 13.60 ? 10  VAL A N   1 
ATOM   22   C  CA  . VAL A 1 10  ? -7.945  -3.525  -3.593  1.00 13.24 ? 10  VAL A CA  1 
ATOM   23   C  C   . VAL A 1 10  ? -7.788  -2.244  -4.412  1.00 11.42 ? 10  VAL A C   1 
ATOM   24   O  O   . VAL A 1 10  ? -7.836  -2.266  -5.640  1.00 11.43 ? 10  VAL A O   1 
ATOM   25   C  CB  . VAL A 1 10  ? -6.557  -4.201  -3.375  1.00 13.35 ? 10  VAL A CB  1 
ATOM   26   C  CG1 . VAL A 1 10  ? -6.017  -4.763  -4.679  1.00 16.03 ? 10  VAL A CG1 1 
ATOM   27   C  CG2 . VAL A 1 10  ? -5.571  -3.203  -2.774  1.00 13.73 ? 10  VAL A CG2 1 
ATOM   28   N  N   . ALA A 1 11  ? -7.663  -1.121  -3.711  1.00 10.66 ? 11  ALA A N   1 
ATOM   29   C  CA  . ALA A 1 11  ? -7.487  0.175   -4.346  1.00 10.38 ? 11  ALA A CA  1 
ATOM   30   C  C   . ALA A 1 11  ? -6.189  0.813   -3.872  1.00 10.92 ? 11  ALA A C   1 
ATOM   31   O  O   . ALA A 1 11  ? -5.889  0.816   -2.678  1.00 11.29 ? 11  ALA A O   1 
ATOM   32   C  CB  . ALA A 1 11  ? -8.666  1.091   -4.029  1.00 10.04 ? 11  ALA A CB  1 
ATOM   33   N  N   . ILE A 1 12  ? -5.402  1.307   -4.822  1.00 9.52  ? 12  ILE A N   1 
ATOM   34   C  CA  . ILE A 1 12  ? -4.146  1.974   -4.523  1.00 9.63  ? 12  ILE A CA  1 
ATOM   35   C  C   . ILE A 1 12  ? -4.375  3.461   -4.788  1.00 10.47 ? 12  ILE A C   1 
ATOM   36   O  O   . ILE A 1 12  ? -4.700  3.847   -5.910  1.00 10.69 ? 12  ILE A O   1 
ATOM   37   C  CB  . ILE A 1 12  ? -3.005  1.459   -5.431  1.00 10.45 ? 12  ILE A CB  1 
ATOM   38   C  CG1 . ILE A 1 12  ? -2.819  -0.048  -5.238  1.00 9.89  ? 12  ILE A CG1 1 
ATOM   39   C  CG2 . ILE A 1 12  ? -1.699  2.193   -5.116  1.00 10.89 ? 12  ILE A CG2 1 
ATOM   40   C  CD1 . ILE A 1 12  ? -1.790  -0.650  -6.173  1.00 10.76 ? 12  ILE A CD1 1 
ATOM   41   N  N   . VAL A 1 13  ? -4.291  4.277   -3.738  1.00 9.88  ? 13  VAL A N   1 
ATOM   42   C  CA  . VAL A 1 13  ? -4.472  5.723   -3.873  1.00 10.36 ? 13  VAL A CA  1 
ATOM   43   C  C   . VAL A 1 13  ? -3.234  6.475   -3.388  1.00 9.87  ? 13  VAL A C   1 
ATOM   44   O  O   . VAL A 1 13  ? -2.451  5.962   -2.587  1.00 9.27  ? 13  VAL A O   1 
ATOM   45   C  CB  . VAL A 1 13  ? -5.743  6.237   -3.131  1.00 10.58 ? 13  VAL A CB  1 
ATOM   46   C  CG1 . VAL A 1 13  ? -7.003  5.657   -3.779  1.00 12.33 ? 13  VAL A CG1 1 
ATOM   47   C  CG2 . VAL A 1 13  ? -5.698  5.877   -1.659  1.00 10.23 ? 13  VAL A CG2 1 
HETATM 48   N  N   . MSE A 1 14  ? -3.036  7.675   -3.916  1.00 10.05 ? 14  MSE A N   1 
HETATM 49   C  CA  . MSE A 1 14  ? -1.885  8.488   -3.553  1.00 10.58 ? 14  MSE A CA  1 
HETATM 50   C  C   . MSE A 1 14  ? -2.258  9.956   -3.608  1.00 11.18 ? 14  MSE A C   1 
HETATM 51   O  O   . MSE A 1 14  ? -3.170  10.345  -4.341  1.00 11.46 ? 14  MSE A O   1 
HETATM 52   C  CB  . MSE A 1 14  ? -0.702  8.207   -4.494  1.00 11.10 ? 14  MSE A CB  1 
HETATM 53   C  CG  . MSE A 1 14  ? -0.954  8.561   -5.961  1.00 12.18 ? 14  MSE A CG  1 
HETATM 54   SE SE  . MSE A 1 14  ? 0.019   7.443   -7.099  1.00 14.12 ? 14  MSE A SE  1 
HETATM 55   C  CE  . MSE A 1 14  ? -1.040  5.955   -6.877  1.00 13.83 ? 14  MSE A CE  1 
ATOM   56   N  N   . GLY A 1 15  ? -1.527  10.765  -2.851  1.00 12.02 ? 15  GLY A N   1 
ATOM   57   C  CA  . GLY A 1 15  ? -1.797  12.190  -2.793  1.00 12.73 ? 15  GLY A CA  1 
ATOM   58   C  C   . GLY A 1 15  ? -1.495  13.015  -4.029  1.00 13.10 ? 15  GLY A C   1 
ATOM   59   O  O   . GLY A 1 15  ? -2.155  14.023  -4.254  1.00 14.81 ? 15  GLY A O   1 
ATOM   60   N  N   . SER A 1 16  ? -0.497  12.612  -4.816  1.00 13.83 ? 16  SER A N   1 
ATOM   61   C  CA  . SER A 1 16  ? -0.116  13.352  -6.029  1.00 14.63 ? 16  SER A CA  1 
ATOM   62   C  C   . SER A 1 16  ? 0.417   12.399  -7.096  1.00 14.36 ? 16  SER A C   1 
ATOM   63   O  O   . SER A 1 16  ? 0.852   11.289  -6.784  1.00 13.56 ? 16  SER A O   1 
ATOM   64   C  CB  . SER A 1 16  ? 0.984   14.381  -5.718  1.00 16.05 ? 16  SER A CB  1 
ATOM   65   O  OG  A SER A 1 16  ? 0.837   14.950  -4.427  0.50 17.90 ? 16  SER A OG  1 
ATOM   66   O  OG  B SER A 1 16  ? 2.188   13.752  -5.320  0.50 15.69 ? 16  SER A OG  1 
ATOM   67   N  N   . LYS A 1 17  ? 0.444   12.853  -8.346  1.00 15.09 ? 17  LYS A N   1 
ATOM   68   C  CA  . LYS A 1 17  ? 0.945   12.010  -9.426  1.00 16.11 ? 17  LYS A CA  1 
ATOM   69   C  C   . LYS A 1 17  ? 2.435   11.724  -9.279  1.00 15.35 ? 17  LYS A C   1 
ATOM   70   O  O   . LYS A 1 17  ? 2.909   10.681  -9.725  1.00 15.06 ? 17  LYS A O   1 
ATOM   71   C  CB  . LYS A 1 17  ? 0.621   12.586  -10.815 1.00 18.87 ? 17  LYS A CB  1 
ATOM   72   C  CG  . LYS A 1 17  ? 1.075   14.013  -11.087 1.00 23.86 ? 17  LYS A CG  1 
ATOM   73   C  CD  . LYS A 1 17  ? 0.687   14.425  -12.517 1.00 27.84 ? 17  LYS A CD  1 
ATOM   74   C  CE  . LYS A 1 17  ? 0.791   15.937  -12.756 1.00 29.07 ? 17  LYS A CE  1 
ATOM   75   N  NZ  . LYS A 1 17  ? 2.192   16.437  -12.703 1.00 29.78 ? 17  LYS A NZ  1 
ATOM   76   N  N   . SER A 1 18  ? 3.163   12.623  -8.613  1.00 14.05 ? 18  SER A N   1 
ATOM   77   C  CA  . SER A 1 18  ? 4.593   12.415  -8.405  1.00 14.60 ? 18  SER A CA  1 
ATOM   78   C  C   . SER A 1 18  ? 4.839   11.241  -7.446  1.00 14.05 ? 18  SER A C   1 
ATOM   79   O  O   . SER A 1 18  ? 5.937   10.684  -7.409  1.00 14.32 ? 18  SER A O   1 
ATOM   80   C  CB  . SER A 1 18  ? 5.270   13.686  -7.886  1.00 14.82 ? 18  SER A CB  1 
ATOM   81   O  OG  . SER A 1 18  ? 4.824   14.010  -6.588  1.00 19.24 ? 18  SER A OG  1 
ATOM   82   N  N   . ASP A 1 19  ? 3.805   10.855  -6.691  1.00 12.79 ? 19  ASP A N   1 
ATOM   83   C  CA  . ASP A 1 19  ? 3.904   9.730   -5.759  1.00 12.02 ? 19  ASP A CA  1 
ATOM   84   C  C   . ASP A 1 19  ? 3.965   8.392   -6.504  1.00 11.52 ? 19  ASP A C   1 
ATOM   85   O  O   . ASP A 1 19  ? 4.327   7.371   -5.914  1.00 11.11 ? 19  ASP A O   1 
ATOM   86   C  CB  . ASP A 1 19  ? 2.704   9.690   -4.799  1.00 13.34 ? 19  ASP A CB  1 
ATOM   87   C  CG  . ASP A 1 19  ? 2.729   10.799  -3.756  1.00 15.75 ? 19  ASP A CG  1 
ATOM   88   O  OD1 . ASP A 1 19  ? 3.826   11.299  -3.411  1.00 15.38 ? 19  ASP A OD1 1 
ATOM   89   O  OD2 . ASP A 1 19  ? 1.635   11.151  -3.264  1.00 15.65 ? 19  ASP A OD2 1 
ATOM   90   N  N   . TRP A 1 20  ? 3.575   8.396   -7.780  1.00 10.74 ? 20  TRP A N   1 
ATOM   91   C  CA  . TRP A 1 20  ? 3.578   7.180   -8.598  1.00 11.16 ? 20  TRP A CA  1 
ATOM   92   C  C   . TRP A 1 20  ? 4.964   6.550   -8.725  1.00 10.89 ? 20  TRP A C   1 
ATOM   93   O  O   . TRP A 1 20  ? 5.073   5.332   -8.847  1.00 12.05 ? 20  TRP A O   1 
ATOM   94   C  CB  . TRP A 1 20  ? 2.971   7.445   -9.987  1.00 11.77 ? 20  TRP A CB  1 
ATOM   95   C  CG  . TRP A 1 20  ? 2.819   6.205   -10.858 1.00 13.35 ? 20  TRP A CG  1 
ATOM   96   C  CD1 . TRP A 1 20  ? 3.410   5.984   -12.075 1.00 14.84 ? 20  TRP A CD1 1 
ATOM   97   C  CD2 . TRP A 1 20  ? 2.058   5.017   -10.564 1.00 14.13 ? 20  TRP A CD2 1 
ATOM   98   N  NE1 . TRP A 1 20  ? 3.073   4.734   -12.549 1.00 14.55 ? 20  TRP A NE1 1 
ATOM   99   C  CE2 . TRP A 1 20  ? 2.248   4.119   -11.643 1.00 14.06 ? 20  TRP A CE2 1 
ATOM   100  C  CE3 . TRP A 1 20  ? 1.242   4.621   -9.492  1.00 13.80 ? 20  TRP A CE3 1 
ATOM   101  C  CZ2 . TRP A 1 20  ? 1.651   2.847   -11.682 1.00 14.53 ? 20  TRP A CZ2 1 
ATOM   102  C  CZ3 . TRP A 1 20  ? 0.648   3.356   -9.530  1.00 15.02 ? 20  TRP A CZ3 1 
ATOM   103  C  CH2 . TRP A 1 20  ? 0.859   2.485   -10.621 1.00 13.42 ? 20  TRP A CH2 1 
ATOM   104  N  N   . ALA A 1 21  ? 6.019   7.363   -8.676  1.00 11.21 ? 21  ALA A N   1 
ATOM   105  C  CA  . ALA A 1 21  ? 7.390   6.846   -8.766  1.00 11.15 ? 21  ALA A CA  1 
ATOM   106  C  C   . ALA A 1 21  ? 7.646   5.843   -7.636  1.00 11.21 ? 21  ALA A C   1 
ATOM   107  O  O   . ALA A 1 21  ? 8.480   4.945   -7.764  1.00 12.20 ? 21  ALA A O   1 
ATOM   108  C  CB  . ALA A 1 21  ? 8.404   7.994   -8.698  1.00 11.20 ? 21  ALA A CB  1 
ATOM   109  N  N   . THR A 1 22  ? 6.913   6.010   -6.535  1.00 10.55 ? 22  THR A N   1 
ATOM   110  C  CA  . THR A 1 22  ? 7.007   5.138   -5.369  1.00 9.89  ? 22  THR A CA  1 
ATOM   111  C  C   . THR A 1 22  ? 5.931   4.050   -5.404  1.00 9.11  ? 22  THR A C   1 
ATOM   112  O  O   . THR A 1 22  ? 6.237   2.860   -5.355  1.00 8.95  ? 22  THR A O   1 
ATOM   113  C  CB  . THR A 1 22  ? 6.832   5.949   -4.058  1.00 10.08 ? 22  THR A CB  1 
ATOM   114  O  OG1 . THR A 1 22  ? 7.855   6.947   -3.965  1.00 10.39 ? 22  THR A OG1 1 
ATOM   115  C  CG2 . THR A 1 22  ? 6.902   5.039   -2.841  1.00 10.36 ? 22  THR A CG2 1 
HETATM 116  N  N   . MSE A 1 23  ? 4.673   4.471   -5.526  1.00 8.87  ? 23  MSE A N   1 
HETATM 117  C  CA  . MSE A 1 23  ? 3.533   3.554   -5.526  1.00 9.08  ? 23  MSE A CA  1 
HETATM 118  C  C   . MSE A 1 23  ? 3.456   2.551   -6.689  1.00 9.04  ? 23  MSE A C   1 
HETATM 119  O  O   . MSE A 1 23  ? 2.734   1.556   -6.595  1.00 9.12  ? 23  MSE A O   1 
HETATM 120  C  CB  . MSE A 1 23  ? 2.220   4.339   -5.404  1.00 10.37 ? 23  MSE A CB  1 
HETATM 121  C  CG  . MSE A 1 23  ? 2.191   5.360   -4.240  1.00 12.06 ? 23  MSE A CG  1 
HETATM 122  SE SE  . MSE A 1 23  ? 2.630   4.571   -2.593  1.00 13.08 ? 23  MSE A SE  1 
HETATM 123  C  CE  . MSE A 1 23  ? 1.178   3.445   -2.498  1.00 12.14 ? 23  MSE A CE  1 
ATOM   124  N  N   . GLN A 1 24  ? 4.188   2.802   -7.775  1.00 8.07  ? 24  GLN A N   1 
ATOM   125  C  CA  . GLN A 1 24  ? 4.184   1.879   -8.911  1.00 8.56  ? 24  GLN A CA  1 
ATOM   126  C  C   . GLN A 1 24  ? 4.688   0.506   -8.468  1.00 8.64  ? 24  GLN A C   1 
ATOM   127  O  O   . GLN A 1 24  ? 4.349   -0.515  -9.067  1.00 9.85  ? 24  GLN A O   1 
ATOM   128  C  CB  . GLN A 1 24  ? 5.048   2.408   -10.059 1.00 9.51  ? 24  GLN A CB  1 
ATOM   129  C  CG  . GLN A 1 24  ? 6.535   2.459   -9.745  1.00 13.64 ? 24  GLN A CG  1 
ATOM   130  C  CD  . GLN A 1 24  ? 7.352   3.056   -10.869 1.00 16.83 ? 24  GLN A CD  1 
ATOM   131  O  OE1 . GLN A 1 24  ? 8.238   3.879   -10.639 1.00 21.04 ? 24  GLN A OE1 1 
ATOM   132  N  NE2 . GLN A 1 24  ? 7.058   2.645   -12.094 1.00 17.08 ? 24  GLN A NE2 1 
ATOM   133  N  N   . PHE A 1 25  ? 5.494   0.486   -7.409  1.00 7.55  ? 25  PHE A N   1 
ATOM   134  C  CA  . PHE A 1 25  ? 6.023   -0.761  -6.885  1.00 9.30  ? 25  PHE A CA  1 
ATOM   135  C  C   . PHE A 1 25  ? 4.969   -1.600  -6.170  1.00 8.92  ? 25  PHE A C   1 
ATOM   136  O  O   . PHE A 1 25  ? 5.159   -2.800  -5.982  1.00 10.79 ? 25  PHE A O   1 
ATOM   137  C  CB  . PHE A 1 25  ? 7.257   -0.500  -6.022  1.00 9.83  ? 25  PHE A CB  1 
ATOM   138  C  CG  . PHE A 1 25  ? 8.438   -0.047  -6.821  1.00 11.29 ? 25  PHE A CG  1 
ATOM   139  C  CD1 . PHE A 1 25  ? 8.715   1.304   -6.976  1.00 12.52 ? 25  PHE A CD1 1 
ATOM   140  C  CD2 . PHE A 1 25  ? 9.238   -0.974  -7.482  1.00 14.12 ? 25  PHE A CD2 1 
ATOM   141  C  CE1 . PHE A 1 25  ? 9.770   1.732   -7.782  1.00 14.87 ? 25  PHE A CE1 1 
ATOM   142  C  CE2 . PHE A 1 25  ? 10.298  -0.561  -8.291  1.00 14.44 ? 25  PHE A CE2 1 
ATOM   143  C  CZ  . PHE A 1 25  ? 10.563  0.795   -8.442  1.00 15.82 ? 25  PHE A CZ  1 
ATOM   144  N  N   . ALA A 1 26  ? 3.859   -0.971  -5.781  1.00 8.35  ? 26  ALA A N   1 
ATOM   145  C  CA  . ALA A 1 26  ? 2.753   -1.691  -5.148  1.00 8.94  ? 26  ALA A CA  1 
ATOM   146  C  C   . ALA A 1 26  ? 1.978   -2.375  -6.278  1.00 9.63  ? 26  ALA A C   1 
ATOM   147  O  O   . ALA A 1 26  ? 1.639   -3.564  -6.193  1.00 10.76 ? 26  ALA A O   1 
ATOM   148  C  CB  . ALA A 1 26  ? 1.843   -0.732  -4.385  1.00 8.51  ? 26  ALA A CB  1 
ATOM   149  N  N   . ALA A 1 27  ? 1.740   -1.624  -7.355  1.00 9.53  ? 27  ALA A N   1 
ATOM   150  C  CA  . ALA A 1 27  ? 1.033   -2.140  -8.523  1.00 9.02  ? 27  ALA A CA  1 
ATOM   151  C  C   . ALA A 1 27  ? 1.819   -3.284  -9.169  1.00 9.59  ? 27  ALA A C   1 
ATOM   152  O  O   . ALA A 1 27  ? 1.225   -4.229  -9.685  1.00 10.94 ? 27  ALA A O   1 
ATOM   153  C  CB  . ALA A 1 27  ? 0.793   -1.030  -9.525  1.00 10.15 ? 27  ALA A CB  1 
ATOM   154  N  N   . GLU A 1 28  ? 3.148   -3.209  -9.121  1.00 10.04 ? 28  GLU A N   1 
ATOM   155  C  CA  . GLU A 1 28  ? 3.996   -4.260  -9.689  1.00 11.73 ? 28  GLU A CA  1 
ATOM   156  C  C   . GLU A 1 28  ? 3.751   -5.616  -9.016  1.00 11.73 ? 28  GLU A C   1 
ATOM   157  O  O   . GLU A 1 28  ? 3.712   -6.651  -9.688  1.00 11.98 ? 28  GLU A O   1 
ATOM   158  C  CB  . GLU A 1 28  ? 5.486   -3.900  -9.584  1.00 13.85 ? 28  GLU A CB  1 
ATOM   159  C  CG  . GLU A 1 28  ? 6.389   -4.990  -10.155 1.00 18.27 ? 28  GLU A CG  1 
ATOM   160  C  CD  . GLU A 1 28  ? 7.878   -4.700  -10.023 1.00 22.69 ? 28  GLU A CD  1 
ATOM   161  O  OE1 . GLU A 1 28  ? 8.337   -4.269  -8.937  1.00 22.91 ? 28  GLU A OE1 1 
ATOM   162  O  OE2 . GLU A 1 28  ? 8.598   -4.936  -11.018 1.00 26.20 ? 28  GLU A OE2 1 
ATOM   163  N  N   . ILE A 1 29  ? 3.607   -5.610  -7.693  1.00 10.23 ? 29  ILE A N   1 
ATOM   164  C  CA  . ILE A 1 29  ? 3.344   -6.836  -6.938  1.00 10.17 ? 29  ILE A CA  1 
ATOM   165  C  C   . ILE A 1 29  ? 2.018   -7.457  -7.397  1.00 10.07 ? 29  ILE A C   1 
ATOM   166  O  O   . ILE A 1 29  ? 1.932   -8.669  -7.594  1.00 10.75 ? 29  ILE A O   1 
ATOM   167  C  CB  . ILE A 1 29  ? 3.302   -6.559  -5.403  1.00 9.89  ? 29  ILE A CB  1 
ATOM   168  C  CG1 . ILE A 1 29  ? 4.694   -6.162  -4.894  1.00 9.59  ? 29  ILE A CG1 1 
ATOM   169  C  CG2 . ILE A 1 29  ? 2.791   -7.777  -4.642  1.00 9.79  ? 29  ILE A CG2 1 
ATOM   170  C  CD1 . ILE A 1 29  ? 5.747   -7.268  -4.980  1.00 10.32 ? 29  ILE A CD1 1 
ATOM   171  N  N   . PHE A 1 30  ? 1.004   -6.617  -7.607  1.00 10.52 ? 30  PHE A N   1 
ATOM   172  C  CA  . PHE A 1 30  ? -0.304  -7.095  -8.052  1.00 10.38 ? 30  PHE A CA  1 
ATOM   173  C  C   . PHE A 1 30  ? -0.279  -7.661  -9.467  1.00 11.62 ? 30  PHE A C   1 
ATOM   174  O  O   . PHE A 1 30  ? -1.037  -8.574  -9.776  1.00 12.53 ? 30  PHE A O   1 
ATOM   175  C  CB  . PHE A 1 30  ? -1.356  -5.991  -7.933  1.00 9.63  ? 30  PHE A CB  1 
ATOM   176  C  CG  . PHE A 1 30  ? -1.700  -5.633  -6.514  1.00 9.70  ? 30  PHE A CG  1 
ATOM   177  C  CD1 . PHE A 1 30  ? -2.062  -4.328  -6.183  1.00 10.52 ? 30  PHE A CD1 1 
ATOM   178  C  CD2 . PHE A 1 30  ? -1.673  -6.600  -5.507  1.00 8.69  ? 30  PHE A CD2 1 
ATOM   179  C  CE1 . PHE A 1 30  ? -2.398  -3.986  -4.868  1.00 11.62 ? 30  PHE A CE1 1 
ATOM   180  C  CE2 . PHE A 1 30  ? -2.007  -6.273  -4.194  1.00 10.36 ? 30  PHE A CE2 1 
ATOM   181  C  CZ  . PHE A 1 30  ? -2.372  -4.961  -3.873  1.00 9.57  ? 30  PHE A CZ  1 
ATOM   182  N  N   . GLU A 1 31  ? 0.575   -7.117  -10.329 1.00 12.75 ? 31  GLU A N   1 
ATOM   183  C  CA  . GLU A 1 31  ? 0.691   -7.627  -11.699 1.00 14.12 ? 31  GLU A CA  1 
ATOM   184  C  C   . GLU A 1 31  ? 1.305   -9.026  -11.624 1.00 13.79 ? 31  GLU A C   1 
ATOM   185  O  O   . GLU A 1 31  ? 0.827   -9.959  -12.268 1.00 12.86 ? 31  GLU A O   1 
ATOM   186  C  CB  . GLU A 1 31  ? 1.588   -6.724  -12.556 1.00 16.90 ? 31  GLU A CB  1 
ATOM   187  C  CG  . GLU A 1 31  ? 1.008   -5.348  -12.860 1.00 21.69 ? 31  GLU A CG  1 
ATOM   188  C  CD  . GLU A 1 31  ? 2.056   -4.351  -13.378 1.00 27.08 ? 31  GLU A CD  1 
ATOM   189  O  OE1 . GLU A 1 31  ? 1.662   -3.249  -13.823 1.00 28.54 ? 31  GLU A OE1 1 
ATOM   190  O  OE2 . GLU A 1 31  ? 3.273   -4.656  -13.330 1.00 27.22 ? 31  GLU A OE2 1 
ATOM   191  N  N   . ILE A 1 32  ? 2.352   -9.156  -10.809 1.00 13.51 ? 32  ILE A N   1 
ATOM   192  C  CA  . ILE A 1 32  ? 3.054   -10.426 -10.607 1.00 14.44 ? 32  ILE A CA  1 
ATOM   193  C  C   . ILE A 1 32  ? 2.127   -11.493 -10.022 1.00 15.10 ? 32  ILE A C   1 
ATOM   194  O  O   . ILE A 1 32  ? 2.149   -12.647 -10.449 1.00 15.86 ? 32  ILE A O   1 
ATOM   195  C  CB  . ILE A 1 32  ? 4.262   -10.243 -9.645  1.00 14.64 ? 32  ILE A CB  1 
ATOM   196  C  CG1 . ILE A 1 32  ? 5.325   -9.353  -10.295 1.00 14.15 ? 32  ILE A CG1 1 
ATOM   197  C  CG2 . ILE A 1 32  ? 4.837   -11.594 -9.230  1.00 15.25 ? 32  ILE A CG2 1 
ATOM   198  C  CD1 . ILE A 1 32  ? 6.444   -8.933  -9.360  1.00 14.75 ? 32  ILE A CD1 1 
ATOM   199  N  N   . LEU A 1 33  ? 1.312   -11.098 -9.049  1.00 15.18 ? 33  LEU A N   1 
ATOM   200  C  CA  . LEU A 1 33  ? 0.390   -12.016 -8.385  1.00 15.15 ? 33  LEU A CA  1 
ATOM   201  C  C   . LEU A 1 33  ? -0.981  -12.138 -9.042  1.00 16.05 ? 33  LEU A C   1 
ATOM   202  O  O   . LEU A 1 33  ? -1.833  -12.899 -8.575  1.00 15.56 ? 33  LEU A O   1 
ATOM   203  C  CB  . LEU A 1 33  ? 0.228   -11.617 -6.915  1.00 15.34 ? 33  LEU A CB  1 
ATOM   204  C  CG  . LEU A 1 33  ? 1.502   -11.707 -6.074  1.00 14.54 ? 33  LEU A CG  1 
ATOM   205  C  CD1 . LEU A 1 33  ? 1.215   -11.245 -4.653  1.00 14.81 ? 33  LEU A CD1 1 
ATOM   206  C  CD2 . LEU A 1 33  ? 2.021   -13.137 -6.078  1.00 14.24 ? 33  LEU A CD2 1 
ATOM   207  N  N   . ASN A 1 34  ? -1.200  -11.376 -10.113 1.00 17.37 ? 34  ASN A N   1 
ATOM   208  C  CA  . ASN A 1 34  ? -2.469  -11.395 -10.838 1.00 18.58 ? 34  ASN A CA  1 
ATOM   209  C  C   . ASN A 1 34  ? -3.638  -11.022 -9.917  1.00 18.39 ? 34  ASN A C   1 
ATOM   210  O  O   . ASN A 1 34  ? -4.581  -11.790 -9.741  1.00 19.45 ? 34  ASN A O   1 
ATOM   211  C  CB  . ASN A 1 34  ? -2.683  -12.777 -11.475 1.00 22.29 ? 34  ASN A CB  1 
ATOM   212  C  CG  . ASN A 1 34  ? -3.807  -12.785 -12.496 1.00 26.92 ? 34  ASN A CG  1 
ATOM   213  O  OD1 . ASN A 1 34  ? -4.376  -11.741 -12.822 1.00 29.38 ? 34  ASN A OD1 1 
ATOM   214  N  ND2 . ASN A 1 34  ? -4.130  -13.967 -13.013 1.00 29.10 ? 34  ASN A ND2 1 
ATOM   215  N  N   . VAL A 1 35  ? -3.540  -9.849  -9.296  1.00 17.10 ? 35  VAL A N   1 
ATOM   216  C  CA  . VAL A 1 35  ? -4.571  -9.345  -8.390  1.00 15.66 ? 35  VAL A CA  1 
ATOM   217  C  C   . VAL A 1 35  ? -5.168  -8.086  -9.007  1.00 15.60 ? 35  VAL A C   1 
ATOM   218  O  O   . VAL A 1 35  ? -4.466  -7.086  -9.193  1.00 14.50 ? 35  VAL A O   1 
ATOM   219  C  CB  . VAL A 1 35  ? -3.980  -8.968  -7.000  1.00 15.26 ? 35  VAL A CB  1 
ATOM   220  C  CG1 . VAL A 1 35  ? -5.051  -8.365  -6.106  1.00 14.17 ? 35  VAL A CG1 1 
ATOM   221  C  CG2 . VAL A 1 35  ? -3.375  -10.189 -6.334  1.00 16.66 ? 35  VAL A CG2 1 
ATOM   222  N  N   . PRO A 1 36  ? -6.469  -8.120  -9.348  1.00 16.15 ? 36  PRO A N   1 
ATOM   223  C  CA  . PRO A 1 36  ? -7.157  -6.969  -9.947  1.00 14.92 ? 36  PRO A CA  1 
ATOM   224  C  C   . PRO A 1 36  ? -7.094  -5.805  -8.967  1.00 13.87 ? 36  PRO A C   1 
ATOM   225  O  O   . PRO A 1 36  ? -7.323  -5.990  -7.771  1.00 13.94 ? 36  PRO A O   1 
ATOM   226  C  CB  . PRO A 1 36  ? -8.597  -7.467  -10.094 1.00 15.86 ? 36  PRO A CB  1 
ATOM   227  C  CG  . PRO A 1 36  ? -8.441  -8.957  -10.212 1.00 18.55 ? 36  PRO A CG  1 
ATOM   228  C  CD  . PRO A 1 36  ? -7.393  -9.254  -9.178  1.00 17.15 ? 36  PRO A CD  1 
ATOM   229  N  N   . HIS A 1 37  ? -6.792  -4.613  -9.468  1.00 12.65 ? 37  HIS A N   1 
ATOM   230  C  CA  . HIS A 1 37  ? -6.694  -3.446  -8.602  1.00 12.07 ? 37  HIS A CA  1 
ATOM   231  C  C   . HIS A 1 37  ? -7.045  -2.132  -9.287  1.00 12.52 ? 37  HIS A C   1 
ATOM   232  O  O   . HIS A 1 37  ? -6.955  -2.002  -10.511 1.00 12.40 ? 37  HIS A O   1 
ATOM   233  C  CB  . HIS A 1 37  ? -5.286  -3.352  -8.001  1.00 12.12 ? 37  HIS A CB  1 
ATOM   234  C  CG  . HIS A 1 37  ? -4.199  -3.211  -9.020  1.00 11.73 ? 37  HIS A CG  1 
ATOM   235  N  ND1 . HIS A 1 37  ? -3.702  -4.282  -9.731  1.00 12.74 ? 37  HIS A ND1 1 
ATOM   236  C  CD2 . HIS A 1 37  ? -3.512  -2.127  -9.444  1.00 13.40 ? 37  HIS A CD2 1 
ATOM   237  C  CE1 . HIS A 1 37  ? -2.751  -3.863  -10.546 1.00 13.07 ? 37  HIS A CE1 1 
ATOM   238  N  NE2 . HIS A 1 37  ? -2.615  -2.559  -10.392 1.00 14.02 ? 37  HIS A NE2 1 
ATOM   239  N  N   . HIS A 1 38  ? -7.461  -1.170  -8.473  1.00 11.83 ? 38  HIS A N   1 
ATOM   240  C  CA  . HIS A 1 38  ? -7.818  0.166   -8.930  1.00 13.55 ? 38  HIS A CA  1 
ATOM   241  C  C   . HIS A 1 38  ? -6.694  1.116   -8.501  1.00 13.05 ? 38  HIS A C   1 
ATOM   242  O  O   . HIS A 1 38  ? -6.073  0.906   -7.461  1.00 12.80 ? 38  HIS A O   1 
ATOM   243  C  CB  . HIS A 1 38  ? -9.142  0.576   -8.278  1.00 16.49 ? 38  HIS A CB  1 
ATOM   244  C  CG  . HIS A 1 38  ? -9.589  1.969   -8.609  1.00 20.19 ? 38  HIS A CG  1 
ATOM   245  N  ND1 . HIS A 1 38  ? -9.931  2.359   -9.887  1.00 22.18 ? 38  HIS A ND1 1 
ATOM   246  C  CD2 . HIS A 1 38  ? -9.790  3.052   -7.820  1.00 21.09 ? 38  HIS A CD2 1 
ATOM   247  C  CE1 . HIS A 1 38  ? -10.326 3.621   -9.869  1.00 22.97 ? 38  HIS A CE1 1 
ATOM   248  N  NE2 . HIS A 1 38  ? -10.250 4.065   -8.627  1.00 22.05 ? 38  HIS A NE2 1 
ATOM   249  N  N   . VAL A 1 39  ? -6.392  2.111   -9.329  1.00 12.04 ? 39  VAL A N   1 
ATOM   250  C  CA  . VAL A 1 39  ? -5.351  3.095   -9.012  1.00 11.51 ? 39  VAL A CA  1 
ATOM   251  C  C   . VAL A 1 39  ? -5.939  4.477   -9.243  1.00 11.94 ? 39  VAL A C   1 
ATOM   252  O  O   . VAL A 1 39  ? -6.572  4.721   -10.270 1.00 13.28 ? 39  VAL A O   1 
ATOM   253  C  CB  . VAL A 1 39  ? -4.079  2.933   -9.900  1.00 10.90 ? 39  VAL A CB  1 
ATOM   254  C  CG1 . VAL A 1 39  ? -3.027  3.962   -9.508  1.00 10.80 ? 39  VAL A CG1 1 
ATOM   255  C  CG2 . VAL A 1 39  ? -3.505  1.525   -9.769  1.00 9.99  ? 39  VAL A CG2 1 
ATOM   256  N  N   . GLU A 1 40  ? -5.724  5.387   -8.300  1.00 12.16 ? 40  GLU A N   1 
ATOM   257  C  CA  . GLU A 1 40  ? -6.270  6.730   -8.432  1.00 13.24 ? 40  GLU A CA  1 
ATOM   258  C  C   . GLU A 1 40  ? -5.587  7.767   -7.551  1.00 12.82 ? 40  GLU A C   1 
ATOM   259  O  O   . GLU A 1 40  ? -5.088  7.451   -6.468  1.00 12.71 ? 40  GLU A O   1 
ATOM   260  C  CB  . GLU A 1 40  ? -7.765  6.699   -8.115  1.00 16.42 ? 40  GLU A CB  1 
ATOM   261  C  CG  . GLU A 1 40  ? -8.494  8.006   -8.361  1.00 21.78 ? 40  GLU A CG  1 
ATOM   262  C  CD  . GLU A 1 40  ? -10.002 7.833   -8.387  1.00 24.86 ? 40  GLU A CD  1 
ATOM   263  O  OE1 . GLU A 1 40  ? -10.659 8.555   -9.168  1.00 26.76 ? 40  GLU A OE1 1 
ATOM   264  O  OE2 . GLU A 1 40  ? -10.532 6.976   -7.638  1.00 27.04 ? 40  GLU A OE2 1 
ATOM   265  N  N   . VAL A 1 41  ? -5.532  9.000   -8.046  1.00 12.59 ? 41  VAL A N   1 
ATOM   266  C  CA  . VAL A 1 41  ? -4.946  10.101  -7.295  1.00 12.22 ? 41  VAL A CA  1 
ATOM   267  C  C   . VAL A 1 41  ? -6.069  10.781  -6.505  1.00 12.44 ? 41  VAL A C   1 
ATOM   268  O  O   . VAL A 1 41  ? -7.051  11.261  -7.081  1.00 12.55 ? 41  VAL A O   1 
ATOM   269  C  CB  . VAL A 1 41  ? -4.255  11.135  -8.221  1.00 12.54 ? 41  VAL A CB  1 
ATOM   270  C  CG1 . VAL A 1 41  ? -3.712  12.308  -7.398  1.00 13.71 ? 41  VAL A CG1 1 
ATOM   271  C  CG2 . VAL A 1 41  ? -3.124  10.470  -9.000  1.00 11.26 ? 41  VAL A CG2 1 
ATOM   272  N  N   . VAL A 1 42  ? -5.948  10.739  -5.180  1.00 11.76 ? 42  VAL A N   1 
ATOM   273  C  CA  . VAL A 1 42  ? -6.919  11.344  -4.271  1.00 11.85 ? 42  VAL A CA  1 
ATOM   274  C  C   . VAL A 1 42  ? -6.092  12.162  -3.287  1.00 11.78 ? 42  VAL A C   1 
ATOM   275  O  O   . VAL A 1 42  ? -5.303  11.608  -2.514  1.00 11.38 ? 42  VAL A O   1 
ATOM   276  C  CB  . VAL A 1 42  ? -7.723  10.270  -3.497  1.00 12.30 ? 42  VAL A CB  1 
ATOM   277  C  CG1 . VAL A 1 42  ? -8.729  10.925  -2.579  1.00 12.92 ? 42  VAL A CG1 1 
ATOM   278  C  CG2 . VAL A 1 42  ? -8.431  9.334   -4.462  1.00 13.54 ? 42  VAL A CG2 1 
ATOM   279  N  N   . SER A 1 43  ? -6.235  13.481  -3.360  1.00 11.59 ? 43  SER A N   1 
ATOM   280  C  CA  . SER A 1 43  ? -5.486  14.387  -2.498  1.00 12.67 ? 43  SER A CA  1 
ATOM   281  C  C   . SER A 1 43  ? -6.288  14.850  -1.287  1.00 12.41 ? 43  SER A C   1 
ATOM   282  O  O   . SER A 1 43  ? -7.378  15.393  -1.422  1.00 12.52 ? 43  SER A O   1 
ATOM   283  C  CB  . SER A 1 43  ? -5.008  15.597  -3.302  1.00 12.72 ? 43  SER A CB  1 
ATOM   284  O  OG  . SER A 1 43  ? -4.361  16.534  -2.462  1.00 14.51 ? 43  SER A OG  1 
ATOM   285  N  N   . ALA A 1 44  ? -5.729  14.644  -0.100  1.00 12.11 ? 44  ALA A N   1 
ATOM   286  C  CA  . ALA A 1 44  ? -6.404  15.043  1.128   1.00 11.22 ? 44  ALA A CA  1 
ATOM   287  C  C   . ALA A 1 44  ? -6.520  16.557  1.212   1.00 11.76 ? 44  ALA A C   1 
ATOM   288  O  O   . ALA A 1 44  ? -7.514  17.083  1.710   1.00 12.00 ? 44  ALA A O   1 
ATOM   289  C  CB  . ALA A 1 44  ? -5.642  14.515  2.338   1.00 10.61 ? 44  ALA A CB  1 
ATOM   290  N  N   . HIS A 1 45  ? -5.525  17.250  0.673   1.00 11.56 ? 45  HIS A N   1 
ATOM   291  C  CA  . HIS A 1 45  ? -5.486  18.703  0.736   1.00 11.97 ? 45  HIS A CA  1 
ATOM   292  C  C   . HIS A 1 45  ? -5.982  19.464  -0.482  1.00 12.89 ? 45  HIS A C   1 
ATOM   293  O  O   . HIS A 1 45  ? -6.512  20.565  -0.338  1.00 12.93 ? 45  HIS A O   1 
ATOM   294  C  CB  . HIS A 1 45  ? -4.083  19.151  1.127   1.00 13.14 ? 45  HIS A CB  1 
ATOM   295  C  CG  . HIS A 1 45  ? -3.626  18.585  2.436   1.00 13.08 ? 45  HIS A CG  1 
ATOM   296  N  ND1 . HIS A 1 45  ? -2.402  17.975  2.597   1.00 14.25 ? 45  HIS A ND1 1 
ATOM   297  C  CD2 . HIS A 1 45  ? -4.258  18.489  3.629   1.00 12.67 ? 45  HIS A CD2 1 
ATOM   298  C  CE1 . HIS A 1 45  ? -2.299  17.527  3.836   1.00 14.63 ? 45  HIS A CE1 1 
ATOM   299  N  NE2 . HIS A 1 45  ? -3.412  17.825  4.482   1.00 13.60 ? 45  HIS A NE2 1 
ATOM   300  N  N   . ARG A 1 46  ? -5.820  18.887  -1.672  1.00 13.12 ? 46  ARG A N   1 
ATOM   301  C  CA  . ARG A 1 46  ? -6.278  19.534  -2.906  1.00 13.43 ? 46  ARG A CA  1 
ATOM   302  C  C   . ARG A 1 46  ? -7.664  19.037  -3.355  1.00 12.77 ? 46  ARG A C   1 
ATOM   303  O  O   . ARG A 1 46  ? -8.384  19.750  -4.051  1.00 12.25 ? 46  ARG A O   1 
ATOM   304  C  CB  . ARG A 1 46  ? -5.228  19.390  -4.018  1.00 14.96 ? 46  ARG A CB  1 
ATOM   305  C  CG  . ARG A 1 46  ? -3.885  20.085  -3.699  1.00 18.09 ? 46  ARG A CG  1 
ATOM   306  C  CD  A ARG A 1 46  ? -2.792  19.643  -4.667  0.50 18.59 ? 46  ARG A CD  1 
ATOM   307  C  CD  B ARG A 1 46  ? -2.822  19.829  -4.761  0.50 19.65 ? 46  ARG A CD  1 
ATOM   308  N  NE  A ARG A 1 46  ? -2.665  18.186  -4.703  0.50 22.25 ? 46  ARG A NE  1 
ATOM   309  N  NE  B ARG A 1 46  ? -2.530  18.405  -4.877  0.50 22.70 ? 46  ARG A NE  1 
ATOM   310  C  CZ  A ARG A 1 46  ? -2.129  17.498  -5.707  0.50 23.76 ? 46  ARG A CZ  1 
ATOM   311  C  CZ  B ARG A 1 46  ? -1.921  17.833  -5.914  0.50 23.16 ? 46  ARG A CZ  1 
ATOM   312  N  NH1 A ARG A 1 46  ? -1.647  18.131  -6.770  0.50 23.27 ? 46  ARG A NH1 1 
ATOM   313  N  NH1 B ARG A 1 46  ? -1.515  18.569  -6.943  0.50 24.67 ? 46  ARG A NH1 1 
ATOM   314  N  NH2 A ARG A 1 46  ? -2.131  16.172  -5.680  0.50 22.79 ? 46  ARG A NH2 1 
ATOM   315  N  NH2 B ARG A 1 46  ? -1.766  16.516  -5.942  0.50 23.86 ? 46  ARG A NH2 1 
ATOM   316  N  N   . THR A 1 47  ? -8.041  17.821  -2.955  1.00 11.20 ? 47  THR A N   1 
ATOM   317  C  CA  . THR A 1 47  ? -9.362  17.280  -3.291  1.00 10.64 ? 47  THR A CA  1 
ATOM   318  C  C   . THR A 1 47  ? -9.982  16.626  -2.048  1.00 9.87  ? 47  THR A C   1 
ATOM   319  O  O   . THR A 1 47  ? -10.302 15.435  -2.052  1.00 9.76  ? 47  THR A O   1 
ATOM   320  C  CB  . THR A 1 47  ? -9.315  16.255  -4.478  1.00 11.32 ? 47  THR A CB  1 
ATOM   321  O  OG1 . THR A 1 47  ? -8.623  15.060  -4.089  1.00 12.41 ? 47  THR A OG1 1 
ATOM   322  C  CG2 . THR A 1 47  ? -8.620  16.861  -5.685  1.00 11.07 ? 47  THR A CG2 1 
ATOM   323  N  N   . PRO A 1 48  ? -10.171 17.409  -0.964  1.00 10.73 ? 48  PRO A N   1 
ATOM   324  C  CA  . PRO A 1 48  ? -10.749 16.896  0.289   1.00 11.11 ? 48  PRO A CA  1 
ATOM   325  C  C   . PRO A 1 48  ? -12.136 16.265  0.147   1.00 11.25 ? 48  PRO A C   1 
ATOM   326  O  O   . PRO A 1 48  ? -12.430 15.246  0.783   1.00 12.07 ? 48  PRO A O   1 
ATOM   327  C  CB  . PRO A 1 48  ? -10.751 18.129  1.202   1.00 10.51 ? 48  PRO A CB  1 
ATOM   328  C  CG  . PRO A 1 48  ? -10.853 19.268  0.253   1.00 11.15 ? 48  PRO A CG  1 
ATOM   329  C  CD  . PRO A 1 48  ? -9.933  18.861  -0.869  1.00 10.85 ? 48  PRO A CD  1 
ATOM   330  N  N   . ASP A 1 49  ? -12.971 16.839  -0.715  1.00 11.92 ? 49  ASP A N   1 
ATOM   331  C  CA  . ASP A 1 49  ? -14.308 16.308  -0.934  1.00 11.58 ? 49  ASP A CA  1 
ATOM   332  C  C   . ASP A 1 49  ? -14.255 14.971  -1.653  1.00 11.41 ? 49  ASP A C   1 
ATOM   333  O  O   . ASP A 1 49  ? -15.035 14.072  -1.343  1.00 10.89 ? 49  ASP A O   1 
ATOM   334  C  CB  . ASP A 1 49  ? -15.155 17.308  -1.713  1.00 14.64 ? 49  ASP A CB  1 
ATOM   335  C  CG  . ASP A 1 49  ? -15.447 18.561  -0.909  1.00 19.95 ? 49  ASP A CG  1 
ATOM   336  O  OD1 . ASP A 1 49  ? -15.767 18.436  0.299   1.00 21.70 ? 49  ASP A OD1 1 
ATOM   337  O  OD2 . ASP A 1 49  ? -15.351 19.670  -1.478  1.00 22.81 ? 49  ASP A OD2 1 
ATOM   338  N  N   . LYS A 1 50  ? -13.332 14.835  -2.605  1.00 11.03 ? 50  LYS A N   1 
ATOM   339  C  CA  . LYS A 1 50  ? -13.178 13.572  -3.322  1.00 12.04 ? 50  LYS A CA  1 
ATOM   340  C  C   . LYS A 1 50  ? -12.691 12.490  -2.346  1.00 12.12 ? 50  LYS A C   1 
ATOM   341  O  O   . LYS A 1 50  ? -13.074 11.322  -2.457  1.00 12.05 ? 50  LYS A O   1 
ATOM   342  C  CB  . LYS A 1 50  ? -12.188 13.705  -4.481  1.00 12.31 ? 50  LYS A CB  1 
ATOM   343  C  CG  . LYS A 1 50  ? -12.024 12.410  -5.257  1.00 15.97 ? 50  LYS A CG  1 
ATOM   344  C  CD  . LYS A 1 50  ? -11.077 12.554  -6.426  1.00 17.34 ? 50  LYS A CD  1 
ATOM   345  C  CE  . LYS A 1 50  ? -11.044 11.277  -7.242  1.00 20.22 ? 50  LYS A CE  1 
ATOM   346  N  NZ  . LYS A 1 50  ? -10.177 11.425  -8.442  1.00 21.17 ? 50  LYS A NZ  1 
ATOM   347  N  N   . LEU A 1 51  ? -11.848 12.882  -1.391  1.00 11.49 ? 51  LEU A N   1 
ATOM   348  C  CA  . LEU A 1 51  ? -11.358 11.929  -0.401  1.00 11.41 ? 51  LEU A CA  1 
ATOM   349  C  C   . LEU A 1 51  ? -12.550 11.344  0.360   1.00 11.33 ? 51  LEU A C   1 
ATOM   350  O  O   . LEU A 1 51  ? -12.660 10.130  0.512   1.00 11.05 ? 51  LEU A O   1 
ATOM   351  C  CB  . LEU A 1 51  ? -10.371 12.591  0.567   1.00 11.48 ? 51  LEU A CB  1 
ATOM   352  C  CG  . LEU A 1 51  ? -9.638  11.652  1.540   1.00 11.48 ? 51  LEU A CG  1 
ATOM   353  C  CD1 . LEU A 1 51  ? -8.355  12.289  2.012   1.00 12.16 ? 51  LEU A CD1 1 
ATOM   354  C  CD2 . LEU A 1 51  ? -10.515 11.293  2.731   1.00 13.01 ? 51  LEU A CD2 1 
ATOM   355  N  N   . PHE A 1 52  ? -13.447 12.211  0.820   1.00 10.78 ? 52  PHE A N   1 
ATOM   356  C  CA  . PHE A 1 52  ? -14.621 11.755  1.551   1.00 11.43 ? 52  PHE A CA  1 
ATOM   357  C  C   . PHE A 1 52  ? -15.527 10.852  0.715   1.00 12.03 ? 52  PHE A C   1 
ATOM   358  O  O   . PHE A 1 52  ? -15.952 9.796   1.189   1.00 11.62 ? 52  PHE A O   1 
ATOM   359  C  CB  . PHE A 1 52  ? -15.404 12.942  2.124   1.00 12.32 ? 52  PHE A CB  1 
ATOM   360  C  CG  . PHE A 1 52  ? -14.917 13.390  3.475   1.00 14.09 ? 52  PHE A CG  1 
ATOM   361  C  CD1 . PHE A 1 52  ? -13.573 13.246  3.831   1.00 13.86 ? 52  PHE A CD1 1 
ATOM   362  C  CD2 . PHE A 1 52  ? -15.806 13.929  4.406   1.00 14.10 ? 52  PHE A CD2 1 
ATOM   363  C  CE1 . PHE A 1 52  ? -13.119 13.628  5.098   1.00 15.22 ? 52  PHE A CE1 1 
ATOM   364  C  CE2 . PHE A 1 52  ? -15.361 14.315  5.673   1.00 15.11 ? 52  PHE A CE2 1 
ATOM   365  C  CZ  . PHE A 1 52  ? -14.013 14.161  6.019   1.00 14.44 ? 52  PHE A CZ  1 
ATOM   366  N  N   . SER A 1 53  ? -15.804 11.241  -0.529  1.00 12.49 ? 53  SER A N   1 
ATOM   367  C  CA  . SER A 1 53  ? -16.656 10.417  -1.389  1.00 14.00 ? 53  SER A CA  1 
ATOM   368  C  C   . SER A 1 53  ? -15.990 9.069   -1.718  1.00 12.61 ? 53  SER A C   1 
ATOM   369  O  O   . SER A 1 53  ? -16.661 8.040   -1.738  1.00 12.97 ? 53  SER A O   1 
ATOM   370  C  CB  . SER A 1 53  ? -17.055 11.172  -2.662  1.00 16.79 ? 53  SER A CB  1 
ATOM   371  O  OG  . SER A 1 53  ? -15.922 11.470  -3.459  1.00 22.46 ? 53  SER A OG  1 
ATOM   372  N  N   . PHE A 1 54  ? -14.674 9.065   -1.932  1.00 11.98 ? 54  PHE A N   1 
ATOM   373  C  CA  . PHE A 1 54  ? -13.956 7.818   -2.220  1.00 11.83 ? 54  PHE A CA  1 
ATOM   374  C  C   . PHE A 1 54  ? -14.058 6.836   -1.040  1.00 10.55 ? 54  PHE A C   1 
ATOM   375  O  O   . PHE A 1 54  ? -14.382 5.665   -1.224  1.00 11.56 ? 54  PHE A O   1 
ATOM   376  C  CB  . PHE A 1 54  ? -12.470 8.080   -2.539  1.00 11.85 ? 54  PHE A CB  1 
ATOM   377  C  CG  . PHE A 1 54  ? -11.638 6.818   -2.614  1.00 13.60 ? 54  PHE A CG  1 
ATOM   378  C  CD1 . PHE A 1 54  ? -11.647 6.026   -3.765  1.00 15.31 ? 54  PHE A CD1 1 
ATOM   379  C  CD2 . PHE A 1 54  ? -10.902 6.390   -1.508  1.00 14.13 ? 54  PHE A CD2 1 
ATOM   380  C  CE1 . PHE A 1 54  ? -10.940 4.817   -3.811  1.00 15.94 ? 54  PHE A CE1 1 
ATOM   381  C  CE2 . PHE A 1 54  ? -10.191 5.184   -1.543  1.00 16.06 ? 54  PHE A CE2 1 
ATOM   382  C  CZ  . PHE A 1 54  ? -10.213 4.394   -2.698  1.00 16.51 ? 54  PHE A CZ  1 
ATOM   383  N  N   . ALA A 1 55  ? -13.775 7.323   0.166   1.00 10.65 ? 55  ALA A N   1 
ATOM   384  C  CA  . ALA A 1 55  ? -13.828 6.491   1.363   1.00 11.03 ? 55  ALA A CA  1 
ATOM   385  C  C   . ALA A 1 55  ? -15.241 5.995   1.686   1.00 11.75 ? 55  ALA A C   1 
ATOM   386  O  O   . ALA A 1 55  ? -15.423 4.830   2.041   1.00 12.49 ? 55  ALA A O   1 
ATOM   387  C  CB  . ALA A 1 55  ? -13.243 7.243   2.551   1.00 11.18 ? 55  ALA A CB  1 
ATOM   388  N  N   . GLU A 1 56  ? -16.232 6.877   1.554   1.00 13.38 ? 56  GLU A N   1 
ATOM   389  C  CA  . GLU A 1 56  ? -17.629 6.527   1.827   1.00 15.16 ? 56  GLU A CA  1 
ATOM   390  C  C   . GLU A 1 56  ? -18.166 5.416   0.923   1.00 15.20 ? 56  GLU A C   1 
ATOM   391  O  O   . GLU A 1 56  ? -18.969 4.597   1.356   1.00 15.72 ? 56  GLU A O   1 
ATOM   392  C  CB  . GLU A 1 56  ? -18.535 7.749   1.671   1.00 16.82 ? 56  GLU A CB  1 
ATOM   393  C  CG  . GLU A 1 56  ? -18.387 8.805   2.755   1.00 20.89 ? 56  GLU A CG  1 
ATOM   394  C  CD  . GLU A 1 56  ? -19.160 10.088  2.447   1.00 23.77 ? 56  GLU A CD  1 
ATOM   395  O  OE1 . GLU A 1 56  ? -19.847 10.157  1.400   1.00 25.22 ? 56  GLU A OE1 1 
ATOM   396  O  OE2 . GLU A 1 56  ? -19.070 11.040  3.253   1.00 24.83 ? 56  GLU A OE2 1 
ATOM   397  N  N   . SER A 1 57  ? -17.724 5.395   -0.330  1.00 15.12 ? 57  SER A N   1 
ATOM   398  C  CA  . SER A 1 57  ? -18.195 4.388   -1.281  1.00 15.67 ? 57  SER A CA  1 
ATOM   399  C  C   . SER A 1 57  ? -17.280 3.173   -1.459  1.00 15.21 ? 57  SER A C   1 
ATOM   400  O  O   . SER A 1 57  ? -17.596 2.271   -2.239  1.00 15.59 ? 57  SER A O   1 
ATOM   401  C  CB  . SER A 1 57  ? -18.440 5.044   -2.639  1.00 16.52 ? 57  SER A CB  1 
ATOM   402  O  OG  . SER A 1 57  ? -17.259 5.670   -3.101  1.00 18.93 ? 57  SER A OG  1 
ATOM   403  N  N   . ALA A 1 58  ? -16.169 3.140   -0.725  1.00 14.12 ? 58  ALA A N   1 
ATOM   404  C  CA  . ALA A 1 58  ? -15.206 2.043   -0.820  1.00 14.55 ? 58  ALA A CA  1 
ATOM   405  C  C   . ALA A 1 58  ? -15.810 0.651   -0.616  1.00 14.21 ? 58  ALA A C   1 
ATOM   406  O  O   . ALA A 1 58  ? -15.555 -0.250  -1.405  1.00 15.05 ? 58  ALA A O   1 
ATOM   407  C  CB  . ALA A 1 58  ? -14.050 2.271   0.150   1.00 14.65 ? 58  ALA A CB  1 
ATOM   408  N  N   . GLU A 1 59  ? -16.607 0.480   0.435   1.00 15.42 ? 59  GLU A N   1 
ATOM   409  C  CA  . GLU A 1 59  ? -17.235 -0.812  0.711   1.00 18.16 ? 59  GLU A CA  1 
ATOM   410  C  C   . GLU A 1 59  ? -18.183 -1.225  -0.409  1.00 18.16 ? 59  GLU A C   1 
ATOM   411  O  O   . GLU A 1 59  ? -18.153 -2.371  -0.854  1.00 17.85 ? 59  GLU A O   1 
ATOM   412  C  CB  . GLU A 1 59  ? -18.009 -0.783  2.032   1.00 20.20 ? 59  GLU A CB  1 
ATOM   413  C  CG  . GLU A 1 59  ? -17.152 -0.543  3.256   1.00 24.25 ? 59  GLU A CG  1 
ATOM   414  C  CD  . GLU A 1 59  ? -17.828 -0.982  4.551   1.00 27.18 ? 59  GLU A CD  1 
ATOM   415  O  OE1 . GLU A 1 59  ? -17.096 -1.361  5.497   1.00 27.32 ? 59  GLU A OE1 1 
ATOM   416  O  OE2 . GLU A 1 59  ? -19.083 -0.950  4.618   1.00 28.78 ? 59  GLU A OE2 1 
ATOM   417  N  N   . GLU A 1 60  ? -19.005 -0.281  -0.867  1.00 19.18 ? 60  GLU A N   1 
ATOM   418  C  CA  . GLU A 1 60  ? -19.969 -0.525  -1.943  1.00 20.56 ? 60  GLU A CA  1 
ATOM   419  C  C   . GLU A 1 60  ? -19.278 -0.810  -3.277  1.00 19.96 ? 60  GLU A C   1 
ATOM   420  O  O   . GLU A 1 60  ? -19.810 -1.550  -4.106  1.00 20.10 ? 60  GLU A O   1 
ATOM   421  C  CB  . GLU A 1 60  ? -20.927 0.662   -2.097  1.00 23.50 ? 60  GLU A CB  1 
ATOM   422  C  CG  . GLU A 1 60  ? -21.643 1.080   -0.809  1.00 27.61 ? 60  GLU A CG  1 
ATOM   423  C  CD  . GLU A 1 60  ? -20.912 2.188   -0.044  1.00 30.04 ? 60  GLU A CD  1 
ATOM   424  O  OE1 . GLU A 1 60  ? -21.357 3.362   -0.151  1.00 31.29 ? 60  GLU A OE1 1 
ATOM   425  O  OE2 . GLU A 1 60  ? -19.907 1.894   0.653   1.00 25.92 ? 60  GLU A OE2 1 
ATOM   426  N  N   . ASN A 1 61  ? -18.103 -0.215  -3.482  1.00 19.41 ? 61  ASN A N   1 
ATOM   427  C  CA  . ASN A 1 61  ? -17.325 -0.423  -4.706  1.00 18.98 ? 61  ASN A CA  1 
ATOM   428  C  C   . ASN A 1 61  ? -16.569 -1.752  -4.686  1.00 17.77 ? 61  ASN A C   1 
ATOM   429  O  O   . ASN A 1 61  ? -15.829 -2.059  -5.616  1.00 18.20 ? 61  ASN A O   1 
ATOM   430  C  CB  . ASN A 1 61  ? -16.335 0.725   -4.939  1.00 20.57 ? 61  ASN A CB  1 
ATOM   431  C  CG  . ASN A 1 61  ? -17.004 1.988   -5.464  1.00 22.44 ? 61  ASN A CG  1 
ATOM   432  O  OD1 . ASN A 1 61  ? -16.444 3.082   -5.371  1.00 23.93 ? 61  ASN A OD1 1 
ATOM   433  N  ND2 . ASN A 1 61  ? -18.193 1.844   -6.030  1.00 22.82 ? 61  ASN A ND2 1 
ATOM   434  N  N   . GLY A 1 62  ? -16.709 -2.503  -3.595  1.00 17.10 ? 62  GLY A N   1 
ATOM   435  C  CA  . GLY A 1 62  ? -16.069 -3.804  -3.477  1.00 16.40 ? 62  GLY A CA  1 
ATOM   436  C  C   . GLY A 1 62  ? -14.658 -3.895  -2.918  1.00 15.71 ? 62  GLY A C   1 
ATOM   437  O  O   . GLY A 1 62  ? -14.085 -4.986  -2.881  1.00 15.63 ? 62  GLY A O   1 
ATOM   438  N  N   . TYR A 1 63  ? -14.100 -2.777  -2.460  1.00 14.59 ? 63  TYR A N   1 
ATOM   439  C  CA  . TYR A 1 63  ? -12.746 -2.787  -1.913  1.00 13.96 ? 63  TYR A CA  1 
ATOM   440  C  C   . TYR A 1 63  ? -12.710 -3.410  -0.527  1.00 14.16 ? 63  TYR A C   1 
ATOM   441  O  O   . TYR A 1 63  ? -13.555 -3.110  0.318   1.00 14.81 ? 63  TYR A O   1 
ATOM   442  C  CB  . TYR A 1 63  ? -12.166 -1.371  -1.858  1.00 13.71 ? 63  TYR A CB  1 
ATOM   443  C  CG  . TYR A 1 63  ? -12.133 -0.677  -3.198  1.00 13.96 ? 63  TYR A CG  1 
ATOM   444  C  CD1 . TYR A 1 63  ? -12.500 0.662   -3.317  1.00 13.21 ? 63  TYR A CD1 1 
ATOM   445  C  CD2 . TYR A 1 63  ? -11.768 -1.368  -4.356  1.00 14.35 ? 63  TYR A CD2 1 
ATOM   446  C  CE1 . TYR A 1 63  ? -12.513 1.295   -4.551  1.00 14.83 ? 63  TYR A CE1 1 
ATOM   447  C  CE2 . TYR A 1 63  ? -11.777 -0.745  -5.597  1.00 15.70 ? 63  TYR A CE2 1 
ATOM   448  C  CZ  . TYR A 1 63  ? -12.154 0.584   -5.688  1.00 15.70 ? 63  TYR A CZ  1 
ATOM   449  O  OH  . TYR A 1 63  ? -12.202 1.195   -6.916  1.00 16.42 ? 63  TYR A OH  1 
ATOM   450  N  N   . GLN A 1 64  ? -11.738 -4.294  -0.316  1.00 12.68 ? 64  GLN A N   1 
ATOM   451  C  CA  . GLN A 1 64  ? -11.562 -4.967  0.967   1.00 12.44 ? 64  GLN A CA  1 
ATOM   452  C  C   . GLN A 1 64  ? -10.298 -4.466  1.656   1.00 11.40 ? 64  GLN A C   1 
ATOM   453  O  O   . GLN A 1 64  ? -10.111 -4.667  2.853   1.00 12.29 ? 64  GLN A O   1 
ATOM   454  C  CB  . GLN A 1 64  ? -11.510 -6.476  0.769   1.00 13.27 ? 64  GLN A CB  1 
ATOM   455  C  CG  . GLN A 1 64  ? -12.781 -7.017  0.152   1.00 17.08 ? 64  GLN A CG  1 
ATOM   456  C  CD  . GLN A 1 64  ? -12.757 -8.516  -0.038  1.00 18.51 ? 64  GLN A CD  1 
ATOM   457  O  OE1 . GLN A 1 64  ? -11.791 -9.191  0.319   1.00 20.82 ? 64  GLN A OE1 1 
ATOM   458  N  NE2 . GLN A 1 64  ? -13.840 -9.050  -0.592  1.00 22.31 ? 64  GLN A NE2 1 
ATOM   459  N  N   . VAL A 1 65  ? -9.423  -3.835  0.879   1.00 11.30 ? 65  VAL A N   1 
ATOM   460  C  CA  . VAL A 1 65  ? -8.185  -3.264  1.399   1.00 9.01  ? 65  VAL A CA  1 
ATOM   461  C  C   . VAL A 1 65  ? -7.884  -2.013  0.590   1.00 9.24  ? 65  VAL A C   1 
ATOM   462  O  O   . VAL A 1 65  ? -8.093  -1.984  -0.629  1.00 8.59  ? 65  VAL A O   1 
ATOM   463  C  CB  . VAL A 1 65  ? -6.962  -4.207  1.240   1.00 9.29  ? 65  VAL A CB  1 
ATOM   464  C  CG1 . VAL A 1 65  ? -5.742  -3.597  1.930   1.00 7.73  ? 65  VAL A CG1 1 
ATOM   465  C  CG2 . VAL A 1 65  ? -7.254  -5.592  1.796   1.00 10.46 ? 65  VAL A CG2 1 
ATOM   466  N  N   . ILE A 1 66  ? -7.420  -0.972  1.276   1.00 8.07  ? 66  ILE A N   1 
ATOM   467  C  CA  . ILE A 1 66  ? -7.047  0.272   0.623   1.00 8.17  ? 66  ILE A CA  1 
ATOM   468  C  C   . ILE A 1 66  ? -5.594  0.575   0.989   1.00 8.61  ? 66  ILE A C   1 
ATOM   469  O  O   . ILE A 1 66  ? -5.237  0.548   2.162   1.00 9.94  ? 66  ILE A O   1 
ATOM   470  C  CB  . ILE A 1 66  ? -7.928  1.459   1.087   1.00 8.18  ? 66  ILE A CB  1 
ATOM   471  C  CG1 . ILE A 1 66  ? -9.382  1.248   0.647   1.00 8.28  ? 66  ILE A CG1 1 
ATOM   472  C  CG2 . ILE A 1 66  ? -7.380  2.778   0.531   1.00 7.84  ? 66  ILE A CG2 1 
ATOM   473  C  CD1 . ILE A 1 66  ? -10.369 2.223   1.279   1.00 9.11  ? 66  ILE A CD1 1 
ATOM   474  N  N   . ILE A 1 67  ? -4.758  0.790   -0.025  1.00 7.74  ? 67  ILE A N   1 
ATOM   475  C  CA  . ILE A 1 67  ? -3.350  1.138   0.167   1.00 7.38  ? 67  ILE A CA  1 
ATOM   476  C  C   . ILE A 1 67  ? -3.237  2.612   -0.215  1.00 7.75  ? 67  ILE A C   1 
ATOM   477  O  O   . ILE A 1 67  ? -3.541  2.991   -1.348  1.00 7.95  ? 67  ILE A O   1 
ATOM   478  C  CB  . ILE A 1 67  ? -2.425  0.317   -0.755  1.00 7.61  ? 67  ILE A CB  1 
ATOM   479  C  CG1 . ILE A 1 67  ? -2.480  -1.165  -0.374  1.00 7.65  ? 67  ILE A CG1 1 
ATOM   480  C  CG2 . ILE A 1 67  ? -0.998  0.847   -0.680  1.00 8.31  ? 67  ILE A CG2 1 
ATOM   481  C  CD1 . ILE A 1 67  ? -1.762  -2.071  -1.349  1.00 8.57  ? 67  ILE A CD1 1 
ATOM   482  N  N   . ALA A 1 68  ? -2.815  3.439   0.737   1.00 7.54  ? 68  ALA A N   1 
ATOM   483  C  CA  . ALA A 1 68  ? -2.701  4.874   0.513   1.00 7.02  ? 68  ALA A CA  1 
ATOM   484  C  C   . ALA A 1 68  ? -1.288  5.389   0.766   1.00 7.12  ? 68  ALA A C   1 
ATOM   485  O  O   . ALA A 1 68  ? -0.705  5.137   1.823   1.00 6.74  ? 68  ALA A O   1 
ATOM   486  C  CB  . ALA A 1 68  ? -3.703  5.613   1.399   1.00 6.93  ? 68  ALA A CB  1 
ATOM   487  N  N   . GLY A 1 69  ? -0.747  6.112   -0.211  1.00 7.96  ? 69  GLY A N   1 
ATOM   488  C  CA  . GLY A 1 69  ? 0.595   6.655   -0.081  1.00 8.70  ? 69  GLY A CA  1 
ATOM   489  C  C   . GLY A 1 69  ? 0.625   8.174   -0.089  1.00 8.58  ? 69  GLY A C   1 
ATOM   490  O  O   . GLY A 1 69  ? -0.120  8.810   -0.835  1.00 8.94  ? 69  GLY A O   1 
ATOM   491  N  N   . ALA A 1 70  ? 1.490   8.758   0.735   1.00 8.43  ? 70  ALA A N   1 
ATOM   492  C  CA  . ALA A 1 70  ? 1.616   10.214  0.807   1.00 9.52  ? 70  ALA A CA  1 
ATOM   493  C  C   . ALA A 1 70  ? 2.907   10.620  1.518   1.00 9.74  ? 70  ALA A C   1 
ATOM   494  O  O   . ALA A 1 70  ? 3.451   9.844   2.304   1.00 9.67  ? 70  ALA A O   1 
ATOM   495  C  CB  . ALA A 1 70  ? 0.403   10.817  1.517   1.00 11.27 ? 70  ALA A CB  1 
ATOM   496  N  N   . GLY A 1 71  ? 3.391   11.827  1.218   1.00 10.44 ? 71  GLY A N   1 
ATOM   497  C  CA  . GLY A 1 71  ? 4.614   12.332  1.824   1.00 10.88 ? 71  GLY A CA  1 
ATOM   498  C  C   . GLY A 1 71  ? 4.431   13.663  2.537   1.00 11.46 ? 71  GLY A C   1 
ATOM   499  O  O   . GLY A 1 71  ? 3.435   14.357  2.319   1.00 11.64 ? 71  GLY A O   1 
ATOM   500  N  N   . GLY A 1 72  ? 5.401   14.021  3.381   1.00 10.71 ? 72  GLY A N   1 
ATOM   501  C  CA  . GLY A 1 72  ? 5.343   15.271  4.134   1.00 10.76 ? 72  GLY A CA  1 
ATOM   502  C  C   . GLY A 1 72  ? 4.298   15.177  5.230   1.00 10.36 ? 72  GLY A C   1 
ATOM   503  O  O   . GLY A 1 72  ? 4.362   14.273  6.072   1.00 10.85 ? 72  GLY A O   1 
ATOM   504  N  N   . ALA A 1 73  ? 3.373   16.133  5.265   1.00 11.20 ? 73  ALA A N   1 
ATOM   505  C  CA  . ALA A 1 73  ? 2.285   16.085  6.244   1.00 12.55 ? 73  ALA A CA  1 
ATOM   506  C  C   . ALA A 1 73  ? 1.297   15.135  5.558   1.00 13.22 ? 73  ALA A C   1 
ATOM   507  O  O   . ALA A 1 73  ? 0.349   15.568  4.896   1.00 14.26 ? 73  ALA A O   1 
ATOM   508  C  CB  . ALA A 1 73  ? 1.672   17.471  6.437   1.00 13.38 ? 73  ALA A CB  1 
ATOM   509  N  N   . ALA A 1 74  ? 1.592   13.839  5.660   1.00 12.06 ? 74  ALA A N   1 
ATOM   510  C  CA  . ALA A 1 74  ? 0.811   12.774  5.030   1.00 11.82 ? 74  ALA A CA  1 
ATOM   511  C  C   . ALA A 1 74  ? -0.498  12.459  5.746   1.00 11.55 ? 74  ALA A C   1 
ATOM   512  O  O   . ALA A 1 74  ? -0.560  11.556  6.584   1.00 14.14 ? 74  ALA A O   1 
ATOM   513  C  CB  . ALA A 1 74  ? 1.673   11.525  4.895   1.00 11.65 ? 74  ALA A CB  1 
ATOM   514  N  N   . HIS A 1 75  ? -1.548  13.187  5.376   1.00 10.16 ? 75  HIS A N   1 
ATOM   515  C  CA  . HIS A 1 75  ? -2.876  13.041  5.977   1.00 10.45 ? 75  HIS A CA  1 
ATOM   516  C  C   . HIS A 1 75  ? -3.828  12.076  5.255   1.00 10.49 ? 75  HIS A C   1 
ATOM   517  O  O   . HIS A 1 75  ? -4.826  11.620  5.834   1.00 10.94 ? 75  HIS A O   1 
ATOM   518  C  CB  . HIS A 1 75  ? -3.548  14.415  6.064   1.00 10.44 ? 75  HIS A CB  1 
ATOM   519  C  CG  . HIS A 1 75  ? -2.819  15.400  6.927   1.00 10.78 ? 75  HIS A CG  1 
ATOM   520  N  ND1 . HIS A 1 75  ? -3.297  16.669  7.168   1.00 10.86 ? 75  HIS A ND1 1 
ATOM   521  C  CD2 . HIS A 1 75  ? -1.652  15.303  7.610   1.00 11.24 ? 75  HIS A CD2 1 
ATOM   522  C  CE1 . HIS A 1 75  ? -2.459  17.312  7.961   1.00 12.12 ? 75  HIS A CE1 1 
ATOM   523  N  NE2 . HIS A 1 75  ? -1.452  16.504  8.244   1.00 10.69 ? 75  HIS A NE2 1 
ATOM   524  N  N   . LEU A 1 76  ? -3.520  11.768  3.998   1.00 9.24  ? 76  LEU A N   1 
ATOM   525  C  CA  . LEU A 1 76  ? -4.355  10.890  3.190   1.00 7.66  ? 76  LEU A CA  1 
ATOM   526  C  C   . LEU A 1 76  ? -4.769  9.552   3.813   1.00 7.28  ? 76  LEU A C   1 
ATOM   527  O  O   . LEU A 1 76  ? -5.962  9.274   3.927   1.00 7.21  ? 76  LEU A O   1 
ATOM   528  C  CB  . LEU A 1 76  ? -3.719  10.653  1.818   1.00 8.51  ? 76  LEU A CB  1 
ATOM   529  C  CG  . LEU A 1 76  ? -4.503  9.751   0.867   1.00 8.23  ? 76  LEU A CG  1 
ATOM   530  C  CD1 . LEU A 1 76  ? -5.817  10.410  0.488   1.00 7.89  ? 76  LEU A CD1 1 
ATOM   531  C  CD2 . LEU A 1 76  ? -3.667  9.469   -0.374  1.00 9.98  ? 76  LEU A CD2 1 
ATOM   532  N  N   . PRO A 1 77  ? -3.805  8.718   4.245   1.00 6.42  ? 77  PRO A N   1 
ATOM   533  C  CA  . PRO A 1 77  ? -4.196  7.432   4.835   1.00 6.92  ? 77  PRO A CA  1 
ATOM   534  C  C   . PRO A 1 77  ? -5.150  7.548   6.026   1.00 6.76  ? 77  PRO A C   1 
ATOM   535  O  O   . PRO A 1 77  ? -6.187  6.876   6.067   1.00 8.04  ? 77  PRO A O   1 
ATOM   536  C  CB  . PRO A 1 77  ? -2.850  6.826   5.262   1.00 6.77  ? 77  PRO A CB  1 
ATOM   537  C  CG  . PRO A 1 77  ? -1.886  7.420   4.293   1.00 6.65  ? 77  PRO A CG  1 
ATOM   538  C  CD  . PRO A 1 77  ? -2.338  8.854   4.221   1.00 6.70  ? 77  PRO A CD  1 
ATOM   539  N  N   . GLY A 1 78  ? -4.797  8.415   6.973   1.00 6.78  ? 78  GLY A N   1 
ATOM   540  C  CA  . GLY A 1 78  ? -5.593  8.598   8.176   1.00 6.13  ? 78  GLY A CA  1 
ATOM   541  C  C   . GLY A 1 78  ? -6.988  9.147   7.966   1.00 6.58  ? 78  GLY A C   1 
ATOM   542  O  O   . GLY A 1 78  ? -7.929  8.730   8.646   1.00 7.86  ? 78  GLY A O   1 
HETATM 543  N  N   . MSE A 1 79  ? -7.133  10.098  7.051   1.00 7.80  ? 79  MSE A N   1 
HETATM 544  C  CA  . MSE A 1 79  ? -8.452  10.662  6.798   1.00 8.39  ? 79  MSE A CA  1 
HETATM 545  C  C   . MSE A 1 79  ? -9.359  9.643   6.099   1.00 8.34  ? 79  MSE A C   1 
HETATM 546  O  O   . MSE A 1 79  ? -10.567 9.619   6.347   1.00 9.52  ? 79  MSE A O   1 
HETATM 547  C  CB  . MSE A 1 79  ? -8.356  11.990  6.046   1.00 9.94  ? 79  MSE A CB  1 
HETATM 548  C  CG  . MSE A 1 79  ? -7.717  13.138  6.869   1.00 11.58 ? 79  MSE A CG  1 
HETATM 549  SE SE  . MSE A 1 79  ? -8.536  13.370  8.554   1.00 14.95 ? 79  MSE A SE  1 
HETATM 550  C  CE  . MSE A 1 79  ? -10.224 13.760  7.932   1.00 8.66  ? 79  MSE A CE  1 
ATOM   551  N  N   . ILE A 1 80  ? -8.780  8.769   5.270   1.00 7.13  ? 80  ILE A N   1 
ATOM   552  C  CA  . ILE A 1 80  ? -9.569  7.719   4.609   1.00 8.11  ? 80  ILE A CA  1 
ATOM   553  C  C   . ILE A 1 80  ? -10.036 6.739   5.690   1.00 7.76  ? 80  ILE A C   1 
ATOM   554  O  O   . ILE A 1 80  ? -11.212 6.372   5.742   1.00 6.77  ? 80  ILE A O   1 
ATOM   555  C  CB  . ILE A 1 80  ? -8.745  6.932   3.543   1.00 7.97  ? 80  ILE A CB  1 
ATOM   556  C  CG1 . ILE A 1 80  ? -8.479  7.813   2.325   1.00 8.92  ? 80  ILE A CG1 1 
ATOM   557  C  CG2 . ILE A 1 80  ? -9.488  5.665   3.106   1.00 7.84  ? 80  ILE A CG2 1 
ATOM   558  C  CD1 . ILE A 1 80  ? -7.588  7.158   1.288   1.00 9.99  ? 80  ILE A CD1 1 
ATOM   559  N  N   . ALA A 1 81  ? -9.103  6.344   6.563   1.00 7.10  ? 81  ALA A N   1 
ATOM   560  C  CA  . ALA A 1 81  ? -9.394  5.416   7.655   1.00 7.36  ? 81  ALA A CA  1 
ATOM   561  C  C   . ALA A 1 81  ? -10.475 5.946   8.603   1.00 9.00  ? 81  ALA A C   1 
ATOM   562  O  O   . ALA A 1 81  ? -11.194 5.167   9.227   1.00 10.65 ? 81  ALA A O   1 
ATOM   563  C  CB  . ALA A 1 81  ? -8.124  5.109   8.436   1.00 8.29  ? 81  ALA A CB  1 
ATOM   564  N  N   . ALA A 1 82  ? -10.581 7.267   8.711   1.00 8.97  ? 82  ALA A N   1 
ATOM   565  C  CA  . ALA A 1 82  ? -11.574 7.889   9.581   1.00 9.73  ? 82  ALA A CA  1 
ATOM   566  C  C   . ALA A 1 82  ? -12.977 7.827   8.983   1.00 10.39 ? 82  ALA A C   1 
ATOM   567  O  O   . ALA A 1 82  ? -13.972 7.927   9.703   1.00 11.10 ? 82  ALA A O   1 
ATOM   568  C  CB  . ALA A 1 82  ? -11.191 9.339   9.852   1.00 9.53  ? 82  ALA A CB  1 
ATOM   569  N  N   . LYS A 1 83  ? -13.042 7.603   7.672   1.00 10.69 ? 83  LYS A N   1 
ATOM   570  C  CA  . LYS A 1 83  ? -14.307 7.574   6.941   1.00 11.46 ? 83  LYS A CA  1 
ATOM   571  C  C   . LYS A 1 83  ? -14.811 6.217   6.443   1.00 11.40 ? 83  LYS A C   1 
ATOM   572  O  O   . LYS A 1 83  ? -15.838 6.153   5.763   1.00 12.53 ? 83  LYS A O   1 
ATOM   573  C  CB  . LYS A 1 83  ? -14.225 8.553   5.763   1.00 11.20 ? 83  LYS A CB  1 
ATOM   574  C  CG  . LYS A 1 83  ? -14.210 10.026  6.167   1.00 12.02 ? 83  LYS A CG  1 
ATOM   575  C  CD  . LYS A 1 83  ? -15.575 10.481  6.635   1.00 13.54 ? 83  LYS A CD  1 
ATOM   576  C  CE  . LYS A 1 83  ? -16.586 10.398  5.510   1.00 13.10 ? 83  LYS A CE  1 
ATOM   577  N  NZ  . LYS A 1 83  ? -17.938 10.784  5.980   1.00 15.63 ? 83  LYS A NZ  1 
ATOM   578  N  N   . THR A 1 84  ? -14.095 5.143   6.756   1.00 10.15 ? 84  THR A N   1 
ATOM   579  C  CA  . THR A 1 84  ? -14.506 3.804   6.324   1.00 9.88  ? 84  THR A CA  1 
ATOM   580  C  C   . THR A 1 84  ? -13.964 2.714   7.239   1.00 9.10  ? 84  THR A C   1 
ATOM   581  O  O   . THR A 1 84  ? -12.970 2.914   7.934   1.00 9.00  ? 84  THR A O   1 
ATOM   582  C  CB  . THR A 1 84  ? -14.034 3.504   4.871   1.00 10.24 ? 84  THR A CB  1 
ATOM   583  O  OG1 . THR A 1 84  ? -14.542 2.229   4.447   1.00 10.50 ? 84  THR A OG1 1 
ATOM   584  C  CG2 . THR A 1 84  ? -12.502 3.482   4.787   1.00 8.80  ? 84  THR A CG2 1 
ATOM   585  N  N   . LEU A 1 85  ? -14.642 1.568   7.245   1.00 9.31  ? 85  LEU A N   1 
ATOM   586  C  CA  . LEU A 1 85  ? -14.216 0.419   8.035   1.00 9.52  ? 85  LEU A CA  1 
ATOM   587  C  C   . LEU A 1 85  ? -13.332 -0.527  7.221   1.00 8.56  ? 85  LEU A C   1 
ATOM   588  O  O   . LEU A 1 85  ? -12.824 -1.521  7.750   1.00 9.61  ? 85  LEU A O   1 
ATOM   589  C  CB  . LEU A 1 85  ? -15.419 -0.334  8.605   1.00 12.16 ? 85  LEU A CB  1 
ATOM   590  C  CG  . LEU A 1 85  ? -16.068 0.287   9.846   1.00 14.74 ? 85  LEU A CG  1 
ATOM   591  C  CD1 . LEU A 1 85  ? -17.223 -0.584  10.311  1.00 15.67 ? 85  LEU A CD1 1 
ATOM   592  C  CD2 . LEU A 1 85  ? -15.033 0.419   10.952  1.00 15.00 ? 85  LEU A CD2 1 
ATOM   593  N  N   . VAL A 1 86  ? -13.178 -0.241  5.927   1.00 8.63  ? 86  VAL A N   1 
ATOM   594  C  CA  . VAL A 1 86  ? -12.315 -1.049  5.062   1.00 8.27  ? 86  VAL A CA  1 
ATOM   595  C  C   . VAL A 1 86  ? -10.887 -0.819  5.561   1.00 8.59  ? 86  VAL A C   1 
ATOM   596  O  O   . VAL A 1 86  ? -10.487 0.326   5.793   1.00 9.94  ? 86  VAL A O   1 
ATOM   597  C  CB  . VAL A 1 86  ? -12.409 -0.603  3.578   1.00 8.58  ? 86  VAL A CB  1 
ATOM   598  C  CG1 . VAL A 1 86  ? -11.365 -1.336  2.723   1.00 8.72  ? 86  VAL A CG1 1 
ATOM   599  C  CG2 . VAL A 1 86  ? -13.806 -0.868  3.037   1.00 9.59  ? 86  VAL A CG2 1 
ATOM   600  N  N   . PRO A 1 87  ? -10.118 -1.901  5.774   1.00 8.58  ? 87  PRO A N   1 
ATOM   601  C  CA  . PRO A 1 87  ? -8.732  -1.798  6.252   1.00 8.82  ? 87  PRO A CA  1 
ATOM   602  C  C   . PRO A 1 87  ? -7.865  -0.883  5.385   1.00 8.07  ? 87  PRO A C   1 
ATOM   603  O  O   . PRO A 1 87  ? -7.868  -0.999  4.160   1.00 8.18  ? 87  PRO A O   1 
ATOM   604  C  CB  . PRO A 1 87  ? -8.240  -3.246  6.175   1.00 10.20 ? 87  PRO A CB  1 
ATOM   605  C  CG  . PRO A 1 87  ? -9.488  -4.042  6.399   1.00 9.84  ? 87  PRO A CG  1 
ATOM   606  C  CD  . PRO A 1 87  ? -10.515 -3.309  5.591   1.00 8.17  ? 87  PRO A CD  1 
ATOM   607  N  N   . VAL A 1 88  ? -7.126  0.021   6.025   1.00 7.81  ? 88  VAL A N   1 
ATOM   608  C  CA  . VAL A 1 88  ? -6.246  0.942   5.310   1.00 6.99  ? 88  VAL A CA  1 
ATOM   609  C  C   . VAL A 1 88  ? -4.774  0.715   5.653   1.00 6.65  ? 88  VAL A C   1 
ATOM   610  O  O   . VAL A 1 88  ? -4.412  0.623   6.830   1.00 7.21  ? 88  VAL A O   1 
ATOM   611  C  CB  . VAL A 1 88  ? -6.607  2.423   5.604   1.00 6.39  ? 88  VAL A CB  1 
ATOM   612  C  CG1 . VAL A 1 88  ? -5.609  3.366   4.931   1.00 8.52  ? 88  VAL A CG1 1 
ATOM   613  C  CG2 . VAL A 1 88  ? -8.018  2.725   5.115   1.00 8.31  ? 88  VAL A CG2 1 
ATOM   614  N  N   . LEU A 1 89  ? -3.949  0.593   4.612   1.00 6.77  ? 89  LEU A N   1 
ATOM   615  C  CA  . LEU A 1 89  ? -2.505  0.411   4.750   1.00 7.22  ? 89  LEU A CA  1 
ATOM   616  C  C   . LEU A 1 89  ? -1.841  1.681   4.229   1.00 8.03  ? 89  LEU A C   1 
ATOM   617  O  O   . LEU A 1 89  ? -2.186  2.167   3.151   1.00 9.05  ? 89  LEU A O   1 
ATOM   618  C  CB  . LEU A 1 89  ? -2.021  -0.803  3.947   1.00 7.61  ? 89  LEU A CB  1 
ATOM   619  C  CG  . LEU A 1 89  ? -2.710  -2.130  4.269   1.00 8.04  ? 89  LEU A CG  1 
ATOM   620  C  CD1 . LEU A 1 89  ? -2.096  -3.231  3.427   1.00 8.66  ? 89  LEU A CD1 1 
ATOM   621  C  CD2 . LEU A 1 89  ? -2.600  -2.448  5.752   1.00 9.21  ? 89  LEU A CD2 1 
ATOM   622  N  N   . GLY A 1 90  ? -0.901  2.217   5.001   1.00 7.09  ? 90  GLY A N   1 
ATOM   623  C  CA  . GLY A 1 90  ? -0.235  3.445   4.613   1.00 7.15  ? 90  GLY A CA  1 
ATOM   624  C  C   . GLY A 1 90  ? 1.227   3.319   4.246   1.00 7.16  ? 90  GLY A C   1 
ATOM   625  O  O   . GLY A 1 90  ? 1.995   2.626   4.913   1.00 7.21  ? 90  GLY A O   1 
ATOM   626  N  N   . VAL A 1 91  ? 1.609   4.015   3.181   1.00 7.33  ? 91  VAL A N   1 
ATOM   627  C  CA  . VAL A 1 91  ? 2.984   4.011   2.697   1.00 7.21  ? 91  VAL A CA  1 
ATOM   628  C  C   . VAL A 1 91  ? 3.564   5.422   2.780   1.00 6.66  ? 91  VAL A C   1 
ATOM   629  O  O   . VAL A 1 91  ? 3.059   6.354   2.142   1.00 6.08  ? 91  VAL A O   1 
ATOM   630  C  CB  . VAL A 1 91  ? 3.073   3.547   1.225   1.00 7.81  ? 91  VAL A CB  1 
ATOM   631  C  CG1 . VAL A 1 91  ? 4.522   3.600   0.744   1.00 7.69  ? 91  VAL A CG1 1 
ATOM   632  C  CG2 . VAL A 1 91  ? 2.498   2.145   1.078   1.00 7.83  ? 91  VAL A CG2 1 
ATOM   633  N  N   . PRO A 1 92  ? 4.609   5.603   3.601   1.00 7.03  ? 92  PRO A N   1 
ATOM   634  C  CA  . PRO A 1 92  ? 5.238   6.917   3.741   1.00 7.06  ? 92  PRO A CA  1 
ATOM   635  C  C   . PRO A 1 92  ? 6.170   7.177   2.555   1.00 7.52  ? 92  PRO A C   1 
ATOM   636  O  O   . PRO A 1 92  ? 7.134   6.438   2.352   1.00 9.41  ? 92  PRO A O   1 
ATOM   637  C  CB  . PRO A 1 92  ? 6.058   6.770   5.031   1.00 7.86  ? 92  PRO A CB  1 
ATOM   638  C  CG  . PRO A 1 92  ? 5.451   5.576   5.735   1.00 8.35  ? 92  PRO A CG  1 
ATOM   639  C  CD  . PRO A 1 92  ? 5.141   4.661   4.598   1.00 7.11  ? 92  PRO A CD  1 
ATOM   640  N  N   . VAL A 1 93  ? 5.868   8.198   1.757   1.00 7.51  ? 93  VAL A N   1 
ATOM   641  C  CA  . VAL A 1 93  ? 6.720   8.553   0.621   1.00 8.35  ? 93  VAL A CA  1 
ATOM   642  C  C   . VAL A 1 93  ? 7.923   9.354   1.169   1.00 9.80  ? 93  VAL A C   1 
ATOM   643  O  O   . VAL A 1 93  ? 7.781   10.129  2.121   1.00 10.20 ? 93  VAL A O   1 
ATOM   644  C  CB  . VAL A 1 93  ? 5.935   9.376   -0.439  1.00 8.82  ? 93  VAL A CB  1 
ATOM   645  C  CG1 . VAL A 1 93  ? 6.848   9.774   -1.594  1.00 10.45 ? 93  VAL A CG1 1 
ATOM   646  C  CG2 . VAL A 1 93  ? 4.755   8.572   -0.971  1.00 8.40  ? 93  VAL A CG2 1 
ATOM   647  N  N   . GLN A 1 94  ? 9.115   9.119   0.622   1.00 9.12  ? 94  GLN A N   1 
ATOM   648  C  CA  . GLN A 1 94  ? 10.306  9.820   1.092   1.00 11.77 ? 94  GLN A CA  1 
ATOM   649  C  C   . GLN A 1 94  ? 10.315  11.284  0.675   1.00 12.13 ? 94  GLN A C   1 
ATOM   650  O  O   . GLN A 1 94  ? 10.342  11.603  -0.515  1.00 15.93 ? 94  GLN A O   1 
ATOM   651  C  CB  . GLN A 1 94  ? 11.595  9.132   0.617   1.00 13.03 ? 94  GLN A CB  1 
ATOM   652  C  CG  . GLN A 1 94  ? 12.844  9.623   1.366   1.00 15.79 ? 94  GLN A CG  1 
ATOM   653  C  CD  . GLN A 1 94  ? 14.146  8.978   0.895   1.00 18.23 ? 94  GLN A CD  1 
ATOM   654  O  OE1 . GLN A 1 94  ? 14.183  7.796   0.559   1.00 19.68 ? 94  GLN A OE1 1 
ATOM   655  N  NE2 . GLN A 1 94  ? 15.226  9.760   0.883   1.00 19.26 ? 94  GLN A NE2 1 
ATOM   656  N  N   . SER A 1 95  ? 10.274  12.168  1.667   1.00 11.06 ? 95  SER A N   1 
ATOM   657  C  CA  . SER A 1 95  ? 10.289  13.613  1.454   1.00 10.48 ? 95  SER A CA  1 
ATOM   658  C  C   . SER A 1 95  ? 11.740  14.070  1.317   1.00 10.90 ? 95  SER A C   1 
ATOM   659  O  O   . SER A 1 95  ? 12.655  13.397  1.785   1.00 11.43 ? 95  SER A O   1 
ATOM   660  C  CB  . SER A 1 95  ? 9.628   14.324  2.640   1.00 9.88  ? 95  SER A CB  1 
ATOM   661  O  OG  . SER A 1 95  ? 10.233  13.920  3.858   1.00 9.42  ? 95  SER A OG  1 
ATOM   662  N  N   . ALA A 1 96  ? 11.943  15.229  0.700   1.00 12.09 ? 96  ALA A N   1 
ATOM   663  C  CA  . ALA A 1 96  ? 13.289  15.753  0.487   1.00 12.98 ? 96  ALA A CA  1 
ATOM   664  C  C   . ALA A 1 96  ? 14.039  16.109  1.765   1.00 13.35 ? 96  ALA A C   1 
ATOM   665  O  O   . ALA A 1 96  ? 15.035  15.468  2.106   1.00 14.79 ? 96  ALA A O   1 
ATOM   666  C  CB  . ALA A 1 96  ? 13.242  16.958  -0.440  1.00 12.56 ? 96  ALA A CB  1 
ATOM   667  N  N   . ALA A 1 97  ? 13.544  17.115  2.480   1.00 12.38 ? 97  ALA A N   1 
ATOM   668  C  CA  . ALA A 1 97  ? 14.202  17.584  3.694   1.00 12.09 ? 97  ALA A CA  1 
ATOM   669  C  C   . ALA A 1 97  ? 14.292  16.602  4.854   1.00 10.83 ? 97  ALA A C   1 
ATOM   670  O  O   . ALA A 1 97  ? 15.374  16.390  5.404   1.00 11.03 ? 97  ALA A O   1 
ATOM   671  C  CB  . ALA A 1 97  ? 13.567  18.892  4.170   1.00 13.04 ? 97  ALA A CB  1 
ATOM   672  N  N   . LEU A 1 98  ? 13.169  15.990  5.215   1.00 9.61  ? 98  LEU A N   1 
ATOM   673  C  CA  . LEU A 1 98  ? 13.148  15.084  6.356   1.00 9.14  ? 98  LEU A CA  1 
ATOM   674  C  C   . LEU A 1 98  ? 13.264  13.595  6.033   1.00 8.97  ? 98  LEU A C   1 
ATOM   675  O  O   . LEU A 1 98  ? 13.114  12.750  6.919   1.00 8.41  ? 98  LEU A O   1 
ATOM   676  C  CB  . LEU A 1 98  ? 11.924  15.387  7.231   1.00 9.80  ? 98  LEU A CB  1 
ATOM   677  C  CG  . LEU A 1 98  ? 11.881  16.842  7.733   1.00 10.17 ? 98  LEU A CG  1 
ATOM   678  C  CD1 . LEU A 1 98  ? 10.630  17.095  8.543   1.00 10.51 ? 98  LEU A CD1 1 
ATOM   679  C  CD2 . LEU A 1 98  ? 13.119  17.158  8.566   1.00 10.96 ? 98  LEU A CD2 1 
ATOM   680  N  N   . SER A 1 99  ? 13.553  13.288  4.767   1.00 9.05  ? 99  SER A N   1 
ATOM   681  C  CA  . SER A 1 99  ? 13.734  11.912  4.292   1.00 9.32  ? 99  SER A CA  1 
ATOM   682  C  C   . SER A 1 99  ? 12.646  10.915  4.682   1.00 10.03 ? 99  SER A C   1 
ATOM   683  O  O   . SER A 1 99  ? 12.926  9.732   4.921   1.00 10.37 ? 99  SER A O   1 
ATOM   684  C  CB  . SER A 1 99  ? 15.105  11.377  4.716   1.00 10.64 ? 99  SER A CB  1 
ATOM   685  O  OG  . SER A 1 99  ? 16.149  12.108  4.093   1.00 13.43 ? 99  SER A OG  1 
ATOM   686  N  N   . GLY A 1 100 ? 11.407  11.394  4.736   1.00 9.06  ? 100 GLY A N   1 
ATOM   687  C  CA  . GLY A 1 100 ? 10.298  10.523  5.077   1.00 8.49  ? 100 GLY A CA  1 
ATOM   688  C  C   . GLY A 1 100 ? 9.954   10.373  6.548   1.00 7.73  ? 100 GLY A C   1 
ATOM   689  O  O   . GLY A 1 100 ? 9.019   9.648   6.871   1.00 7.79  ? 100 GLY A O   1 
ATOM   690  N  N   . VAL A 1 101 ? 10.706  11.012  7.444   1.00 7.08  ? 101 VAL A N   1 
ATOM   691  C  CA  . VAL A 1 101 ? 10.391  10.909  8.870   1.00 7.31  ? 101 VAL A CA  1 
ATOM   692  C  C   . VAL A 1 101 ? 9.072   11.645  9.151   1.00 6.94  ? 101 VAL A C   1 
ATOM   693  O  O   . VAL A 1 101 ? 8.252   11.176  9.937   1.00 6.20  ? 101 VAL A O   1 
ATOM   694  C  CB  . VAL A 1 101 ? 11.530  11.431  9.764   1.00 7.63  ? 101 VAL A CB  1 
ATOM   695  C  CG1 . VAL A 1 101 ? 11.123  11.358  11.231  1.00 7.67  ? 101 VAL A CG1 1 
ATOM   696  C  CG2 . VAL A 1 101 ? 12.781  10.599  9.530   1.00 7.88  ? 101 VAL A CG2 1 
ATOM   697  N  N   . ASP A 1 102 ? 8.860   12.778  8.485   1.00 6.91  ? 102 ASP A N   1 
ATOM   698  C  CA  . ASP A 1 102 ? 7.605   13.502  8.642   1.00 7.57  ? 102 ASP A CA  1 
ATOM   699  C  C   . ASP A 1 102 ? 6.460   12.641  8.088   1.00 7.91  ? 102 ASP A C   1 
ATOM   700  O  O   . ASP A 1 102 ? 5.415   12.512  8.724   1.00 8.59  ? 102 ASP A O   1 
ATOM   701  C  CB  . ASP A 1 102 ? 7.648   14.893  7.977   1.00 7.65  ? 102 ASP A CB  1 
ATOM   702  C  CG  . ASP A 1 102 ? 8.256   14.892  6.567   1.00 9.42  ? 102 ASP A CG  1 
ATOM   703  O  OD1 . ASP A 1 102 ? 8.681   13.836  6.044   1.00 9.39  ? 102 ASP A OD1 1 
ATOM   704  O  OD2 . ASP A 1 102 ? 8.309   15.997  5.976   1.00 8.51  ? 102 ASP A OD2 1 
ATOM   705  N  N   . SER A 1 103 ? 6.691   11.998  6.939   1.00 6.92  ? 103 SER A N   1 
ATOM   706  C  CA  . SER A 1 103 ? 5.691   11.125  6.315   1.00 7.36  ? 103 SER A CA  1 
ATOM   707  C  C   . SER A 1 103 ? 5.356   9.974   7.265   1.00 6.22  ? 103 SER A C   1 
ATOM   708  O  O   . SER A 1 103 ? 4.188   9.655   7.485   1.00 7.18  ? 103 SER A O   1 
ATOM   709  C  CB  . SER A 1 103 ? 6.233   10.541  5.003   1.00 7.67  ? 103 SER A CB  1 
ATOM   710  O  OG  . SER A 1 103 ? 6.798   11.547  4.180   1.00 8.79  ? 103 SER A OG  1 
ATOM   711  N  N   . LEU A 1 104 ? 6.394   9.359   7.827   1.00 6.41  ? 104 LEU A N   1 
ATOM   712  C  CA  . LEU A 1 104 ? 6.227   8.242   8.757   1.00 6.74  ? 104 LEU A CA  1 
ATOM   713  C  C   . LEU A 1 104 ? 5.433   8.628   10.009  1.00 6.60  ? 104 LEU A C   1 
ATOM   714  O  O   . LEU A 1 104 ? 4.469   7.948   10.367  1.00 7.30  ? 104 LEU A O   1 
ATOM   715  C  CB  . LEU A 1 104 ? 7.595   7.676   9.160   1.00 7.20  ? 104 LEU A CB  1 
ATOM   716  C  CG  . LEU A 1 104 ? 7.598   6.564   10.215  1.00 6.31  ? 104 LEU A CG  1 
ATOM   717  C  CD1 . LEU A 1 104 ? 6.843   5.326   9.706   1.00 8.47  ? 104 LEU A CD1 1 
ATOM   718  C  CD2 . LEU A 1 104 ? 9.024   6.212   10.578  1.00 7.37  ? 104 LEU A CD2 1 
ATOM   719  N  N   . TYR A 1 105 ? 5.822   9.722   10.661  1.00 5.93  ? 105 TYR A N   1 
ATOM   720  C  CA  . TYR A 1 105 ? 5.134   10.160  11.876  1.00 6.73  ? 105 TYR A CA  1 
ATOM   721  C  C   . TYR A 1 105 ? 3.671   10.527  11.639  1.00 6.77  ? 105 TYR A C   1 
ATOM   722  O  O   . TYR A 1 105 ? 2.809   10.179  12.443  1.00 8.44  ? 105 TYR A O   1 
ATOM   723  C  CB  . TYR A 1 105 ? 5.858   11.348  12.521  1.00 7.93  ? 105 TYR A CB  1 
ATOM   724  C  CG  . TYR A 1 105 ? 7.153   11.013  13.238  1.00 9.11  ? 105 TYR A CG  1 
ATOM   725  C  CD1 . TYR A 1 105 ? 7.603   9.694   13.358  1.00 9.13  ? 105 TYR A CD1 1 
ATOM   726  C  CD2 . TYR A 1 105 ? 7.924   12.026  13.821  1.00 10.36 ? 105 TYR A CD2 1 
ATOM   727  C  CE1 . TYR A 1 105 ? 8.787   9.393   14.042  1.00 10.32 ? 105 TYR A CE1 1 
ATOM   728  C  CE2 . TYR A 1 105 ? 9.107   11.733  14.505  1.00 9.87  ? 105 TYR A CE2 1 
ATOM   729  C  CZ  . TYR A 1 105 ? 9.530   10.418  14.613  1.00 9.67  ? 105 TYR A CZ  1 
ATOM   730  O  OH  . TYR A 1 105 ? 10.680  10.127  15.306  1.00 10.14 ? 105 TYR A OH  1 
ATOM   731  N  N   . SER A 1 106 ? 3.392   11.212  10.531  1.00 7.30  ? 106 SER A N   1 
ATOM   732  C  CA  . SER A 1 106 ? 2.029   11.631  10.202  1.00 8.27  ? 106 SER A CA  1 
ATOM   733  C  C   . SER A 1 106 ? 1.096   10.466  9.884   1.00 7.85  ? 106 SER A C   1 
ATOM   734  O  O   . SER A 1 106 ? -0.126  10.611  9.957   1.00 9.01  ? 106 SER A O   1 
ATOM   735  C  CB  . SER A 1 106 ? 2.023   12.633  9.036   1.00 9.28  ? 106 SER A CB  1 
ATOM   736  O  OG  A SER A 1 106 ? 2.824   13.763  9.298   0.50 9.81  ? 106 SER A OG  1 
ATOM   737  O  OG  B SER A 1 106 ? 2.700   12.127  7.906   0.50 11.00 ? 106 SER A OG  1 
ATOM   738  N  N   . ILE A 1 107 ? 1.666   9.314   9.533   1.00 7.06  ? 107 ILE A N   1 
ATOM   739  C  CA  . ILE A 1 107 ? 0.858   8.145   9.206   1.00 7.28  ? 107 ILE A CA  1 
ATOM   740  C  C   . ILE A 1 107 ? 0.740   7.124   10.338  1.00 8.02  ? 107 ILE A C   1 
ATOM   741  O  O   . ILE A 1 107 ? -0.362  6.717   10.698  1.00 9.68  ? 107 ILE A O   1 
ATOM   742  C  CB  . ILE A 1 107 ? 1.389   7.430   7.935   1.00 6.96  ? 107 ILE A CB  1 
ATOM   743  C  CG1 . ILE A 1 107 ? 1.251   8.358   6.723   1.00 7.37  ? 107 ILE A CG1 1 
ATOM   744  C  CG2 . ILE A 1 107 ? 0.632   6.123   7.701   1.00 7.64  ? 107 ILE A CG2 1 
ATOM   745  C  CD1 . ILE A 1 107 ? 1.837   7.795   5.440   1.00 8.76  ? 107 ILE A CD1 1 
ATOM   746  N  N   . VAL A 1 108 ? 1.870   6.749   10.928  1.00 7.35  ? 108 VAL A N   1 
ATOM   747  C  CA  . VAL A 1 108 ? 1.885   5.727   11.969  1.00 7.74  ? 108 VAL A CA  1 
ATOM   748  C  C   . VAL A 1 108 ? 1.315   6.105   13.339  1.00 7.17  ? 108 VAL A C   1 
ATOM   749  O  O   . VAL A 1 108 ? 0.733   5.256   14.020  1.00 7.97  ? 108 VAL A O   1 
ATOM   750  C  CB  . VAL A 1 108 ? 3.315   5.132   12.145  1.00 7.81  ? 108 VAL A CB  1 
ATOM   751  C  CG1 . VAL A 1 108 ? 4.213   6.081   12.934  1.00 6.82  ? 108 VAL A CG1 1 
ATOM   752  C  CG2 . VAL A 1 108 ? 3.251   3.762   12.796  1.00 7.39  ? 108 VAL A CG2 1 
ATOM   753  N  N   . GLN A 1 109 ? 1.425   7.378   13.711  1.00 6.86  ? 109 GLN A N   1 
ATOM   754  C  CA  . GLN A 1 109 ? 0.968   7.834   15.023  1.00 7.84  ? 109 GLN A CA  1 
ATOM   755  C  C   . GLN A 1 109 ? -0.530  8.074   15.222  1.00 8.77  ? 109 GLN A C   1 
ATOM   756  O  O   . GLN A 1 109 ? -0.920  8.863   16.080  1.00 11.05 ? 109 GLN A O   1 
ATOM   757  C  CB  . GLN A 1 109 ? 1.776   9.061   15.450  1.00 6.96  ? 109 GLN A CB  1 
ATOM   758  C  CG  . GLN A 1 109 ? 3.258   8.761   15.685  1.00 8.32  ? 109 GLN A CG  1 
ATOM   759  C  CD  . GLN A 1 109 ? 3.496   7.897   16.920  1.00 9.00  ? 109 GLN A CD  1 
ATOM   760  O  OE1 . GLN A 1 109 ? 3.690   8.416   18.023  1.00 10.06 ? 109 GLN A OE1 1 
ATOM   761  N  NE2 . GLN A 1 109 ? 3.481   6.577   16.739  1.00 5.92  ? 109 GLN A NE2 1 
HETATM 762  N  N   . MSE A 1 110 ? -1.366  7.366   14.468  1.00 8.82  ? 110 MSE A N   1 
HETATM 763  C  CA  . MSE A 1 110 ? -2.820  7.516   14.583  1.00 9.13  ? 110 MSE A CA  1 
HETATM 764  C  C   . MSE A 1 110 ? -3.309  7.170   15.997  1.00 10.01 ? 110 MSE A C   1 
HETATM 765  O  O   . MSE A 1 110 ? -2.794  6.246   16.638  1.00 10.36 ? 110 MSE A O   1 
HETATM 766  C  CB  . MSE A 1 110 ? -3.542  6.645   13.543  1.00 8.93  ? 110 MSE A CB  1 
HETATM 767  C  CG  . MSE A 1 110 ? -3.352  7.078   12.087  1.00 10.52 ? 110 MSE A CG  1 
HETATM 768  SE SE  . MSE A 1 110 ? -4.094  8.763   11.757  1.00 12.60 ? 110 MSE A SE  1 
HETATM 769  C  CE  . MSE A 1 110 ? -5.865  8.270   11.780  1.00 13.21 ? 110 MSE A CE  1 
ATOM   770  N  N   . PRO A 1 111 ? -4.324  7.902   16.495  1.00 10.74 ? 111 PRO A N   1 
ATOM   771  C  CA  . PRO A 1 111 ? -4.893  7.691   17.831  1.00 10.91 ? 111 PRO A CA  1 
ATOM   772  C  C   . PRO A 1 111 ? -5.819  6.482   17.918  1.00 10.07 ? 111 PRO A C   1 
ATOM   773  O  O   . PRO A 1 111 ? -6.313  5.983   16.907  1.00 9.95  ? 111 PRO A O   1 
ATOM   774  C  CB  . PRO A 1 111 ? -5.659  8.986   18.067  1.00 11.50 ? 111 PRO A CB  1 
ATOM   775  C  CG  . PRO A 1 111 ? -6.228  9.258   16.700  1.00 11.09 ? 111 PRO A CG  1 
ATOM   776  C  CD  . PRO A 1 111 ? -5.031  8.993   15.795  1.00 11.48 ? 111 PRO A CD  1 
ATOM   777  N  N   . ARG A 1 112 ? -6.072  6.043   19.146  1.00 10.33 ? 112 ARG A N   1 
ATOM   778  C  CA  . ARG A 1 112 ? -6.939  4.898   19.409  1.00 10.48 ? 112 ARG A CA  1 
ATOM   779  C  C   . ARG A 1 112 ? -8.312  5.050   18.750  1.00 10.06 ? 112 ARG A C   1 
ATOM   780  O  O   . ARG A 1 112 ? -8.995  6.060   18.949  1.00 11.68 ? 112 ARG A O   1 
ATOM   781  C  CB  . ARG A 1 112 ? -7.106  4.720   20.921  1.00 9.86  ? 112 ARG A CB  1 
ATOM   782  C  CG  . ARG A 1 112 ? -8.024  3.575   21.341  1.00 10.81 ? 112 ARG A CG  1 
ATOM   783  C  CD  . ARG A 1 112 ? -7.971  3.384   22.847  1.00 11.63 ? 112 ARG A CD  1 
ATOM   784  N  NE  . ARG A 1 112 ? -8.808  2.280   23.315  1.00 13.50 ? 112 ARG A NE  1 
ATOM   785  C  CZ  . ARG A 1 112 ? -10.108 2.388   23.582  1.00 13.37 ? 112 ARG A CZ  1 
ATOM   786  N  NH1 . ARG A 1 112 ? -10.725 3.550   23.417  1.00 13.16 ? 112 ARG A NH1 1 
ATOM   787  N  NH2 . ARG A 1 112 ? -10.779 1.348   24.065  1.00 13.52 ? 112 ARG A NH2 1 
ATOM   788  N  N   . GLY A 1 113 ? -8.694  4.059   17.949  1.00 9.27  ? 113 GLY A N   1 
ATOM   789  C  CA  . GLY A 1 113 ? -9.986  4.087   17.289  1.00 8.90  ? 113 GLY A CA  1 
ATOM   790  C  C   . GLY A 1 113 ? -9.947  4.134   15.777  1.00 9.49  ? 113 GLY A C   1 
ATOM   791  O  O   . GLY A 1 113 ? -10.874 3.650   15.115  1.00 9.21  ? 113 GLY A O   1 
ATOM   792  N  N   . ILE A 1 114 ? -8.882  4.720   15.223  1.00 9.12  ? 114 ILE A N   1 
ATOM   793  C  CA  . ILE A 1 114 ? -8.735  4.851   13.775  1.00 9.32  ? 114 ILE A CA  1 
ATOM   794  C  C   . ILE A 1 114 ? -7.346  4.373   13.348  1.00 9.02  ? 114 ILE A C   1 
ATOM   795  O  O   . ILE A 1 114 ? -6.411  5.168   13.237  1.00 9.36  ? 114 ILE A O   1 
ATOM   796  C  CB  . ILE A 1 114 ? -8.930  6.327   13.318  1.00 10.33 ? 114 ILE A CB  1 
ATOM   797  C  CG1 . ILE A 1 114 ? -10.259 6.891   13.838  1.00 11.22 ? 114 ILE A CG1 1 
ATOM   798  C  CG2 . ILE A 1 114 ? -8.909  6.423   11.802  1.00 9.60  ? 114 ILE A CG2 1 
ATOM   799  C  CD1 . ILE A 1 114 ? -10.170 7.540   15.216  1.00 15.28 ? 114 ILE A CD1 1 
ATOM   800  N  N   . PRO A 1 115 ? -7.194  3.065   13.097  1.00 9.32  ? 115 PRO A N   1 
ATOM   801  C  CA  . PRO A 1 115 ? -5.897  2.512   12.689  1.00 8.71  ? 115 PRO A CA  1 
ATOM   802  C  C   . PRO A 1 115 ? -5.511  2.618   11.216  1.00 8.34  ? 115 PRO A C   1 
ATOM   803  O  O   . PRO A 1 115 ? -6.365  2.704   10.332  1.00 9.04  ? 115 PRO A O   1 
ATOM   804  C  CB  . PRO A 1 115 ? -6.035  1.044   13.082  1.00 9.08  ? 115 PRO A CB  1 
ATOM   805  C  CG  . PRO A 1 115 ? -7.475  0.773   12.765  1.00 8.82  ? 115 PRO A CG  1 
ATOM   806  C  CD  . PRO A 1 115 ? -8.172  1.982   13.336  1.00 8.74  ? 115 PRO A CD  1 
ATOM   807  N  N   . VAL A 1 116 ? -4.201  2.626   10.982  1.00 7.95  ? 116 VAL A N   1 
ATOM   808  C  CA  . VAL A 1 116 ? -3.619  2.611   9.642   1.00 7.34  ? 116 VAL A CA  1 
ATOM   809  C  C   . VAL A 1 116 ? -2.378  1.713   9.779   1.00 7.87  ? 116 VAL A C   1 
ATOM   810  O  O   . VAL A 1 116 ? -1.475  2.017   10.564  1.00 7.61  ? 116 VAL A O   1 
ATOM   811  C  CB  . VAL A 1 116 ? -3.168  4.013   9.126   1.00 7.84  ? 116 VAL A CB  1 
ATOM   812  C  CG1 . VAL A 1 116 ? -2.374  3.848   7.821   1.00 7.39  ? 116 VAL A CG1 1 
ATOM   813  C  CG2 . VAL A 1 116 ? -4.369  4.921   8.881   1.00 8.20  ? 116 VAL A CG2 1 
ATOM   814  N  N   . GLY A 1 117 ? -2.383  0.573   9.085   1.00 6.45  ? 117 GLY A N   1 
ATOM   815  C  CA  . GLY A 1 117 ? -1.247  -0.337  9.123   1.00 7.04  ? 117 GLY A CA  1 
ATOM   816  C  C   . GLY A 1 117 ? -0.173  0.281   8.251   1.00 7.09  ? 117 GLY A C   1 
ATOM   817  O  O   . GLY A 1 117 ? -0.326  0.339   7.033   1.00 7.63  ? 117 GLY A O   1 
ATOM   818  N  N   . THR A 1 118 ? 0.921   0.715   8.868   1.00 5.61  ? 118 THR A N   1 
ATOM   819  C  CA  . THR A 1 118 ? 2.000   1.399   8.159   1.00 5.99  ? 118 THR A CA  1 
ATOM   820  C  C   . THR A 1 118 ? 3.172   0.520   7.704   1.00 5.24  ? 118 THR A C   1 
ATOM   821  O  O   . THR A 1 118 ? 3.621   -0.365  8.435   1.00 5.54  ? 118 THR A O   1 
ATOM   822  C  CB  . THR A 1 118 ? 2.517   2.564   9.034   1.00 6.28  ? 118 THR A CB  1 
ATOM   823  O  OG1 . THR A 1 118 ? 1.397   3.314   9.525   1.00 7.48  ? 118 THR A OG1 1 
ATOM   824  C  CG2 . THR A 1 118 ? 3.423   3.494   8.242   1.00 7.02  ? 118 THR A CG2 1 
ATOM   825  N  N   . LEU A 1 119 ? 3.655   0.769   6.486   1.00 5.56  ? 119 LEU A N   1 
ATOM   826  C  CA  . LEU A 1 119 ? 4.785   0.027   5.917   1.00 5.81  ? 119 LEU A CA  1 
ATOM   827  C  C   . LEU A 1 119 ? 6.043   0.911   5.873   1.00 6.34  ? 119 LEU A C   1 
ATOM   828  O  O   . LEU A 1 119 ? 5.985   2.090   6.233   1.00 6.94  ? 119 LEU A O   1 
ATOM   829  C  CB  . LEU A 1 119 ? 4.434   -0.514  4.521   1.00 7.22  ? 119 LEU A CB  1 
ATOM   830  C  CG  . LEU A 1 119 ? 3.406   -1.660  4.405   1.00 7.25  ? 119 LEU A CG  1 
ATOM   831  C  CD1 . LEU A 1 119 ? 3.802   -2.823  5.298   1.00 7.96  ? 119 LEU A CD1 1 
ATOM   832  C  CD2 . LEU A 1 119 ? 1.992   -1.185  4.756   1.00 9.08  ? 119 LEU A CD2 1 
ATOM   833  N  N   . ALA A 1 120 ? 7.174   0.354   5.442   1.00 6.39  ? 120 ALA A N   1 
ATOM   834  C  CA  . ALA A 1 120 ? 8.442   1.100   5.389   1.00 6.49  ? 120 ALA A CA  1 
ATOM   835  C  C   . ALA A 1 120 ? 8.424   2.353   4.508   1.00 6.71  ? 120 ALA A C   1 
ATOM   836  O  O   . ALA A 1 120 ? 7.574   2.508   3.635   1.00 8.18  ? 120 ALA A O   1 
ATOM   837  C  CB  . ALA A 1 120 ? 9.583   0.178   4.949   1.00 7.02  ? 120 ALA A CB  1 
ATOM   838  N  N   . ILE A 1 121 ? 9.372   3.250   4.751   1.00 7.09  ? 121 ILE A N   1 
ATOM   839  C  CA  . ILE A 1 121 ? 9.479   4.472   3.963   1.00 6.31  ? 121 ILE A CA  1 
ATOM   840  C  C   . ILE A 1 121 ? 9.925   4.106   2.541   1.00 7.83  ? 121 ILE A C   1 
ATOM   841  O  O   . ILE A 1 121 ? 10.803  3.253   2.358   1.00 8.05  ? 121 ILE A O   1 
ATOM   842  C  CB  . ILE A 1 121 ? 10.533  5.436   4.580   1.00 7.12  ? 121 ILE A CB  1 
ATOM   843  C  CG1 . ILE A 1 121 ? 10.069  5.922   5.953   1.00 7.19  ? 121 ILE A CG1 1 
ATOM   844  C  CG2 . ILE A 1 121 ? 10.800  6.619   3.639   1.00 6.42  ? 121 ILE A CG2 1 
ATOM   845  C  CD1 . ILE A 1 121 ? 11.161  6.578   6.780   1.00 7.47  ? 121 ILE A CD1 1 
ATOM   846  N  N   . GLY A 1 122 ? 9.268   4.697   1.545   1.00 7.65  ? 122 GLY A N   1 
ATOM   847  C  CA  . GLY A 1 122 ? 9.657   4.471   0.160   1.00 8.04  ? 122 GLY A CA  1 
ATOM   848  C  C   . GLY A 1 122 ? 9.166   3.258   -0.608  1.00 8.66  ? 122 GLY A C   1 
ATOM   849  O  O   . GLY A 1 122 ? 8.175   2.627   -0.243  1.00 7.77  ? 122 GLY A O   1 
ATOM   850  N  N   . LYS A 1 123 ? 9.885   2.939   -1.686  1.00 9.06  ? 123 LYS A N   1 
ATOM   851  C  CA  . LYS A 1 123 ? 9.538   1.822   -2.567  1.00 10.90 ? 123 LYS A CA  1 
ATOM   852  C  C   . LYS A 1 123 ? 9.400   0.448   -1.902  1.00 9.32  ? 123 LYS A C   1 
ATOM   853  O  O   . LYS A 1 123 ? 8.578   -0.359  -2.328  1.00 9.86  ? 123 LYS A O   1 
ATOM   854  C  CB  . LYS A 1 123 ? 10.511  1.753   -3.749  1.00 12.49 ? 123 LYS A CB  1 
ATOM   855  C  CG  . LYS A 1 123 ? 11.954  1.475   -3.361  1.00 17.97 ? 123 LYS A CG  1 
ATOM   856  C  CD  . LYS A 1 123 ? 12.897  1.558   -4.558  1.00 22.09 ? 123 LYS A CD  1 
ATOM   857  C  CE  . LYS A 1 123 ? 12.431  0.689   -5.722  1.00 24.64 ? 123 LYS A CE  1 
ATOM   858  N  NZ  . LYS A 1 123 ? 12.215  -0.745  -5.371  1.00 26.48 ? 123 LYS A NZ  1 
ATOM   859  N  N   . ALA A 1 124 ? 10.192  0.180   -0.867  1.00 8.99  ? 124 ALA A N   1 
ATOM   860  C  CA  . ALA A 1 124 ? 10.103  -1.105  -0.163  1.00 9.16  ? 124 ALA A CA  1 
ATOM   861  C  C   . ALA A 1 124 ? 8.746   -1.205  0.536   1.00 8.34  ? 124 ALA A C   1 
ATOM   862  O  O   . ALA A 1 124 ? 8.130   -2.272  0.572   1.00 8.54  ? 124 ALA A O   1 
ATOM   863  C  CB  . ALA A 1 124 ? 11.229  -1.231  0.856   1.00 10.81 ? 124 ALA A CB  1 
ATOM   864  N  N   . GLY A 1 125 ? 8.295   -0.080  1.087   1.00 7.96  ? 125 GLY A N   1 
ATOM   865  C  CA  . GLY A 1 125 ? 7.012   -0.028  1.766   1.00 7.86  ? 125 GLY A CA  1 
ATOM   866  C  C   . GLY A 1 125 ? 5.850   -0.167  0.800   1.00 7.05  ? 125 GLY A C   1 
ATOM   867  O  O   . GLY A 1 125 ? 4.858   -0.806  1.128   1.00 7.89  ? 125 GLY A O   1 
ATOM   868  N  N   . ALA A 1 126 ? 5.970   0.426   -0.386  1.00 6.62  ? 126 ALA A N   1 
ATOM   869  C  CA  . ALA A 1 126 ? 4.913   0.337   -1.399  1.00 6.99  ? 126 ALA A CA  1 
ATOM   870  C  C   . ALA A 1 126 ? 4.715   -1.124  -1.802  1.00 6.32  ? 126 ALA A C   1 
ATOM   871  O  O   . ALA A 1 126 ? 3.595   -1.628  -1.806  1.00 6.89  ? 126 ALA A O   1 
ATOM   872  C  CB  . ALA A 1 126 ? 5.267   1.188   -2.614  1.00 7.10  ? 126 ALA A CB  1 
ATOM   873  N  N   . ALA A 1 127 ? 5.818   -1.811  -2.083  1.00 5.93  ? 127 ALA A N   1 
ATOM   874  C  CA  . ALA A 1 127 ? 5.760   -3.215  -2.468  1.00 7.05  ? 127 ALA A CA  1 
ATOM   875  C  C   . ALA A 1 127 ? 5.181   -4.070  -1.336  1.00 7.00  ? 127 ALA A C   1 
ATOM   876  O  O   . ALA A 1 127 ? 4.342   -4.942  -1.576  1.00 7.16  ? 127 ALA A O   1 
ATOM   877  C  CB  . ALA A 1 127 ? 7.150   -3.714  -2.860  1.00 6.72  ? 127 ALA A CB  1 
ATOM   878  N  N   . ASN A 1 128 ? 5.611   -3.792  -0.104  1.00 6.90  ? 128 ASN A N   1 
ATOM   879  C  CA  . ASN A 1 128 ? 5.137   -4.534  1.060   1.00 6.53  ? 128 ASN A CA  1 
ATOM   880  C  C   . ASN A 1 128 ? 3.659   -4.299  1.380   1.00 6.18  ? 128 ASN A C   1 
ATOM   881  O  O   . ASN A 1 128 ? 2.980   -5.194  1.889   1.00 6.80  ? 128 ASN A O   1 
ATOM   882  C  CB  . ASN A 1 128 ? 6.008   -4.240  2.287   1.00 6.74  ? 128 ASN A CB  1 
ATOM   883  C  CG  . ASN A 1 128 ? 7.253   -5.109  2.350   1.00 7.63  ? 128 ASN A CG  1 
ATOM   884  O  OD1 . ASN A 1 128 ? 8.085   -4.946  3.240   1.00 10.23 ? 128 ASN A OD1 1 
ATOM   885  N  ND2 . ASN A 1 128 ? 7.370   -6.058  1.431   1.00 7.66  ? 128 ASN A ND2 1 
ATOM   886  N  N   . ALA A 1 129 ? 3.161   -3.097  1.103   1.00 6.61  ? 129 ALA A N   1 
ATOM   887  C  CA  . ALA A 1 129 ? 1.749   -2.803  1.347   1.00 6.48  ? 129 ALA A CA  1 
ATOM   888  C  C   . ALA A 1 129 ? 0.905   -3.706  0.437   1.00 7.26  ? 129 ALA A C   1 
ATOM   889  O  O   . ALA A 1 129 ? -0.121  -4.245  0.862   1.00 8.21  ? 129 ALA A O   1 
ATOM   890  C  CB  . ALA A 1 129 ? 1.450   -1.335  1.080   1.00 6.73  ? 129 ALA A CB  1 
ATOM   891  N  N   . ALA A 1 130 ? 1.370   -3.901  -0.800  1.00 7.85  ? 130 ALA A N   1 
ATOM   892  C  CA  . ALA A 1 130 ? 0.678   -4.758  -1.760  1.00 7.38  ? 130 ALA A CA  1 
ATOM   893  C  C   . ALA A 1 130 ? 0.760   -6.213  -1.313  1.00 7.65  ? 130 ALA A C   1 
ATOM   894  O  O   . ALA A 1 130 ? -0.224  -6.945  -1.415  1.00 9.38  ? 130 ALA A O   1 
ATOM   895  C  CB  . ALA A 1 130 ? 1.271   -4.594  -3.148  1.00 7.45  ? 130 ALA A CB  1 
ATOM   896  N  N   . LEU A 1 131 ? 1.925   -6.629  -0.821  1.00 7.24  ? 131 LEU A N   1 
ATOM   897  C  CA  . LEU A 1 131 ? 2.090   -8.003  -0.343  1.00 7.50  ? 131 LEU A CA  1 
ATOM   898  C  C   . LEU A 1 131 ? 1.199   -8.263  0.864   1.00 7.25  ? 131 LEU A C   1 
ATOM   899  O  O   . LEU A 1 131 ? 0.572   -9.319  0.957   1.00 8.63  ? 131 LEU A O   1 
ATOM   900  C  CB  . LEU A 1 131 ? 3.553   -8.306  -0.015  1.00 8.19  ? 131 LEU A CB  1 
ATOM   901  C  CG  . LEU A 1 131 ? 4.428   -8.531  -1.249  1.00 8.87  ? 131 LEU A CG  1 
ATOM   902  C  CD1 . LEU A 1 131 ? 5.894   -8.457  -0.871  1.00 9.30  ? 131 LEU A CD1 1 
ATOM   903  C  CD2 . LEU A 1 131 ? 4.087   -9.873  -1.915  1.00 8.18  ? 131 LEU A CD2 1 
ATOM   904  N  N   . LEU A 1 132 ? 1.123   -7.297  1.778   1.00 7.15  ? 132 LEU A N   1 
ATOM   905  C  CA  . LEU A 1 132 ? 0.276   -7.439  2.956   1.00 7.03  ? 132 LEU A CA  1 
ATOM   906  C  C   . LEU A 1 132 ? -1.200  -7.532  2.530   1.00 7.05  ? 132 LEU A C   1 
ATOM   907  O  O   . LEU A 1 132 ? -1.941  -8.369  3.041   1.00 7.48  ? 132 LEU A O   1 
ATOM   908  C  CB  . LEU A 1 132 ? 0.498   -6.269  3.919   1.00 7.28  ? 132 LEU A CB  1 
ATOM   909  C  CG  . LEU A 1 132 ? -0.239  -6.293  5.263   1.00 7.82  ? 132 LEU A CG  1 
ATOM   910  C  CD1 . LEU A 1 132 ? -0.017  -7.607  5.975   1.00 7.72  ? 132 LEU A CD1 1 
ATOM   911  C  CD2 . LEU A 1 132 ? 0.244   -5.136  6.120   1.00 7.84  ? 132 LEU A CD2 1 
ATOM   912  N  N   . ALA A 1 133 ? -1.613  -6.678  1.589   1.00 7.22  ? 133 ALA A N   1 
ATOM   913  C  CA  . ALA A 1 133 ? -2.988  -6.686  1.077   1.00 6.85  ? 133 ALA A CA  1 
ATOM   914  C  C   . ALA A 1 133 ? -3.279  -8.047  0.462   1.00 7.46  ? 133 ALA A C   1 
ATOM   915  O  O   . ALA A 1 133 ? -4.351  -8.609  0.662   1.00 8.68  ? 133 ALA A O   1 
ATOM   916  C  CB  . ALA A 1 133 ? -3.180  -5.592  0.036   1.00 6.73  ? 133 ALA A CB  1 
ATOM   917  N  N   . ALA A 1 134 ? -2.296  -8.585  -0.254  1.00 7.64  ? 134 ALA A N   1 
ATOM   918  C  CA  . ALA A 1 134 ? -2.423  -9.895  -0.889  1.00 8.44  ? 134 ALA A CA  1 
ATOM   919  C  C   . ALA A 1 134 ? -2.576  -10.998 0.162   1.00 8.85  ? 134 ALA A C   1 
ATOM   920  O  O   . ALA A 1 134 ? -3.388  -11.906 -0.003  1.00 9.96  ? 134 ALA A O   1 
ATOM   921  C  CB  . ALA A 1 134 ? -1.213  -10.168 -1.783  1.00 9.34  ? 134 ALA A CB  1 
ATOM   922  N  N   . GLN A 1 135 ? -1.803  -10.911 1.244   1.00 9.10  ? 135 GLN A N   1 
ATOM   923  C  CA  . GLN A 1 135 ? -1.868  -11.893 2.324   1.00 9.03  ? 135 GLN A CA  1 
ATOM   924  C  C   . GLN A 1 135 ? -3.237  -11.856 2.997   1.00 10.07 ? 135 GLN A C   1 
ATOM   925  O  O   . GLN A 1 135 ? -3.772  -12.898 3.387   1.00 10.77 ? 135 GLN A O   1 
ATOM   926  C  CB  . GLN A 1 135 ? -0.754  -11.646 3.343   1.00 9.83  ? 135 GLN A CB  1 
ATOM   927  C  CG  . GLN A 1 135 ? 0.621   -11.993 2.796   1.00 11.65 ? 135 GLN A CG  1 
ATOM   928  C  CD  . GLN A 1 135 ? 1.760   -11.646 3.739   1.00 14.42 ? 135 GLN A CD  1 
ATOM   929  O  OE1 . GLN A 1 135 ? 2.871   -11.354 3.297   1.00 17.01 ? 135 GLN A OE1 1 
ATOM   930  N  NE2 . GLN A 1 135 ? 1.496   -11.696 5.040   1.00 16.69 ? 135 GLN A NE2 1 
ATOM   931  N  N   . ILE A 1 136 ? -3.800  -10.654 3.122   1.00 9.06  ? 136 ILE A N   1 
ATOM   932  C  CA  . ILE A 1 136 ? -5.119  -10.474 3.711   1.00 9.89  ? 136 ILE A CA  1 
ATOM   933  C  C   . ILE A 1 136 ? -6.161  -11.156 2.810   1.00 10.52 ? 136 ILE A C   1 
ATOM   934  O  O   . ILE A 1 136 ? -6.978  -11.951 3.283   1.00 10.80 ? 136 ILE A O   1 
ATOM   935  C  CB  . ILE A 1 136 ? -5.445  -8.971  3.880   1.00 10.15 ? 136 ILE A CB  1 
ATOM   936  C  CG1 . ILE A 1 136 ? -4.556  -8.373  4.976   1.00 9.78  ? 136 ILE A CG1 1 
ATOM   937  C  CG2 . ILE A 1 136 ? -6.928  -8.772  4.203   1.00 10.74 ? 136 ILE A CG2 1 
ATOM   938  C  CD1 . ILE A 1 136 ? -4.640  -6.864  5.082   1.00 7.49  ? 136 ILE A CD1 1 
ATOM   939  N  N   . LEU A 1 137 ? -6.089  -10.888 1.509   1.00 10.10 ? 137 LEU A N   1 
ATOM   940  C  CA  . LEU A 1 137 ? -7.016  -11.491 0.553   1.00 11.01 ? 137 LEU A CA  1 
ATOM   941  C  C   . LEU A 1 137 ? -6.841  -13.011 0.494   1.00 10.85 ? 137 LEU A C   1 
ATOM   942  O  O   . LEU A 1 137 ? -7.823  -13.756 0.435   1.00 10.96 ? 137 LEU A O   1 
ATOM   943  C  CB  . LEU A 1 137 ? -6.814  -10.903 -0.852  1.00 10.78 ? 137 LEU A CB  1 
ATOM   944  C  CG  . LEU A 1 137 ? -7.028  -9.401  -1.072  1.00 12.31 ? 137 LEU A CG  1 
ATOM   945  C  CD1 . LEU A 1 137 ? -6.789  -9.058  -2.533  1.00 11.48 ? 137 LEU A CD1 1 
ATOM   946  C  CD2 . LEU A 1 137 ? -8.431  -9.002  -0.657  1.00 12.92 ? 137 LEU A CD2 1 
ATOM   947  N  N   . ALA A 1 138 ? -5.586  -13.456 0.554   1.00 10.71 ? 138 ALA A N   1 
ATOM   948  C  CA  . ALA A 1 138 ? -5.232  -14.873 0.483   1.00 11.68 ? 138 ALA A CA  1 
ATOM   949  C  C   . ALA A 1 138 ? -5.868  -15.751 1.552   1.00 12.73 ? 138 ALA A C   1 
ATOM   950  O  O   . ALA A 1 138 ? -5.935  -16.970 1.392   1.00 13.26 ? 138 ALA A O   1 
ATOM   951  C  CB  . ALA A 1 138 ? -3.720  -15.037 0.501   1.00 11.02 ? 138 ALA A CB  1 
ATOM   952  N  N   . THR A 1 139 ? -6.315  -15.134 2.645   1.00 14.18 ? 139 THR A N   1 
ATOM   953  C  CA  . THR A 1 139 ? -6.962  -15.858 3.742   1.00 15.45 ? 139 THR A CA  1 
ATOM   954  C  C   . THR A 1 139 ? -8.256  -16.547 3.268   1.00 15.32 ? 139 THR A C   1 
ATOM   955  O  O   . THR A 1 139 ? -8.641  -17.602 3.791   1.00 16.64 ? 139 THR A O   1 
ATOM   956  C  CB  . THR A 1 139 ? -7.274  -14.900 4.916   1.00 15.76 ? 139 THR A CB  1 
ATOM   957  O  OG1 . THR A 1 139 ? -6.062  -14.277 5.350   1.00 18.47 ? 139 THR A OG1 1 
ATOM   958  C  CG2 . THR A 1 139 ? -7.880  -15.654 6.082   1.00 18.66 ? 139 THR A CG2 1 
ATOM   959  N  N   . HIS A 1 140 ? -8.900  -15.960 2.260   1.00 15.95 ? 140 HIS A N   1 
ATOM   960  C  CA  . HIS A 1 140 ? -10.142 -16.491 1.694   1.00 17.10 ? 140 HIS A CA  1 
ATOM   961  C  C   . HIS A 1 140 ? -10.033 -16.718 0.187   1.00 17.80 ? 140 HIS A C   1 
ATOM   962  O  O   . HIS A 1 140 ? -11.038 -16.721 -0.520  1.00 19.09 ? 140 HIS A O   1 
ATOM   963  C  CB  . HIS A 1 140 ? -11.306 -15.536 1.975   1.00 17.58 ? 140 HIS A CB  1 
ATOM   964  C  CG  . HIS A 1 140 ? -11.702 -15.472 3.416   1.00 20.05 ? 140 HIS A CG  1 
ATOM   965  N  ND1 . HIS A 1 140 ? -11.226 -14.506 4.278   1.00 20.65 ? 140 HIS A ND1 1 
ATOM   966  C  CD2 . HIS A 1 140 ? -12.519 -16.263 4.151   1.00 20.28 ? 140 HIS A CD2 1 
ATOM   967  C  CE1 . HIS A 1 140 ? -11.731 -14.706 5.482   1.00 20.61 ? 140 HIS A CE1 1 
ATOM   968  N  NE2 . HIS A 1 140 ? -12.519 -15.766 5.431   1.00 21.52 ? 140 HIS A NE2 1 
ATOM   969  N  N   . ASP A 1 141 ? -8.810  -16.881 -0.306  1.00 17.74 ? 141 ASP A N   1 
ATOM   970  C  CA  . ASP A 1 141 ? -8.575  -17.102 -1.730  1.00 17.20 ? 141 ASP A CA  1 
ATOM   971  C  C   . ASP A 1 141 ? -7.403  -18.075 -1.841  1.00 17.88 ? 141 ASP A C   1 
ATOM   972  O  O   . ASP A 1 141 ? -6.234  -17.677 -1.824  1.00 16.31 ? 141 ASP A O   1 
ATOM   973  C  CB  . ASP A 1 141 ? -8.261  -15.772 -2.431  1.00 17.83 ? 141 ASP A CB  1 
ATOM   974  C  CG  . ASP A 1 141 ? -8.210  -15.891 -3.957  1.00 19.70 ? 141 ASP A CG  1 
ATOM   975  O  OD1 . ASP A 1 141 ? -7.893  -16.976 -4.491  1.00 21.82 ? 141 ASP A OD1 1 
ATOM   976  O  OD2 . ASP A 1 141 ? -8.471  -14.876 -4.633  1.00 20.34 ? 141 ASP A OD2 1 
ATOM   977  N  N   . LYS A 1 142 ? -7.741  -19.357 -1.946  1.00 16.95 ? 142 LYS A N   1 
ATOM   978  C  CA  . LYS A 1 142 ? -6.772  -20.434 -2.038  1.00 18.24 ? 142 LYS A CA  1 
ATOM   979  C  C   . LYS A 1 142 ? -5.802  -20.294 -3.206  1.00 17.75 ? 142 LYS A C   1 
ATOM   980  O  O   . LYS A 1 142 ? -4.618  -20.609 -3.063  1.00 17.81 ? 142 LYS A O   1 
ATOM   981  C  CB  . LYS A 1 142 ? -7.493  -21.782 -2.132  1.00 21.13 ? 142 LYS A CB  1 
ATOM   982  C  CG  . LYS A 1 142 ? -8.615  -22.005 -1.105  1.00 25.80 ? 142 LYS A CG  1 
ATOM   983  C  CD  . LYS A 1 142 ? -8.130  -21.975 0.350   1.00 29.64 ? 142 LYS A CD  1 
ATOM   984  C  CE  . LYS A 1 142 ? -8.300  -20.596 0.993   1.00 30.30 ? 142 LYS A CE  1 
ATOM   985  N  NZ  . LYS A 1 142 ? -7.856  -20.586 2.416   1.00 32.10 ? 142 LYS A NZ  1 
ATOM   986  N  N   . GLU A 1 143 ? -6.300  -19.848 -4.361  1.00 16.66 ? 143 GLU A N   1 
ATOM   987  C  CA  . GLU A 1 143 ? -5.447  -19.682 -5.537  1.00 17.19 ? 143 GLU A CA  1 
ATOM   988  C  C   . GLU A 1 143 ? -4.400  -18.597 -5.331  1.00 15.77 ? 143 GLU A C   1 
ATOM   989  O  O   . GLU A 1 143 ? -3.226  -18.793 -5.660  1.00 15.01 ? 143 GLU A O   1 
ATOM   990  C  CB  . GLU A 1 143 ? -6.276  -19.403 -6.797  1.00 19.51 ? 143 GLU A CB  1 
ATOM   991  C  CG  . GLU A 1 143 ? -7.072  -20.615 -7.282  1.00 26.47 ? 143 GLU A CG  1 
ATOM   992  C  CD  . GLU A 1 143 ? -7.806  -20.370 -8.599  1.00 31.88 ? 143 GLU A CD  1 
ATOM   993  O  OE1 . GLU A 1 143 ? -8.995  -19.977 -8.556  1.00 34.98 ? 143 GLU A OE1 1 
ATOM   994  O  OE2 . GLU A 1 143 ? -7.199  -20.585 -9.678  1.00 34.66 ? 143 GLU A OE2 1 
ATOM   995  N  N   . LEU A 1 144 ? -4.820  -17.464 -4.767  1.00 14.02 ? 144 LEU A N   1 
ATOM   996  C  CA  . LEU A 1 144 ? -3.901  -16.361 -4.496  1.00 13.11 ? 144 LEU A CA  1 
ATOM   997  C  C   . LEU A 1 144 ? -2.890  -16.767 -3.422  1.00 12.33 ? 144 LEU A C   1 
ATOM   998  O  O   . LEU A 1 144 ? -1.712  -16.428 -3.505  1.00 11.89 ? 144 LEU A O   1 
ATOM   999  C  CB  . LEU A 1 144 ? -4.671  -15.120 -4.048  1.00 12.64 ? 144 LEU A CB  1 
ATOM   1000 C  CG  . LEU A 1 144 ? -3.810  -13.936 -3.609  1.00 10.39 ? 144 LEU A CG  1 
ATOM   1001 C  CD1 . LEU A 1 144 ? -2.858  -13.526 -4.723  1.00 9.67  ? 144 LEU A CD1 1 
ATOM   1002 C  CD2 . LEU A 1 144 ? -4.714  -12.797 -3.214  1.00 10.28 ? 144 LEU A CD2 1 
ATOM   1003 N  N   . HIS A 1 145 ? -3.363  -17.516 -2.429  1.00 12.33 ? 145 HIS A N   1 
ATOM   1004 C  CA  . HIS A 1 145 ? -2.510  -17.995 -1.352  1.00 11.95 ? 145 HIS A CA  1 
ATOM   1005 C  C   . HIS A 1 145 ? -1.379  -18.840 -1.937  1.00 12.08 ? 145 HIS A C   1 
ATOM   1006 O  O   . HIS A 1 145 ? -0.226  -18.732 -1.512  1.00 11.75 ? 145 HIS A O   1 
ATOM   1007 C  CB  . HIS A 1 145 ? -3.329  -18.829 -0.362  1.00 13.36 ? 145 HIS A CB  1 
ATOM   1008 C  CG  . HIS A 1 145 ? -2.586  -19.185 0.885   1.00 15.58 ? 145 HIS A CG  1 
ATOM   1009 N  ND1 . HIS A 1 145 ? -1.786  -20.305 0.981   1.00 17.62 ? 145 HIS A ND1 1 
ATOM   1010 C  CD2 . HIS A 1 145 ? -2.489  -18.550 2.077   1.00 16.37 ? 145 HIS A CD2 1 
ATOM   1011 C  CE1 . HIS A 1 145 ? -1.225  -20.339 2.178   1.00 18.13 ? 145 HIS A CE1 1 
ATOM   1012 N  NE2 . HIS A 1 145 ? -1.636  -19.286 2.862   1.00 17.28 ? 145 HIS A NE2 1 
ATOM   1013 N  N   . GLN A 1 146 ? -1.709  -19.659 -2.935  1.00 11.46 ? 146 GLN A N   1 
ATOM   1014 C  CA  . GLN A 1 146 ? -0.717  -20.516 -3.586  1.00 12.00 ? 146 GLN A CA  1 
ATOM   1015 C  C   . GLN A 1 146 ? 0.299   -19.680 -4.366  1.00 11.30 ? 146 GLN A C   1 
ATOM   1016 O  O   . GLN A 1 146 ? 1.500   -19.943 -4.312  1.00 11.14 ? 146 GLN A O   1 
ATOM   1017 C  CB  . GLN A 1 146 ? -1.406  -21.528 -4.515  1.00 13.18 ? 146 GLN A CB  1 
ATOM   1018 C  CG  . GLN A 1 146 ? -0.470  -22.581 -5.118  1.00 13.81 ? 146 GLN A CG  1 
ATOM   1019 C  CD  . GLN A 1 146 ? 0.207   -23.438 -4.061  1.00 14.37 ? 146 GLN A CD  1 
ATOM   1020 O  OE1 . GLN A 1 146 ? -0.451  -24.200 -3.354  1.00 16.92 ? 146 GLN A OE1 1 
ATOM   1021 N  NE2 . GLN A 1 146 ? 1.527   -23.315 -3.946  1.00 14.77 ? 146 GLN A NE2 1 
ATOM   1022 N  N   . ARG A 1 147 ? -0.184  -18.660 -5.073  1.00 11.92 ? 147 ARG A N   1 
ATOM   1023 C  CA  . ARG A 1 147 ? 0.705   -17.797 -5.846  1.00 12.52 ? 147 ARG A CA  1 
ATOM   1024 C  C   . ARG A 1 147 ? 1.667   -17.023 -4.941  1.00 12.76 ? 147 ARG A C   1 
ATOM   1025 O  O   . ARG A 1 147 ? 2.832   -16.829 -5.294  1.00 12.64 ? 147 ARG A O   1 
ATOM   1026 C  CB  . ARG A 1 147 ? -0.092  -16.854 -6.752  1.00 12.69 ? 147 ARG A CB  1 
ATOM   1027 C  CG  . ARG A 1 147 ? -0.880  -17.587 -7.838  1.00 14.05 ? 147 ARG A CG  1 
ATOM   1028 C  CD  . ARG A 1 147 ? -1.385  -16.654 -8.939  1.00 14.38 ? 147 ARG A CD  1 
ATOM   1029 N  NE  . ARG A 1 147 ? -2.265  -15.594 -8.451  1.00 14.85 ? 147 ARG A NE  1 
ATOM   1030 C  CZ  . ARG A 1 147 ? -3.582  -15.705 -8.286  1.00 16.01 ? 147 ARG A CZ  1 
ATOM   1031 N  NH1 . ARG A 1 147 ? -4.279  -14.668 -7.839  1.00 15.27 ? 147 ARG A NH1 1 
ATOM   1032 N  NH2 . ARG A 1 147 ? -4.205  -16.850 -8.549  1.00 17.19 ? 147 ARG A NH2 1 
ATOM   1033 N  N   . LEU A 1 148 ? 1.187   -16.616 -3.766  1.00 12.70 ? 148 LEU A N   1 
ATOM   1034 C  CA  . LEU A 1 148 ? 2.021   -15.897 -2.800  1.00 13.36 ? 148 LEU A CA  1 
ATOM   1035 C  C   . LEU A 1 148 ? 3.101   -16.825 -2.279  1.00 13.09 ? 148 LEU A C   1 
ATOM   1036 O  O   . LEU A 1 148 ? 4.252   -16.425 -2.093  1.00 13.69 ? 148 LEU A O   1 
ATOM   1037 C  CB  . LEU A 1 148 ? 1.183   -15.418 -1.619  1.00 14.17 ? 148 LEU A CB  1 
ATOM   1038 C  CG  . LEU A 1 148 ? 0.673   -13.981 -1.626  1.00 14.74 ? 148 LEU A CG  1 
ATOM   1039 C  CD1 . LEU A 1 148 ? -0.349  -13.824 -0.516  1.00 15.13 ? 148 LEU A CD1 1 
ATOM   1040 C  CD2 . LEU A 1 148 ? 1.834   -13.004 -1.451  1.00 13.59 ? 148 LEU A CD2 1 
ATOM   1041 N  N   . ASN A 1 149 ? 2.705   -18.070 -2.037  1.00 13.37 ? 149 ASN A N   1 
ATOM   1042 C  CA  . ASN A 1 149 ? 3.602   -19.097 -1.533  1.00 13.89 ? 149 ASN A CA  1 
ATOM   1043 C  C   . ASN A 1 149 ? 4.724   -19.359 -2.535  1.00 12.70 ? 149 ASN A C   1 
ATOM   1044 O  O   . ASN A 1 149 ? 5.905   -19.375 -2.174  1.00 12.18 ? 149 ASN A O   1 
ATOM   1045 C  CB  . ASN A 1 149 ? 2.810   -20.376 -1.288  1.00 17.71 ? 149 ASN A CB  1 
ATOM   1046 C  CG  . ASN A 1 149 ? 3.281   -21.118 -0.076  1.00 21.99 ? 149 ASN A CG  1 
ATOM   1047 O  OD1 . ASN A 1 149 ? 3.127   -20.646 1.054   1.00 24.91 ? 149 ASN A OD1 1 
ATOM   1048 N  ND2 . ASN A 1 149 ? 3.863   -22.290 -0.292  1.00 25.44 ? 149 ASN A ND2 1 
ATOM   1049 N  N   . ASP A 1 150 ? 4.350   -19.536 -3.799  1.00 11.79 ? 150 ASP A N   1 
ATOM   1050 C  CA  . ASP A 1 150 ? 5.324   -19.783 -4.859  1.00 12.36 ? 150 ASP A CA  1 
ATOM   1051 C  C   . ASP A 1 150 ? 6.272   -18.602 -5.050  1.00 11.46 ? 150 ASP A C   1 
ATOM   1052 O  O   . ASP A 1 150 ? 7.464   -18.793 -5.307  1.00 12.00 ? 150 ASP A O   1 
ATOM   1053 C  CB  . ASP A 1 150 ? 4.617   -20.104 -6.183  1.00 13.67 ? 150 ASP A CB  1 
ATOM   1054 C  CG  . ASP A 1 150 ? 3.827   -21.410 -6.134  1.00 18.41 ? 150 ASP A CG  1 
ATOM   1055 O  OD1 . ASP A 1 150 ? 4.075   -22.245 -5.228  1.00 18.83 ? 150 ASP A OD1 1 
ATOM   1056 O  OD2 . ASP A 1 150 ? 2.953   -21.601 -7.009  1.00 20.23 ? 150 ASP A OD2 1 
ATOM   1057 N  N   . TRP A 1 151 ? 5.738   -17.387 -4.926  1.00 11.02 ? 151 TRP A N   1 
ATOM   1058 C  CA  . TRP A 1 151 ? 6.545   -16.184 -5.074  1.00 10.64 ? 151 TRP A CA  1 
ATOM   1059 C  C   . TRP A 1 151 ? 7.566   -16.106 -3.935  1.00 10.87 ? 151 TRP A C   1 
ATOM   1060 O  O   . TRP A 1 151 ? 8.744   -15.831 -4.170  1.00 10.45 ? 151 TRP A O   1 
ATOM   1061 C  CB  . TRP A 1 151 ? 5.667   -14.928 -5.106  1.00 11.26 ? 151 TRP A CB  1 
ATOM   1062 C  CG  . TRP A 1 151 ? 6.438   -13.699 -5.480  1.00 11.77 ? 151 TRP A CG  1 
ATOM   1063 C  CD1 . TRP A 1 151 ? 6.820   -13.324 -6.740  1.00 12.38 ? 151 TRP A CD1 1 
ATOM   1064 C  CD2 . TRP A 1 151 ? 6.997   -12.726 -4.584  1.00 12.38 ? 151 TRP A CD2 1 
ATOM   1065 N  NE1 . TRP A 1 151 ? 7.594   -12.187 -6.681  1.00 12.75 ? 151 TRP A NE1 1 
ATOM   1066 C  CE2 . TRP A 1 151 ? 7.717   -11.799 -5.371  1.00 12.77 ? 151 TRP A CE2 1 
ATOM   1067 C  CE3 . TRP A 1 151 ? 6.967   -12.554 -3.191  1.00 12.92 ? 151 TRP A CE3 1 
ATOM   1068 C  CZ2 . TRP A 1 151 ? 8.406   -10.713 -4.810  1.00 13.06 ? 151 TRP A CZ2 1 
ATOM   1069 C  CZ3 . TRP A 1 151 ? 7.652   -11.474 -2.634  1.00 13.32 ? 151 TRP A CZ3 1 
ATOM   1070 C  CH2 . TRP A 1 151 ? 8.360   -10.569 -3.444  1.00 11.44 ? 151 TRP A CH2 1 
ATOM   1071 N  N   . ARG A 1 152 ? 7.122   -16.372 -2.707  1.00 10.77 ? 152 ARG A N   1 
ATOM   1072 C  CA  . ARG A 1 152 ? 8.030   -16.346 -1.566  1.00 12.01 ? 152 ARG A CA  1 
ATOM   1073 C  C   . ARG A 1 152 ? 9.131   -17.388 -1.717  1.00 11.95 ? 152 ARG A C   1 
ATOM   1074 O  O   . ARG A 1 152 ? 10.291  -17.097 -1.431  1.00 12.48 ? 152 ARG A O   1 
ATOM   1075 C  CB  . ARG A 1 152 ? 7.291   -16.554 -0.244  1.00 11.57 ? 152 ARG A CB  1 
ATOM   1076 C  CG  A ARG A 1 152 ? 8.209   -16.645 0.964   0.50 12.21 ? 152 ARG A CG  1 
ATOM   1077 C  CG  B ARG A 1 152 ? 6.743   -15.282 0.372   0.50 13.31 ? 152 ARG A CG  1 
ATOM   1078 C  CD  A ARG A 1 152 ? 7.461   -16.426 2.266   0.50 13.73 ? 152 ARG A CD  1 
ATOM   1079 C  CD  B ARG A 1 152 ? 6.398   -15.519 1.826   0.50 14.69 ? 152 ARG A CD  1 
ATOM   1080 N  NE  A ARG A 1 152 ? 7.088   -15.026 2.453   0.50 13.48 ? 152 ARG A NE  1 
ATOM   1081 N  NE  B ARG A 1 152 ? 6.029   -14.292 2.522   0.50 15.34 ? 152 ARG A NE  1 
ATOM   1082 C  CZ  A ARG A 1 152 ? 6.721   -14.499 3.619   0.50 15.58 ? 152 ARG A CZ  1 
ATOM   1083 C  CZ  B ARG A 1 152 ? 6.022   -14.156 3.845   0.50 17.58 ? 152 ARG A CZ  1 
ATOM   1084 N  NH1 A ARG A 1 152 ? 6.670   -15.257 4.709   0.50 14.91 ? 152 ARG A NH1 1 
ATOM   1085 N  NH1 B ARG A 1 152 ? 6.365   -15.176 4.624   0.50 16.86 ? 152 ARG A NH1 1 
ATOM   1086 N  NH2 A ARG A 1 152 ? 6.426   -13.208 3.701   0.50 13.61 ? 152 ARG A NH2 1 
ATOM   1087 N  NH2 B ARG A 1 152 ? 5.669   -13.001 4.392   0.50 16.26 ? 152 ARG A NH2 1 
ATOM   1088 N  N   . LYS A 1 153 ? 8.768   -18.592 -2.160  1.00 12.36 ? 153 LYS A N   1 
ATOM   1089 C  CA  . LYS A 1 153 ? 9.748   -19.666 -2.359  1.00 13.15 ? 153 LYS A CA  1 
ATOM   1090 C  C   . LYS A 1 153 ? 10.785  -19.240 -3.395  1.00 11.08 ? 153 LYS A C   1 
ATOM   1091 O  O   . LYS A 1 153 ? 11.977  -19.500 -3.234  1.00 11.71 ? 153 LYS A O   1 
ATOM   1092 C  CB  . LYS A 1 153 ? 9.092   -20.963 -2.857  1.00 16.24 ? 153 LYS A CB  1 
ATOM   1093 C  CG  . LYS A 1 153 ? 8.166   -21.687 -1.893  1.00 22.61 ? 153 LYS A CG  1 
ATOM   1094 C  CD  . LYS A 1 153 ? 7.885   -23.110 -2.424  1.00 26.74 ? 153 LYS A CD  1 
ATOM   1095 C  CE  . LYS A 1 153 ? 6.627   -23.752 -1.825  1.00 28.53 ? 153 LYS A CE  1 
ATOM   1096 N  NZ  . LYS A 1 153 ? 5.361   -23.258 -2.464  1.00 29.79 ? 153 LYS A NZ  1 
ATOM   1097 N  N   . ALA A 1 154 ? 10.322  -18.587 -4.458  1.00 9.52  ? 154 ALA A N   1 
ATOM   1098 C  CA  . ALA A 1 154 ? 11.205  -18.119 -5.519  1.00 9.58  ? 154 ALA A CA  1 
ATOM   1099 C  C   . ALA A 1 154 ? 12.242  -17.126 -4.999  1.00 9.62  ? 154 ALA A C   1 
ATOM   1100 O  O   . ALA A 1 154 ? 13.403  -17.181 -5.404  1.00 10.74 ? 154 ALA A O   1 
ATOM   1101 C  CB  . ALA A 1 154 ? 10.396  -17.500 -6.649  1.00 8.70  ? 154 ALA A CB  1 
ATOM   1102 N  N   . GLN A 1 155 ? 11.833  -16.243 -4.084  1.00 9.87  ? 155 GLN A N   1 
ATOM   1103 C  CA  . GLN A 1 155 ? 12.745  -15.248 -3.511  1.00 10.41 ? 155 GLN A CA  1 
ATOM   1104 C  C   . GLN A 1 155 ? 13.779  -15.916 -2.606  1.00 10.30 ? 155 GLN A C   1 
ATOM   1105 O  O   . GLN A 1 155 ? 14.954  -15.562 -2.621  1.00 11.43 ? 155 GLN A O   1 
ATOM   1106 C  CB  . GLN A 1 155 ? 11.978  -14.187 -2.711  1.00 11.67 ? 155 GLN A CB  1 
ATOM   1107 C  CG  . GLN A 1 155 ? 10.754  -13.591 -3.405  1.00 12.82 ? 155 GLN A CG  1 
ATOM   1108 C  CD  . GLN A 1 155 ? 10.994  -13.208 -4.858  1.00 15.33 ? 155 GLN A CD  1 
ATOM   1109 O  OE1 . GLN A 1 155 ? 10.332  -13.726 -5.761  1.00 17.79 ? 155 GLN A OE1 1 
ATOM   1110 N  NE2 . GLN A 1 155 ? 11.926  -12.289 -5.089  1.00 12.37 ? 155 GLN A NE2 1 
ATOM   1111 N  N   . THR A 1 156 ? 13.328  -16.885 -1.816  1.00 10.76 ? 156 THR A N   1 
ATOM   1112 C  CA  . THR A 1 156 ? 14.200  -17.627 -0.910  1.00 10.67 ? 156 THR A CA  1 
ATOM   1113 C  C   . THR A 1 156 ? 15.246  -18.431 -1.692  1.00 10.75 ? 156 THR A C   1 
ATOM   1114 O  O   . THR A 1 156 ? 16.437  -18.361 -1.393  1.00 10.61 ? 156 THR A O   1 
ATOM   1115 C  CB  . THR A 1 156 ? 13.379  -18.589 -0.023  1.00 11.06 ? 156 THR A CB  1 
ATOM   1116 O  OG1 . THR A 1 156 ? 12.523  -17.827 0.840   1.00 11.71 ? 156 THR A OG1 1 
ATOM   1117 C  CG2 . THR A 1 156 ? 14.286  -19.467 0.816   1.00 10.07 ? 156 THR A CG2 1 
ATOM   1118 N  N   . ASP A 1 157 ? 14.787  -19.164 -2.707  1.00 11.58 ? 157 ASP A N   1 
ATOM   1119 C  CA  . ASP A 1 157 ? 15.656  -19.987 -3.544  1.00 12.97 ? 157 ASP A CA  1 
ATOM   1120 C  C   . ASP A 1 157 ? 16.751  -19.189 -4.234  1.00 13.20 ? 157 ASP A C   1 
ATOM   1121 O  O   . ASP A 1 157 ? 17.872  -19.668 -4.372  1.00 13.85 ? 157 ASP A O   1 
ATOM   1122 C  CB  . ASP A 1 157 ? 14.841  -20.746 -4.598  1.00 16.54 ? 157 ASP A CB  1 
ATOM   1123 C  CG  . ASP A 1 157 ? 14.009  -21.872 -4.007  1.00 20.93 ? 157 ASP A CG  1 
ATOM   1124 O  OD1 . ASP A 1 157 ? 14.269  -22.272 -2.847  1.00 23.68 ? 157 ASP A OD1 1 
ATOM   1125 O  OD2 . ASP A 1 157 ? 13.094  -22.367 -4.710  1.00 23.19 ? 157 ASP A OD2 1 
ATOM   1126 N  N   . GLU A 1 158 ? 16.424  -17.978 -4.677  1.00 14.29 ? 158 GLU A N   1 
ATOM   1127 C  CA  . GLU A 1 158 ? 17.396  -17.120 -5.349  1.00 15.90 ? 158 GLU A CA  1 
ATOM   1128 C  C   . GLU A 1 158 ? 18.570  -16.814 -4.415  1.00 16.33 ? 158 GLU A C   1 
ATOM   1129 O  O   . GLU A 1 158 ? 19.731  -16.841 -4.831  1.00 16.46 ? 158 GLU A O   1 
ATOM   1130 C  CB  . GLU A 1 158 ? 16.726  -15.827 -5.817  1.00 17.65 ? 158 GLU A CB  1 
ATOM   1131 C  CG  . GLU A 1 158 ? 17.642  -14.882 -6.577  1.00 22.15 ? 158 GLU A CG  1 
ATOM   1132 C  CD  . GLU A 1 158 ? 16.918  -13.635 -7.066  1.00 25.01 ? 158 GLU A CD  1 
ATOM   1133 O  OE1 . GLU A 1 158 ? 16.629  -12.740 -6.240  1.00 26.79 ? 158 GLU A OE1 1 
ATOM   1134 O  OE2 . GLU A 1 158 ? 16.636  -13.547 -8.281  1.00 27.82 ? 158 GLU A OE2 1 
ATOM   1135 N  N   . VAL A 1 159 ? 18.262  -16.558 -3.144  1.00 15.41 ? 159 VAL A N   1 
ATOM   1136 C  CA  . VAL A 1 159 ? 19.286  -16.272 -2.150  1.00 15.31 ? 159 VAL A CA  1 
ATOM   1137 C  C   . VAL A 1 159 ? 20.062  -17.550 -1.822  1.00 14.66 ? 159 VAL A C   1 
ATOM   1138 O  O   . VAL A 1 159 ? 21.289  -17.526 -1.720  1.00 15.28 ? 159 VAL A O   1 
ATOM   1139 C  CB  . VAL A 1 159 ? 18.677  -15.694 -0.845  1.00 15.02 ? 159 VAL A CB  1 
ATOM   1140 C  CG1 . VAL A 1 159 ? 19.785  -15.330 0.146   1.00 14.47 ? 159 VAL A CG1 1 
ATOM   1141 C  CG2 . VAL A 1 159 ? 17.829  -14.484 -1.153  1.00 14.22 ? 159 VAL A CG2 1 
ATOM   1142 N  N   . LEU A 1 160 ? 19.348  -18.668 -1.697  1.00 14.06 ? 160 LEU A N   1 
ATOM   1143 C  CA  . LEU A 1 160 ? 19.979  -19.953 -1.375  1.00 14.08 ? 160 LEU A CA  1 
ATOM   1144 C  C   . LEU A 1 160 ? 20.921  -20.484 -2.457  1.00 14.09 ? 160 LEU A C   1 
ATOM   1145 O  O   . LEU A 1 160 ? 21.931  -21.104 -2.143  1.00 14.39 ? 160 LEU A O   1 
ATOM   1146 C  CB  . LEU A 1 160 ? 18.927  -21.018 -1.043  1.00 12.96 ? 160 LEU A CB  1 
ATOM   1147 C  CG  . LEU A 1 160 ? 18.117  -20.854 0.246   1.00 12.96 ? 160 LEU A CG  1 
ATOM   1148 C  CD1 . LEU A 1 160 ? 17.081  -21.953 0.347   1.00 13.99 ? 160 LEU A CD1 1 
ATOM   1149 C  CD2 . LEU A 1 160 ? 19.026  -20.880 1.455   1.00 11.20 ? 160 LEU A CD2 1 
ATOM   1150 N  N   . GLU A 1 161 ? 20.588  -20.259 -3.723  1.00 15.13 ? 161 GLU A N   1 
ATOM   1151 C  CA  . GLU A 1 161 ? 21.442  -20.741 -4.802  1.00 17.14 ? 161 GLU A CA  1 
ATOM   1152 C  C   . GLU A 1 161 ? 22.593  -19.792 -5.148  1.00 17.59 ? 161 GLU A C   1 
ATOM   1153 O  O   . GLU A 1 161 ? 23.357  -20.052 -6.079  1.00 17.86 ? 161 GLU A O   1 
ATOM   1154 C  CB  . GLU A 1 161 ? 20.615  -21.082 -6.048  1.00 20.41 ? 161 GLU A CB  1 
ATOM   1155 C  CG  . GLU A 1 161 ? 19.860  -19.924 -6.674  1.00 26.31 ? 161 GLU A CG  1 
ATOM   1156 C  CD  . GLU A 1 161 ? 19.063  -20.343 -7.910  1.00 30.00 ? 161 GLU A CD  1 
ATOM   1157 O  OE1 . GLU A 1 161 ? 19.689  -20.602 -8.966  1.00 31.49 ? 161 GLU A OE1 1 
ATOM   1158 O  OE2 . GLU A 1 161 ? 17.813  -20.410 -7.828  1.00 31.84 ? 161 GLU A OE2 1 
ATOM   1159 N  N   . ASN A 1 162 ? 22.727  -18.709 -4.380  1.00 16.79 ? 162 ASN A N   1 
ATOM   1160 C  CA  . ASN A 1 162 ? 23.791  -17.721 -4.587  1.00 16.57 ? 162 ASN A CA  1 
ATOM   1161 C  C   . ASN A 1 162 ? 24.367  -17.248 -3.254  1.00 15.33 ? 162 ASN A C   1 
ATOM   1162 O  O   . ASN A 1 162 ? 24.346  -16.058 -2.947  1.00 16.02 ? 162 ASN A O   1 
ATOM   1163 C  CB  . ASN A 1 162 ? 23.253  -16.520 -5.368  1.00 17.97 ? 162 ASN A CB  1 
ATOM   1164 C  CG  . ASN A 1 162 ? 22.867  -16.876 -6.784  1.00 20.33 ? 162 ASN A CG  1 
ATOM   1165 O  OD1 . ASN A 1 162 ? 23.730  -17.045 -7.648  1.00 20.61 ? 162 ASN A OD1 1 
ATOM   1166 N  ND2 . ASN A 1 162 ? 21.567  -17.009 -7.031  1.00 19.68 ? 162 ASN A ND2 1 
ATOM   1167 N  N   . PRO A 1 163 ? 24.939  -18.174 -2.466  1.00 15.72 ? 163 PRO A N   1 
ATOM   1168 C  CA  . PRO A 1 163 ? 25.523  -17.863 -1.159  1.00 15.22 ? 163 PRO A CA  1 
ATOM   1169 C  C   . PRO A 1 163 ? 26.803  -17.022 -1.128  1.00 15.34 ? 163 PRO A C   1 
ATOM   1170 O  O   . PRO A 1 163 ? 27.064  -16.354 -0.132  1.00 14.86 ? 163 PRO A O   1 
ATOM   1171 C  CB  . PRO A 1 163 ? 25.751  -19.250 -0.559  1.00 16.45 ? 163 PRO A CB  1 
ATOM   1172 C  CG  . PRO A 1 163 ? 26.102  -20.061 -1.743  1.00 16.34 ? 163 PRO A CG  1 
ATOM   1173 C  CD  . PRO A 1 163 ? 25.075  -19.612 -2.763  1.00 15.27 ? 163 PRO A CD  1 
ATOM   1174 N  N   . ASP A 1 164 ? 27.603  -17.064 -2.193  1.00 14.91 ? 164 ASP A N   1 
ATOM   1175 C  CA  . ASP A 1 164 ? 28.853  -16.301 -2.242  1.00 15.58 ? 164 ASP A CA  1 
ATOM   1176 C  C   . ASP A 1 164 ? 28.672  -15.004 -3.035  1.00 15.29 ? 164 ASP A C   1 
ATOM   1177 O  O   . ASP A 1 164 ? 28.495  -15.035 -4.250  1.00 15.24 ? 164 ASP A O   1 
ATOM   1178 C  CB  . ASP A 1 164 ? 29.966  -17.153 -2.870  1.00 17.06 ? 164 ASP A CB  1 
ATOM   1179 C  CG  . ASP A 1 164 ? 31.368  -16.607 -2.591  1.00 19.01 ? 164 ASP A CG  1 
ATOM   1180 O  OD1 . ASP A 1 164 ? 32.333  -17.393 -2.678  1.00 20.47 ? 164 ASP A OD1 1 
ATOM   1181 O  OD2 . ASP A 1 164 ? 31.525  -15.409 -2.285  1.00 19.54 ? 164 ASP A OD2 1 
ATOM   1182 N  N   . PRO A 1 165 ? 28.757  -13.845 -2.356  1.00 15.21 ? 165 PRO A N   1 
ATOM   1183 C  CA  . PRO A 1 165 ? 28.597  -12.528 -2.988  1.00 15.69 ? 165 PRO A CA  1 
ATOM   1184 C  C   . PRO A 1 165 ? 29.816  -12.006 -3.756  1.00 15.41 ? 165 PRO A C   1 
ATOM   1185 O  O   . PRO A 1 165 ? 29.724  -11.000 -4.461  1.00 16.17 ? 165 PRO A O   1 
ATOM   1186 C  CB  . PRO A 1 165 ? 28.286  -11.630 -1.795  1.00 16.35 ? 165 PRO A CB  1 
ATOM   1187 C  CG  . PRO A 1 165 ? 29.167  -12.210 -0.731  1.00 15.14 ? 165 PRO A CG  1 
ATOM   1188 C  CD  . PRO A 1 165 ? 28.949  -13.705 -0.898  1.00 15.14 ? 165 PRO A CD  1 
ATOM   1189 N  N   . ARG A 1 166 ? 30.947  -12.685 -3.615  1.00 14.92 ? 166 ARG A N   1 
ATOM   1190 C  CA  . ARG A 1 166 ? 32.179  -12.276 -4.273  1.00 16.02 ? 166 ARG A CA  1 
ATOM   1191 C  C   . ARG A 1 166 ? 32.180  -12.559 -5.774  1.00 16.25 ? 166 ARG A C   1 
ATOM   1192 O  O   . ARG A 1 166 ? 31.325  -13.285 -6.280  1.00 15.81 ? 166 ARG A O   1 
ATOM   1193 C  CB  . ARG A 1 166 ? 33.364  -12.962 -3.592  1.00 16.56 ? 166 ARG A CB  1 
ATOM   1194 C  CG  . ARG A 1 166 ? 33.500  -12.579 -2.121  1.00 16.82 ? 166 ARG A CG  1 
ATOM   1195 C  CD  . ARG A 1 166 ? 34.543  -13.408 -1.394  1.00 16.91 ? 166 ARG A CD  1 
ATOM   1196 N  NE  . ARG A 1 166 ? 34.101  -14.779 -1.154  1.00 17.38 ? 166 ARG A NE  1 
ATOM   1197 C  CZ  . ARG A 1 166 ? 34.732  -15.639 -0.355  1.00 18.33 ? 166 ARG A CZ  1 
ATOM   1198 N  NH1 . ARG A 1 166 ? 35.835  -15.269 0.287   1.00 18.47 ? 166 ARG A NH1 1 
ATOM   1199 N  NH2 . ARG A 1 166 ? 34.265  -16.871 -0.202  1.00 17.28 ? 166 ARG A NH2 1 
ATOM   1200 N  N   . GLY A 1 167 ? 33.121  -11.947 -6.489  1.00 17.18 ? 167 GLY A N   1 
ATOM   1201 C  CA  . GLY A 1 167 ? 33.210  -12.162 -7.925  1.00 17.66 ? 167 GLY A CA  1 
ATOM   1202 C  C   . GLY A 1 167 ? 33.502  -13.618 -8.246  1.00 18.19 ? 167 GLY A C   1 
ATOM   1203 O  O   . GLY A 1 167 ? 34.165  -14.315 -7.465  1.00 18.02 ? 167 GLY A O   1 
ATOM   1204 N  N   . ALA A 1 168 ? 32.997  -14.086 -9.387  1.00 18.42 ? 168 ALA A N   1 
ATOM   1205 C  CA  . ALA A 1 168 ? 33.198  -15.470 -9.823  1.00 19.43 ? 168 ALA A CA  1 
ATOM   1206 C  C   . ALA A 1 168 ? 34.688  -15.859 -9.897  1.00 19.61 ? 168 ALA A C   1 
ATOM   1207 O  O   . ALA A 1 168 ? 35.503  -15.027 -10.349 1.00 18.70 ? 168 ALA A O   1 
ATOM   1208 C  CB  . ALA A 1 168 ? 32.522  -15.694 -11.173 1.00 19.59 ? 168 ALA A CB  1 
ATOM   1209 N  N   . ALA A 1 169 ? 35.029  -16.989 -9.479  1.00 20.79 ? 169 ALA A N   1 
HETATM 1210 O  O   . HOH B 2 .   ? -12.596 17.462  -4.318  1.00 7.54  ? 201 HOH A O   1 
HETATM 1211 O  O   . HOH B 2 .   ? -2.256  9.798   7.556   1.00 11.05 ? 202 HOH A O   1 
HETATM 1212 O  O   . HOH B 2 .   ? 7.692   -2.610  4.979   1.00 11.09 ? 203 HOH A O   1 
HETATM 1213 O  O   . HOH B 2 .   ? -1.373  3.763   12.771  1.00 11.23 ? 204 HOH A O   1 
HETATM 1214 O  O   . HOH B 2 .   ? 9.554   7.286   -1.675  1.00 9.78  ? 205 HOH A O   1 
HETATM 1215 O  O   . HOH B 2 .   ? -10.346 2.138   7.965   1.00 8.84  ? 206 HOH A O   1 
HETATM 1216 O  O   . HOH B 2 .   ? 7.617   -4.179  -6.514  1.00 13.84 ? 207 HOH A O   1 
HETATM 1217 O  O   . HOH B 2 .   ? 10.652  16.920  4.356   1.00 10.45 ? 208 HOH A O   1 
HETATM 1218 O  O   . HOH B 2 .   ? 7.856   17.291  3.377   1.00 16.91 ? 209 HOH A O   1 
HETATM 1219 O  O   . HOH B 2 .   ? -2.336  23.370  -4.361  1.00 13.61 ? 210 HOH A O   1 
HETATM 1220 O  O   . HOH B 2 .   ? 12.218  1.902   0.285   1.00 12.99 ? 211 HOH A O   1 
HETATM 1221 O  O   . HOH B 2 .   ? 7.597   9.132   -5.356  1.00 11.29 ? 212 HOH A O   1 
HETATM 1222 O  O   . HOH B 2 .   ? 12.953  2.483   4.016   1.00 12.35 ? 213 HOH A O   1 
HETATM 1223 O  O   . HOH B 2 .   ? 11.489  12.265  17.002  1.00 14.79 ? 214 HOH A O   1 
HETATM 1224 O  O   . HOH B 2 .   ? 9.584   16.875  -0.358  1.00 12.50 ? 215 HOH A O   1 
HETATM 1225 O  O   . HOH B 2 .   ? -2.303  -15.164 3.881   1.00 14.54 ? 216 HOH A O   1 
HETATM 1226 O  O   . HOH B 2 .   ? -1.530  13.681  2.462   1.00 12.74 ? 217 HOH A O   1 
HETATM 1227 O  O   . HOH B 2 .   ? -16.682 2.470   2.669   1.00 10.77 ? 218 HOH A O   1 
HETATM 1228 O  O   . HOH B 2 .   ? -14.499 4.098   -3.498  1.00 15.00 ? 219 HOH A O   1 
HETATM 1229 O  O   . HOH B 2 .   ? -7.854  1.001   8.718   1.00 13.03 ? 220 HOH A O   1 
HETATM 1230 O  O   . HOH B 2 .   ? 23.363  -23.406 -16.993 1.00 33.63 ? 221 HOH A O   1 
HETATM 1231 O  O   . HOH B 2 .   ? -8.388  22.362  -1.087  1.00 16.80 ? 222 HOH A O   1 
HETATM 1232 O  O   . HOH B 2 .   ? 14.788  13.015  9.077   1.00 20.97 ? 223 HOH A O   1 
HETATM 1233 O  O   . HOH B 2 .   ? -9.087  -12.339 -3.821  1.00 23.15 ? 224 HOH A O   1 
HETATM 1234 O  O   . HOH B 2 .   ? -0.845  8.127   22.734  1.00 20.02 ? 225 HOH A O   1 
HETATM 1235 O  O   . HOH B 2 .   ? 11.276  -15.161 1.153   1.00 15.79 ? 226 HOH A O   1 
HETATM 1236 O  O   . HOH B 2 .   ? 12.567  -8.084  -3.036  1.00 28.40 ? 227 HOH A O   1 
HETATM 1237 O  O   . HOH B 2 .   ? -10.278 -12.738 -1.016  1.00 24.04 ? 228 HOH A O   1 
HETATM 1238 O  O   . HOH B 2 .   ? 11.768  -10.090 -6.865  1.00 25.58 ? 229 HOH A O   1 
HETATM 1239 O  O   . HOH B 2 .   ? -4.951  7.397   21.328  1.00 14.76 ? 230 HOH A O   1 
HETATM 1240 O  O   . HOH B 2 .   ? -1.145  15.421  -8.533  1.00 21.41 ? 231 HOH A O   1 
HETATM 1241 O  O   . HOH B 2 .   ? -4.427  14.494  16.811  1.00 25.66 ? 232 HOH A O   1 
HETATM 1242 O  O   . HOH B 2 .   ? 10.343  -1.916  -3.773  1.00 21.83 ? 233 HOH A O   1 
HETATM 1243 O  O   . HOH B 2 .   ? -8.264  12.945  -9.122  1.00 20.07 ? 234 HOH A O   1 
HETATM 1244 O  O   . HOH B 2 .   ? 36.386  -10.991 -3.290  1.00 30.23 ? 235 HOH A O   1 
HETATM 1245 O  O   . HOH B 2 .   ? 3.835   -0.965  -11.710 1.00 19.59 ? 236 HOH A O   1 
HETATM 1246 O  O   . HOH B 2 .   ? 37.214  -13.139 -9.459  1.00 15.48 ? 237 HOH A O   1 
HETATM 1247 O  O   . HOH B 2 .   ? 6.446   20.091  2.972   1.00 17.20 ? 238 HOH A O   1 
HETATM 1248 O  O   . HOH B 2 .   ? -2.463  16.687  -12.452 1.00 32.17 ? 239 HOH A O   1 
HETATM 1249 O  O   . HOH B 2 .   ? 1.904   -15.184 -16.644 1.00 35.74 ? 240 HOH A O   1 
HETATM 1250 O  O   . HOH B 2 .   ? -2.698  14.140  -0.037  1.00 19.77 ? 241 HOH A O   1 
HETATM 1251 O  O   . HOH B 2 .   ? -7.955  6.267   -11.871 1.00 21.39 ? 242 HOH A O   1 
HETATM 1252 O  O   . HOH B 2 .   ? 27.178  -18.109 -5.077  1.00 22.79 ? 243 HOH A O   1 
HETATM 1253 O  O   . HOH B 2 .   ? 6.160   -18.306 4.687   1.00 20.00 ? 244 HOH A O   1 
HETATM 1254 O  O   . HOH B 2 .   ? -15.268 6.388   24.921  1.00 27.31 ? 245 HOH A O   1 
HETATM 1255 O  O   . HOH B 2 .   ? -7.011  -15.330 -7.151  1.00 25.00 ? 246 HOH A O   1 
HETATM 1256 O  O   . HOH B 2 .   ? 30.869  -9.036  -6.476  1.00 26.97 ? 247 HOH A O   1 
HETATM 1257 O  O   . HOH B 2 .   ? 5.741   12.777  -4.472  1.00 20.94 ? 248 HOH A O   1 
HETATM 1258 O  O   . HOH B 2 .   ? 24.552  -13.599 -3.461  1.00 27.99 ? 249 HOH A O   1 
HETATM 1259 O  O   . HOH B 2 .   ? 3.984   -26.639 -8.295  1.00 26.41 ? 250 HOH A O   1 
HETATM 1260 O  O   . HOH B 2 .   ? 1.344   13.174  -1.038  1.00 26.00 ? 251 HOH A O   1 
HETATM 1261 O  O   . HOH B 2 .   ? -9.200  -12.784 7.565   1.00 23.05 ? 252 HOH A O   1 
HETATM 1262 O  O   . HOH B 2 .   ? 4.560   17.280  0.599   1.00 17.97 ? 253 HOH A O   1 
HETATM 1263 O  O   . HOH B 2 .   ? 16.944  14.155  6.134   1.00 24.16 ? 254 HOH A O   1 
HETATM 1264 O  O   . HOH B 2 .   ? 3.565   -16.736 -7.969  1.00 13.60 ? 255 HOH A O   1 
HETATM 1265 O  O   . HOH B 2 .   ? -2.768  20.948  -8.573  1.00 23.32 ? 256 HOH A O   1 
HETATM 1266 O  O   . HOH B 2 .   ? -7.874  -24.114 -2.271  1.00 29.61 ? 257 HOH A O   1 
HETATM 1267 O  O   . HOH B 2 .   ? 11.828  -7.327  -13.555 1.00 27.86 ? 258 HOH A O   1 
HETATM 1268 O  O   . HOH B 2 .   ? -13.612 22.050  -8.306  1.00 27.72 ? 259 HOH A O   1 
HETATM 1269 O  O   . HOH B 2 .   ? 4.672   -11.876 1.265   1.00 21.93 ? 260 HOH A O   1 
HETATM 1270 O  O   . HOH B 2 .   ? -15.364 -7.200  -3.588  1.00 28.88 ? 261 HOH A O   1 
HETATM 1271 O  O   . HOH B 2 .   ? 11.691  -2.950  -6.162  1.00 25.94 ? 262 HOH A O   1 
HETATM 1272 O  O   . HOH B 2 .   ? -7.906  1.744   -12.265 1.00 21.84 ? 263 HOH A O   1 
HETATM 1273 O  O   . HOH B 2 .   ? 11.818  4.952   -2.390  1.00 22.40 ? 264 HOH A O   1 
HETATM 1274 O  O   . HOH B 2 .   ? -8.408  -7.711  -6.054  1.00 15.66 ? 265 HOH A O   1 
HETATM 1275 O  O   . HOH B 2 .   ? 29.132  -9.733  -13.896 1.00 29.94 ? 266 HOH A O   1 
HETATM 1276 O  O   . HOH B 2 .   ? -19.294 12.607  0.143   1.00 27.55 ? 267 HOH A O   1 
HETATM 1277 O  O   . HOH B 2 .   ? -17.408 14.699  -14.208 1.00 23.67 ? 268 HOH A O   1 
HETATM 1278 O  O   . HOH B 2 .   ? -13.299 5.693   16.845  1.00 17.57 ? 269 HOH A O   1 
HETATM 1279 O  O   . HOH B 2 .   ? 15.441  3.545   2.897   1.00 14.73 ? 270 HOH A O   1 
HETATM 1280 O  O   . HOH B 2 .   ? -4.648  5.474   23.774  1.00 9.41  ? 271 HOH A O   1 
HETATM 1281 O  O   . HOH B 2 .   ? 15.144  9.950   16.151  1.00 12.30 ? 272 HOH A O   1 
HETATM 1282 O  O   . HOH B 2 .   ? -2.328  8.466   20.613  1.00 15.46 ? 273 HOH A O   1 
HETATM 1283 O  O   . HOH B 2 .   ? 14.297  -18.370 -7.692  1.00 16.05 ? 274 HOH A O   1 
HETATM 1284 O  O   . HOH B 2 .   ? 1.630   -15.459 -9.530  1.00 19.33 ? 275 HOH A O   1 
HETATM 1285 O  O   . HOH B 2 .   ? 3.189   17.694  2.745   1.00 16.37 ? 276 HOH A O   1 
HETATM 1286 O  O   . HOH B 2 .   ? 13.040  -10.904 -3.199  1.00 21.94 ? 277 HOH A O   1 
HETATM 1287 O  O   . HOH B 2 .   ? -6.468  -12.344 7.273   1.00 21.73 ? 278 HOH A O   1 
HETATM 1288 O  O   . HOH B 2 .   ? 8.586   -20.889 -6.425  1.00 23.27 ? 279 HOH A O   1 
HETATM 1289 O  O   . HOH B 2 .   ? -12.501 19.801  -2.561  1.00 22.95 ? 280 HOH A O   1 
HETATM 1290 O  O   . HOH B 2 .   ? 7.101   15.864  0.886   1.00 19.06 ? 281 HOH A O   1 
HETATM 1291 O  O   . HOH B 2 .   ? -10.796 -19.943 -2.129  1.00 23.85 ? 282 HOH A O   1 
HETATM 1292 O  O   . HOH B 2 .   ? -13.411 3.345   15.311  1.00 23.20 ? 283 HOH A O   1 
HETATM 1293 O  O   . HOH B 2 .   ? -6.400  -4.658  -12.454 1.00 21.27 ? 284 HOH A O   1 
HETATM 1294 O  O   . HOH B 2 .   ? 37.171  -12.847 1.108   1.00 24.02 ? 285 HOH A O   1 
HETATM 1295 O  O   . HOH B 2 .   ? 30.755  -15.841 -5.997  1.00 22.47 ? 286 HOH A O   1 
HETATM 1296 O  O   . HOH B 2 .   ? 15.475  12.757  1.493   1.00 23.26 ? 287 HOH A O   1 
HETATM 1297 O  O   . HOH B 2 .   ? 2.717   15.716  -8.816  1.00 23.50 ? 288 HOH A O   1 
HETATM 1298 O  O   . HOH B 2 .   ? 17.889  10.228  3.071   1.00 20.17 ? 289 HOH A O   1 
HETATM 1299 O  O   . HOH B 2 .   ? 10.663  -4.045  -8.663  1.00 24.82 ? 290 HOH A O   1 
HETATM 1300 O  O   . HOH B 2 .   ? -3.535  -22.687 -1.321  1.00 21.43 ? 291 HOH A O   1 
HETATM 1301 O  O   . HOH B 2 .   ? -17.581 14.456  -0.445  1.00 25.11 ? 292 HOH A O   1 
HETATM 1302 O  O   . HOH B 2 .   ? -8.107  -10.387 -5.738  1.00 23.55 ? 293 HOH A O   1 
HETATM 1303 O  O   . HOH B 2 .   ? 2.638   -19.430 -9.014  1.00 24.59 ? 294 HOH A O   1 
HETATM 1304 O  O   . HOH B 2 .   ? -18.871 2.237   4.131   1.00 25.49 ? 295 HOH A O   1 
HETATM 1305 O  O   . HOH B 2 .   ? 8.099   11.506  -4.526  1.00 24.86 ? 296 HOH A O   1 
HETATM 1306 O  O   . HOH B 2 .   ? -17.265 1.193   6.215   1.00 23.02 ? 297 HOH A O   1 
HETATM 1307 O  O   . HOH B 2 .   ? 10.019  -8.991  -8.404  1.00 23.39 ? 298 HOH A O   1 
HETATM 1308 O  O   . HOH B 2 .   ? 0.110   -26.081 -1.138  1.00 27.08 ? 299 HOH A O   1 
HETATM 1309 O  O   . HOH B 2 .   ? -7.380  -18.998 5.146   1.00 30.82 ? 300 HOH A O   1 
HETATM 1310 O  O   . HOH B 2 .   ? 10.344  -19.330 1.440   1.00 26.45 ? 301 HOH A O   1 
HETATM 1311 O  O   . HOH B 2 .   ? 5.067   -11.102 5.674   1.00 22.30 ? 302 HOH A O   1 
HETATM 1312 O  O   . HOH B 2 .   ? 6.601   -20.179 0.557   1.00 26.29 ? 303 HOH A O   1 
HETATM 1313 O  O   . HOH B 2 .   ? 1.159   16.931  -1.624  1.00 26.18 ? 304 HOH A O   1 
HETATM 1314 O  O   . HOH B 2 .   ? -9.551  -11.983 3.676   1.00 23.54 ? 305 HOH A O   1 
HETATM 1315 O  O   . HOH B 2 .   ? 7.865   11.842  -9.226  1.00 28.92 ? 306 HOH A O   1 
HETATM 1316 O  O   . HOH B 2 .   ? 8.927   12.980  -1.982  1.00 24.80 ? 307 HOH A O   1 
HETATM 1317 O  O   . HOH B 2 .   ? -3.168  -19.990 -9.134  1.00 26.98 ? 308 HOH A O   1 
HETATM 1318 O  O   . HOH B 2 .   ? 38.246  -13.452 -6.800  1.00 28.01 ? 309 HOH A O   1 
HETATM 1319 O  O   . HOH B 2 .   ? -16.537 -4.253  0.078   1.00 25.82 ? 310 HOH A O   1 
HETATM 1320 O  O   . HOH B 2 .   ? -16.769 7.467   9.634   1.00 27.88 ? 311 HOH A O   1 
HETATM 1321 O  O   . HOH B 2 .   ? 9.415   6.560   -12.464 1.00 28.88 ? 312 HOH A O   1 
HETATM 1322 O  O   . HOH B 2 .   ? -11.046 21.797  -2.504  1.00 23.14 ? 313 HOH A O   1 
HETATM 1323 O  O   . HOH B 2 .   ? -8.149  4.147   -13.811 1.00 27.03 ? 314 HOH A O   1 
HETATM 1324 O  O   . HOH B 2 .   ? 13.420  5.353   0.829   1.00 24.55 ? 315 HOH A O   1 
HETATM 1325 O  O   . HOH B 2 .   ? -12.862 9.022   -10.167 1.00 30.79 ? 316 HOH A O   1 
HETATM 1326 O  O   . HOH B 2 .   ? 34.283  -17.331 -3.692  1.00 27.25 ? 317 HOH A O   1 
HETATM 1327 O  O   . HOH B 2 .   ? 10.326  15.510  -3.162  1.00 29.87 ? 318 HOH A O   1 
HETATM 1328 O  O   . HOH B 2 .   ? -15.524 -3.581  5.293   1.00 25.91 ? 319 HOH A O   1 
HETATM 1329 O  O   . HOH B 2 .   ? 35.978  -14.433 -5.381  1.00 28.52 ? 320 HOH A O   1 
HETATM 1330 O  O   . HOH B 2 .   ? 5.152   1.634   -13.819 1.00 25.55 ? 321 HOH A O   1 
HETATM 1331 O  O   . HOH B 2 .   ? 11.473  -21.706 -6.206  1.00 26.06 ? 322 HOH A O   1 
HETATM 1332 O  O   . HOH B 2 .   ? 10.513  -7.148  -10.018 1.00 25.60 ? 323 HOH A O   1 
HETATM 1333 O  O   . HOH B 2 .   ? -6.560  -0.374  -12.828 1.00 28.07 ? 324 HOH A O   1 
HETATM 1334 O  O   . HOH B 2 .   ? 33.199  -8.020  -5.672  1.00 30.55 ? 325 HOH A O   1 
HETATM 1335 O  O   . HOH B 2 .   ? -3.072  -16.481 -12.125 1.00 24.41 ? 326 HOH A O   1 
HETATM 1336 O  O   . HOH B 2 .   ? -14.124 -2.894  -7.497  1.00 27.53 ? 327 HOH A O   1 
HETATM 1337 O  O   . HOH B 2 .   ? -12.626 6.626   -6.720  1.00 31.36 ? 328 HOH A O   1 
HETATM 1338 O  O   . HOH B 2 .   ? -6.292  -12.424 -7.315  1.00 30.03 ? 329 HOH A O   1 
HETATM 1339 O  O   . HOH B 2 .   ? 25.933  -13.541 -6.195  1.00 28.66 ? 330 HOH A O   1 
HETATM 1340 O  O   . HOH B 2 .   ? -9.153  -19.441 -5.310  1.00 25.60 ? 331 HOH A O   1 
HETATM 1341 O  O   . HOH B 2 .   ? -12.390 -18.074 7.376   1.00 30.70 ? 332 HOH A O   1 
HETATM 1342 O  O   . HOH B 2 .   ? 7.007   13.491  -0.172  1.00 16.70 ? 333 HOH A O   1 
HETATM 1343 O  O   . HOH B 2 .   ? 4.336   13.261  -1.442  1.00 22.90 ? 334 HOH A O   1 
HETATM 1344 O  O   . HOH B 2 .   ? -0.920  -22.299 -0.534  1.00 25.59 ? 335 HOH A O   1 
HETATM 1345 O  O   . HOH B 2 .   ? -2.927  -7.265  -11.879 1.00 24.91 ? 336 HOH A O   1 
HETATM 1346 O  O   . HOH B 2 .   ? -7.091  9.184   21.510  1.00 27.33 ? 337 HOH A O   1 
HETATM 1347 O  O   . HOH B 2 .   ? 3.193   16.149  -1.891  1.00 27.60 ? 338 HOH A O   1 
HETATM 1348 O  O   . HOH B 2 .   ? -14.954 16.463  -5.478  1.00 25.13 ? 339 HOH A O   1 
HETATM 1349 O  O   . HOH B 2 .   ? 3.903   -25.401 -5.750  1.00 28.86 ? 340 HOH A O   1 
HETATM 1350 O  O   . HOH B 2 .   ? -11.280 12.536  -10.192 1.00 26.98 ? 341 HOH A O   1 
HETATM 1351 O  O   . HOH B 2 .   ? -2.704  6.851   25.382  1.00 27.09 ? 342 HOH A O   1 
HETATM 1352 O  O   . HOH B 2 .   ? 5.950   -16.185 -8.586  1.00 28.42 ? 343 HOH A O   1 
HETATM 1353 O  O   . HOH B 2 .   ? 7.147   -23.266 -6.756  1.00 25.62 ? 344 HOH A O   1 
HETATM 1354 O  O   . HOH B 2 .   ? 17.965  9.214   0.611   1.00 26.81 ? 345 HOH A O   1 
HETATM 1355 O  O   . HOH B 2 .   ? -1.677  16.345  -3.052  1.00 28.35 ? 346 HOH A O   1 
HETATM 1356 O  O   . HOH B 2 .   ? 22.321  -14.084 -2.545  1.00 25.60 ? 347 HOH A O   1 
HETATM 1357 O  O   . HOH B 2 .   ? -3.174  -26.554 -1.055  1.00 32.53 ? 348 HOH A O   1 
HETATM 1358 O  O   . HOH B 2 .   ? 20.559  11.338  3.265   1.00 28.18 ? 349 HOH A O   1 
HETATM 1359 O  O   . HOH B 2 .   ? 5.612   -2.273  -12.896 1.00 30.91 ? 350 HOH A O   1 
HETATM 1360 O  O   . HOH B 2 .   ? 12.815  -20.810 -7.837  1.00 27.21 ? 351 HOH A O   1 
HETATM 1361 O  O   . HOH B 2 .   ? -5.127  -9.004  -12.643 1.00 29.09 ? 352 HOH A O   1 
HETATM 1362 O  O   . HOH B 2 .   ? 33.537  -16.593 -6.042  1.00 25.06 ? 353 HOH A O   1 
HETATM 1363 O  O   . HOH B 2 .   ? 26.443  -16.305 -6.354  1.00 28.36 ? 354 HOH A O   1 
HETATM 1364 O  O   . HOH B 2 .   ? -17.147 6.324   -6.522  1.00 26.16 ? 355 HOH A O   1 
HETATM 1365 O  O   . HOH B 2 .   ? -15.016 9.598   -5.252  1.00 28.58 ? 356 HOH A O   1 
HETATM 1366 O  O   . HOH B 2 .   ? 15.975  14.820  10.260  1.00 27.62 ? 357 HOH A O   1 
HETATM 1367 O  O   . HOH B 2 .   ? 27.154  -10.765 -6.696  1.00 30.29 ? 358 HOH A O   1 
HETATM 1368 O  O   . HOH B 2 .   ? 5.854   9.794   -10.623 1.00 25.83 ? 359 HOH A O   1 
HETATM 1369 O  O   . HOH B 2 .   ? 39.049  -10.308 -5.661  1.00 26.41 ? 360 HOH A O   1 
HETATM 1370 O  O   . HOH B 2 .   ? -13.290 3.236   -7.411  1.00 32.84 ? 361 HOH A O   1 
HETATM 1371 O  O   . HOH B 2 .   ? 9.266   -7.393  -17.744 1.00 20.81 ? 362 HOH A O   1 
HETATM 1372 O  O   . HOH B 2 .   ? -19.573 -0.750  -8.599  1.00 30.56 ? 363 HOH A O   1 
HETATM 1373 O  O   . HOH B 2 .   ? -10.461 -10.203 -7.753  1.00 31.17 ? 364 HOH A O   1 
HETATM 1374 O  O   . HOH B 2 .   ? -2.451  7.653   9.315   1.00 24.74 ? 365 HOH A O   1 
HETATM 1375 O  O   . HOH B 2 .   ? 22.725  -18.678 -9.753  0.50 20.47 ? 366 HOH A O   1 
HETATM 1376 O  O   . HOH B 2 .   ? 13.156  9.827   14.297  0.50 19.95 ? 367 HOH A O   1 
HETATM 1377 O  O   . HOH B 2 .   ? 20.083  13.289  5.616   0.50 17.00 ? 368 HOH A O   1 
HETATM 1378 O  O   . HOH B 2 .   ? 21.184  13.420  2.542   0.50 23.45 ? 369 HOH A O   1 
HETATM 1379 O  O   . HOH B 2 .   ? 15.864  12.787  17.391  0.50 19.57 ? 370 HOH A O   1 
HETATM 1380 O  O   . HOH B 2 .   ? 6.759   -2.558  -14.786 0.50 22.26 ? 371 HOH A O   1 
# 
